data_4QON
#
_entry.id   4QON
#
_cell.length_a   92.140
_cell.length_b   109.116
_cell.length_c   103.695
_cell.angle_alpha   90.000
_cell.angle_beta   92.200
_cell.angle_gamma   90.000
#
_symmetry.space_group_name_H-M   'P 1 21 1'
#
loop_
_entity.id
_entity.type
_entity.pdbx_description
1 polymer Catalase
2 non-polymer 'PROTOPORPHYRIN IX CONTAINING FE'
3 non-polymer CATECHOL
4 non-polymer 'CHLORIDE ION'
5 non-polymer 'SODIUM ION'
6 water water
#
_entity_poly.entity_id   1
_entity_poly.type   'polypeptide(L)'
_entity_poly.pdbx_seq_one_letter_code
;MTNSNHKNLTTNQGVPVGDNQNSRTAGHRGPSFLDDYHLIEKLAHFDRERIPERVVHARGAGAYGVFEVENSMEKHTRAA
FLSEEGKQTDVFVRFSTVIHPKGSPETLRDPRGFAVKFYTEEGNYDLVGNNLPIFFIRDALKFPDMVHSLKPDPVTNIQD
PDRYWDFMTLTPESTHMLTWLFSDEGIPANYAEMRGSGVHTFRWVNKYGETKYVKYHWRPSEGIRNLSMEEAAEIQANDF
QHATRDLYDRIEKGNYPAWDLYVQLMPLSDYDELDYDPCDPTKTWSEEDYPLQKVGRMTLNRNPENFFAETEQAAFTPSA
LVPGIEASEDKLLQGRLFSYPDTQRHRLGANYMRIPVNCPYAPVHNNQQDGFMTTTRPSGHINYEPNRYDDQPKENPHYK
ESEPVLHGDRMVRQKIEKPNDFKQAGEKYRSYSEEEKQALIKNLTADLKGVNEKTKLLAICNFYRADEDYGQRLADSLGV
DIRSYLQGSMK
;
_entity_poly.pdbx_strand_id   A,B,C,D
#
# COMPACT_ATOMS: atom_id res chain seq x y z
N HIS A 6 27.23 26.35 -4.08
CA HIS A 6 27.39 25.19 -5.04
C HIS A 6 27.23 23.85 -4.33
N LYS A 7 26.54 22.92 -4.99
CA LYS A 7 26.12 21.65 -4.39
C LYS A 7 26.22 20.52 -5.43
N ASN A 8 26.56 19.30 -4.99
CA ASN A 8 26.45 18.13 -5.86
C ASN A 8 25.03 17.55 -5.92
N LEU A 9 24.63 17.16 -7.12
CA LEU A 9 23.53 16.29 -7.27
C LEU A 9 24.00 14.92 -6.80
N THR A 10 23.17 14.22 -6.05
CA THR A 10 23.54 12.94 -5.47
C THR A 10 22.45 11.89 -5.65
N THR A 11 22.81 10.62 -5.50
CA THR A 11 21.77 9.60 -5.33
C THR A 11 21.20 9.76 -3.91
N ASN A 12 20.16 8.99 -3.61
CA ASN A 12 19.66 8.91 -2.24
C ASN A 12 20.60 8.22 -1.24
N GLN A 13 21.65 7.50 -1.74
CA GLN A 13 22.74 6.98 -0.92
C GLN A 13 23.77 8.03 -0.58
N GLY A 14 23.65 9.17 -1.18
CA GLY A 14 24.61 10.27 -0.92
C GLY A 14 25.87 10.23 -1.77
N VAL A 15 25.86 9.45 -2.85
CA VAL A 15 26.97 9.38 -3.79
C VAL A 15 26.75 10.49 -4.84
N PRO A 16 27.73 11.40 -5.01
CA PRO A 16 27.69 12.38 -6.09
C PRO A 16 27.49 11.75 -7.48
N VAL A 17 26.55 12.30 -8.24
CA VAL A 17 26.22 11.84 -9.59
C VAL A 17 27.22 12.43 -10.63
N GLY A 18 27.83 11.54 -11.40
CA GLY A 18 28.83 11.87 -12.38
C GLY A 18 28.23 12.40 -13.66
N ASP A 19 27.06 11.94 -13.99
CA ASP A 19 26.43 12.26 -15.23
C ASP A 19 24.92 12.13 -15.06
N ASN A 20 24.22 13.27 -15.09
CA ASN A 20 22.77 13.29 -14.95
C ASN A 20 22.08 13.42 -16.29
N GLN A 21 22.80 13.24 -17.38
CA GLN A 21 22.22 13.31 -18.72
C GLN A 21 22.10 12.00 -19.45
N ASN A 22 23.09 11.13 -19.31
CA ASN A 22 23.16 9.94 -20.16
C ASN A 22 23.01 8.64 -19.33
N SER A 23 22.12 7.76 -19.80
CA SER A 23 22.06 6.38 -19.36
C SER A 23 23.36 5.63 -19.66
N ARG A 24 23.60 4.52 -18.92
CA ARG A 24 24.69 3.65 -19.24
C ARG A 24 24.38 2.56 -20.28
N THR A 25 25.19 2.49 -21.32
CA THR A 25 24.81 1.78 -22.55
C THR A 25 26.02 1.05 -23.14
N ALA A 26 25.74 0.12 -24.07
CA ALA A 26 26.78 -0.58 -24.81
C ALA A 26 27.30 0.27 -25.93
N GLY A 27 28.33 1.09 -25.63
CA GLY A 27 28.82 2.14 -26.53
C GLY A 27 27.82 3.28 -26.61
N HIS A 28 28.12 4.26 -27.44
CA HIS A 28 27.40 5.52 -27.40
C HIS A 28 25.96 5.39 -27.90
N ARG A 29 25.67 4.35 -28.67
CA ARG A 29 24.32 4.19 -29.19
C ARG A 29 23.64 2.85 -28.89
N GLY A 30 24.22 2.04 -28.02
CA GLY A 30 23.71 0.65 -27.82
C GLY A 30 22.62 0.61 -26.78
N PRO A 31 22.07 -0.60 -26.51
CA PRO A 31 21.03 -0.70 -25.51
C PRO A 31 21.55 -0.41 -24.11
N SER A 32 20.60 -0.26 -23.18
CA SER A 32 20.94 0.17 -21.83
C SER A 32 21.28 -0.98 -20.86
N PHE A 33 22.20 -0.75 -19.92
CA PHE A 33 22.55 -1.74 -18.91
C PHE A 33 21.66 -1.66 -17.64
N LEU A 34 21.43 -2.83 -17.07
CA LEU A 34 20.77 -2.94 -15.78
C LEU A 34 21.56 -2.31 -14.61
N ASP A 35 22.89 -2.38 -14.67
CA ASP A 35 23.77 -1.78 -13.65
C ASP A 35 23.91 -0.28 -13.90
N ASP A 36 22.82 0.43 -13.62
CA ASP A 36 22.80 1.92 -13.71
C ASP A 36 21.93 2.35 -12.53
N TYR A 37 22.54 2.40 -11.35
CA TYR A 37 21.79 2.58 -10.13
C TYR A 37 21.10 3.97 -10.17
N HIS A 38 21.80 4.97 -10.70
CA HIS A 38 21.18 6.31 -10.68
C HIS A 38 19.90 6.38 -11.55
N LEU A 39 19.95 5.84 -12.75
CA LEU A 39 18.78 5.73 -13.61
C LEU A 39 17.63 5.05 -12.89
N ILE A 40 17.87 3.82 -12.37
CA ILE A 40 16.77 3.06 -11.85
C ILE A 40 16.23 3.76 -10.59
N GLU A 41 17.09 4.22 -9.71
CA GLU A 41 16.61 4.90 -8.49
C GLU A 41 15.75 6.10 -8.83
N LYS A 42 16.20 6.89 -9.79
CA LYS A 42 15.53 8.16 -10.20
C LYS A 42 14.18 7.88 -10.87
N LEU A 43 14.17 6.93 -11.81
CA LEU A 43 12.93 6.47 -12.42
C LEU A 43 11.95 5.81 -11.47
N ALA A 44 12.48 4.94 -10.59
CA ALA A 44 11.61 4.23 -9.64
C ALA A 44 10.93 5.18 -8.65
N HIS A 45 11.64 6.22 -8.22
CA HIS A 45 10.99 7.22 -7.36
C HIS A 45 9.97 8.12 -8.13
N PHE A 46 10.35 8.57 -9.32
CA PHE A 46 9.40 9.19 -10.20
C PHE A 46 8.10 8.37 -10.35
N ASP A 47 8.28 7.06 -10.55
CA ASP A 47 7.14 6.13 -10.82
C ASP A 47 6.23 6.01 -9.60
N ARG A 48 6.69 6.45 -8.44
CA ARG A 48 5.98 6.40 -7.19
C ARG A 48 5.61 7.73 -6.55
N GLU A 49 5.67 8.84 -7.30
CA GLU A 49 5.33 10.13 -6.74
C GLU A 49 3.87 10.32 -6.26
N ARG A 50 2.93 9.68 -6.94
CA ARG A 50 1.50 9.96 -6.73
C ARG A 50 0.86 9.10 -5.70
N ILE A 51 0.04 9.73 -4.90
CA ILE A 51 -0.78 9.05 -3.92
C ILE A 51 -2.29 9.23 -4.25
N PRO A 52 -3.18 8.42 -3.65
CA PRO A 52 -4.57 8.61 -3.98
C PRO A 52 -5.06 10.02 -3.61
N GLU A 53 -5.90 10.61 -4.45
CA GLU A 53 -6.42 11.95 -4.14
C GLU A 53 -7.50 11.73 -3.08
N ARG A 54 -7.92 12.81 -2.46
CA ARG A 54 -9.10 12.73 -1.55
C ARG A 54 -10.34 12.20 -2.25
N VAL A 55 -11.10 11.34 -1.56
CA VAL A 55 -12.32 10.78 -2.14
C VAL A 55 -13.37 11.86 -2.53
N VAL A 56 -13.48 12.90 -1.72
CA VAL A 56 -14.15 14.11 -2.14
C VAL A 56 -13.26 15.29 -1.80
N HIS A 57 -13.60 16.45 -2.33
CA HIS A 57 -12.78 17.67 -2.06
C HIS A 57 -11.33 17.55 -2.53
N ALA A 58 -11.15 16.89 -3.65
CA ALA A 58 -9.81 16.55 -4.18
C ALA A 58 -9.09 17.79 -4.69
N ARG A 59 -9.84 18.76 -5.26
CA ARG A 59 -9.29 20.03 -5.75
C ARG A 59 -9.33 21.05 -4.61
N GLY A 60 -8.15 21.58 -4.30
CA GLY A 60 -8.06 22.61 -3.25
C GLY A 60 -6.71 23.26 -3.13
N ALA A 61 -6.65 24.24 -2.19
CA ALA A 61 -5.49 25.06 -1.95
C ALA A 61 -5.38 25.39 -0.46
N GLY A 62 -4.16 25.47 -0.02
CA GLY A 62 -3.86 25.72 1.39
C GLY A 62 -3.09 27.00 1.72
N ALA A 63 -3.24 27.42 2.95
CA ALA A 63 -2.45 28.54 3.51
C ALA A 63 -2.32 28.50 5.01
N TYR A 64 -1.25 29.08 5.54
CA TYR A 64 -1.09 29.20 6.97
C TYR A 64 -1.52 30.60 7.45
N GLY A 65 -1.86 30.71 8.72
CA GLY A 65 -2.09 32.03 9.32
C GLY A 65 -2.18 32.01 10.82
N VAL A 66 -2.90 32.97 11.37
CA VAL A 66 -3.04 33.13 12.82
C VAL A 66 -4.49 33.45 13.15
N PHE A 67 -4.98 32.88 14.24
CA PHE A 67 -6.25 33.24 14.82
C PHE A 67 -6.02 33.95 16.14
N GLU A 68 -6.63 35.13 16.30
CA GLU A 68 -6.52 35.95 17.51
C GLU A 68 -7.90 36.12 18.17
N VAL A 69 -7.94 35.89 19.46
CA VAL A 69 -9.18 36.05 20.24
C VAL A 69 -9.41 37.54 20.49
N GLU A 70 -10.64 37.97 20.19
CA GLU A 70 -11.14 39.30 20.62
C GLU A 70 -11.89 39.19 21.95
N ASN A 71 -12.79 38.21 22.10
CA ASN A 71 -13.60 38.02 23.30
C ASN A 71 -13.39 36.63 23.85
N SER A 72 -12.74 36.52 25.01
CA SER A 72 -12.61 35.21 25.65
C SER A 72 -13.95 34.49 25.82
N MET A 73 -13.94 33.15 25.68
CA MET A 73 -15.17 32.38 25.61
C MET A 73 -15.32 31.47 26.86
N GLU A 74 -14.54 31.76 27.91
CA GLU A 74 -14.46 30.84 29.02
C GLU A 74 -15.76 30.65 29.78
N LYS A 75 -16.69 31.61 29.69
CA LYS A 75 -18.02 31.41 30.30
C LYS A 75 -18.75 30.22 29.69
N HIS A 76 -18.39 29.87 28.43
CA HIS A 76 -19.11 28.85 27.69
C HIS A 76 -18.29 27.63 27.31
N THR A 77 -16.96 27.77 27.24
CA THR A 77 -16.12 26.65 26.90
C THR A 77 -14.79 26.79 27.65
N ARG A 78 -14.27 25.66 28.12
CA ARG A 78 -12.93 25.60 28.65
C ARG A 78 -11.84 25.55 27.57
N ALA A 79 -12.19 25.61 26.30
CA ALA A 79 -11.13 25.50 25.27
C ALA A 79 -9.99 26.45 25.48
N ALA A 80 -8.77 25.91 25.55
CA ALA A 80 -7.62 26.72 25.92
C ALA A 80 -7.35 27.81 24.91
N PHE A 81 -7.48 27.52 23.61
CA PHE A 81 -7.16 28.51 22.60
C PHE A 81 -8.11 29.72 22.65
N LEU A 82 -9.23 29.59 23.36
CA LEU A 82 -10.24 30.67 23.37
C LEU A 82 -10.30 31.39 24.75
N SER A 83 -9.28 31.23 25.59
CA SER A 83 -9.43 31.46 27.02
C SER A 83 -9.16 32.91 27.39
N GLU A 84 -8.43 33.61 26.55
CA GLU A 84 -8.10 35.03 26.84
C GLU A 84 -8.05 35.93 25.59
N GLU A 85 -8.47 37.17 25.82
CA GLU A 85 -8.35 38.22 24.85
C GLU A 85 -6.90 38.40 24.34
N GLY A 86 -6.75 38.51 23.03
CA GLY A 86 -5.44 38.66 22.38
C GLY A 86 -4.64 37.38 22.12
N LYS A 87 -5.14 36.25 22.59
CA LYS A 87 -4.42 34.99 22.46
C LYS A 87 -4.37 34.61 20.99
N GLN A 88 -3.17 34.31 20.52
CA GLN A 88 -2.95 33.95 19.14
C GLN A 88 -2.65 32.47 19.05
N THR A 89 -3.26 31.83 18.05
CA THR A 89 -3.04 30.42 17.72
C THR A 89 -2.74 30.29 16.24
N ASP A 90 -1.62 29.66 15.90
CA ASP A 90 -1.37 29.30 14.50
C ASP A 90 -2.44 28.41 13.88
N VAL A 91 -2.74 28.64 12.59
CA VAL A 91 -3.64 27.79 11.85
C VAL A 91 -3.06 27.38 10.51
N PHE A 92 -3.49 26.19 10.04
CA PHE A 92 -3.46 25.82 8.64
C PHE A 92 -4.85 25.57 8.10
N VAL A 93 -5.11 26.08 6.88
CA VAL A 93 -6.38 26.10 6.26
C VAL A 93 -6.27 25.53 4.85
N ARG A 94 -7.26 24.73 4.46
CA ARG A 94 -7.42 24.24 3.11
C ARG A 94 -8.83 24.55 2.65
N PHE A 95 -8.91 25.14 1.44
CA PHE A 95 -10.12 25.42 0.79
C PHE A 95 -10.24 24.54 -0.41
N SER A 96 -11.45 24.20 -0.82
CA SER A 96 -11.63 23.21 -1.90
C SER A 96 -12.98 23.29 -2.62
N THR A 97 -13.06 22.65 -3.80
CA THR A 97 -14.33 22.23 -4.35
C THR A 97 -14.72 20.88 -3.77
N VAL A 98 -15.70 20.20 -4.36
CA VAL A 98 -16.11 18.91 -3.78
C VAL A 98 -16.03 17.68 -4.69
N ILE A 99 -16.71 17.70 -5.84
CA ILE A 99 -17.05 16.50 -6.53
C ILE A 99 -16.01 16.06 -7.58
N HIS A 100 -15.48 16.98 -8.37
CA HIS A 100 -14.54 16.57 -9.44
C HIS A 100 -13.13 16.35 -8.94
N PRO A 101 -12.27 15.70 -9.79
CA PRO A 101 -10.95 15.33 -9.28
C PRO A 101 -9.97 16.47 -9.16
N LYS A 102 -8.74 16.14 -8.75
N LYS A 102 -8.75 16.14 -8.73
CA LYS A 102 -7.59 17.03 -8.83
CA LYS A 102 -7.68 17.09 -8.52
C LYS A 102 -7.53 17.49 -10.27
C LYS A 102 -7.44 18.21 -9.50
N GLY A 103 -7.16 18.72 -10.49
N GLY A 103 -7.46 17.96 -10.81
CA GLY A 103 -7.00 19.19 -11.83
CA GLY A 103 -7.11 19.00 -11.80
C GLY A 103 -8.28 19.81 -12.38
C GLY A 103 -8.30 19.76 -12.37
N SER A 104 -9.44 19.58 -11.74
CA SER A 104 -10.72 20.08 -12.27
C SER A 104 -10.88 21.57 -12.07
N PRO A 105 -11.74 22.21 -12.88
CA PRO A 105 -11.87 23.68 -12.75
C PRO A 105 -12.47 24.19 -11.42
N GLU A 106 -12.06 25.39 -10.96
CA GLU A 106 -12.63 25.99 -9.76
C GLU A 106 -13.82 26.92 -10.06
N THR A 107 -14.33 26.82 -11.29
CA THR A 107 -15.50 27.55 -11.76
C THR A 107 -16.79 26.72 -11.82
N LEU A 108 -16.74 25.48 -11.33
CA LEU A 108 -17.91 24.62 -11.33
C LEU A 108 -18.82 24.90 -10.12
N ARG A 109 -20.10 24.56 -10.22
CA ARG A 109 -21.04 24.66 -9.07
C ARG A 109 -20.78 23.54 -8.06
N ASP A 110 -20.75 23.91 -6.77
CA ASP A 110 -20.30 22.98 -5.70
C ASP A 110 -20.32 23.80 -4.39
N PRO A 111 -20.64 23.15 -3.26
CA PRO A 111 -20.15 23.71 -1.99
C PRO A 111 -18.64 23.90 -2.07
N ARG A 112 -18.09 24.73 -1.18
CA ARG A 112 -16.67 24.87 -1.03
C ARG A 112 -16.28 24.44 0.40
N GLY A 113 -15.23 23.64 0.48
CA GLY A 113 -14.64 23.33 1.76
C GLY A 113 -13.84 24.43 2.37
N PHE A 114 -13.83 24.45 3.69
CA PHE A 114 -13.32 25.54 4.50
C PHE A 114 -12.83 24.83 5.78
N ALA A 115 -11.65 24.23 5.71
CA ALA A 115 -11.14 23.43 6.77
C ALA A 115 -10.04 24.20 7.52
N VAL A 116 -10.17 24.33 8.82
CA VAL A 116 -9.23 25.02 9.67
C VAL A 116 -8.64 24.15 10.80
N LYS A 117 -7.32 24.10 10.83
CA LYS A 117 -6.55 23.32 11.83
C LYS A 117 -5.91 24.34 12.74
N PHE A 118 -6.30 24.33 14.00
CA PHE A 118 -5.72 25.19 15.04
C PHE A 118 -4.74 24.39 15.85
N TYR A 119 -3.48 24.85 15.89
CA TYR A 119 -2.45 24.17 16.61
C TYR A 119 -2.44 24.61 18.07
N THR A 120 -3.34 24.04 18.91
CA THR A 120 -3.56 24.62 20.23
C THR A 120 -2.58 24.04 21.29
N GLU A 121 -2.49 24.67 22.45
CA GLU A 121 -1.62 24.16 23.51
C GLU A 121 -2.19 22.84 24.13
N GLU A 122 -3.47 22.56 23.91
CA GLU A 122 -4.03 21.26 24.36
C GLU A 122 -4.31 20.29 23.23
N GLY A 123 -3.64 20.49 22.11
CA GLY A 123 -3.77 19.57 20.98
C GLY A 123 -4.29 20.27 19.75
N ASN A 124 -4.26 19.57 18.59
CA ASN A 124 -4.85 20.08 17.40
C ASN A 124 -6.37 19.99 17.42
N TYR A 125 -7.00 21.12 17.10
CA TYR A 125 -8.41 21.24 16.87
C TYR A 125 -8.71 21.55 15.40
N ASP A 126 -9.43 20.66 14.75
CA ASP A 126 -9.85 20.79 13.36
C ASP A 126 -11.31 21.15 13.31
N LEU A 127 -11.61 22.32 12.71
CA LEU A 127 -12.99 22.65 12.35
C LEU A 127 -13.17 22.52 10.83
N VAL A 128 -13.80 21.41 10.42
CA VAL A 128 -13.93 21.01 9.03
C VAL A 128 -15.26 21.47 8.43
N GLY A 129 -15.29 22.74 8.04
CA GLY A 129 -16.49 23.37 7.53
C GLY A 129 -16.62 23.37 5.99
N ASN A 130 -17.73 23.93 5.54
CA ASN A 130 -17.94 24.35 4.18
C ASN A 130 -18.34 25.82 4.15
N ASN A 131 -18.43 26.41 2.97
CA ASN A 131 -19.02 27.80 2.88
C ASN A 131 -20.47 27.84 3.23
N LEU A 132 -21.29 26.96 2.64
CA LEU A 132 -22.74 26.91 2.97
C LEU A 132 -23.00 26.22 4.33
N PRO A 133 -24.07 26.64 5.03
CA PRO A 133 -24.20 26.34 6.47
C PRO A 133 -25.02 25.11 6.79
N ILE A 134 -25.56 24.44 5.78
CA ILE A 134 -26.36 23.22 5.97
C ILE A 134 -25.88 22.13 5.02
N PHE A 135 -26.50 20.97 5.09
CA PHE A 135 -26.14 19.87 4.20
C PHE A 135 -27.38 19.23 3.54
N PHE A 136 -27.11 18.37 2.56
CA PHE A 136 -28.11 17.69 1.73
C PHE A 136 -28.80 16.56 2.50
N ILE A 137 -28.09 15.96 3.45
CA ILE A 137 -28.52 14.73 4.15
C ILE A 137 -28.30 14.92 5.65
N ARG A 138 -28.87 14.03 6.47
CA ARG A 138 -28.76 14.10 7.91
C ARG A 138 -28.26 12.87 8.58
N ASP A 139 -27.84 11.85 7.80
CA ASP A 139 -27.32 10.63 8.35
C ASP A 139 -26.16 10.13 7.46
N ALA A 140 -25.06 9.80 8.08
CA ALA A 140 -23.88 9.38 7.32
C ALA A 140 -23.97 8.11 6.53
N LEU A 141 -24.90 7.21 6.92
CA LEU A 141 -25.20 6.07 6.10
C LEU A 141 -25.51 6.41 4.62
N LYS A 142 -26.01 7.62 4.35
CA LYS A 142 -26.38 7.98 2.98
C LYS A 142 -25.23 8.60 2.19
N PHE A 143 -24.13 8.89 2.86
CA PHE A 143 -23.12 9.74 2.23
C PHE A 143 -22.51 9.08 0.99
N PRO A 144 -22.16 7.77 0.99
CA PRO A 144 -21.61 7.20 -0.26
C PRO A 144 -22.63 7.20 -1.40
N ASP A 145 -23.91 7.04 -1.06
CA ASP A 145 -24.99 7.10 -2.06
C ASP A 145 -25.09 8.48 -2.69
N MET A 146 -25.13 9.50 -1.84
CA MET A 146 -25.19 10.90 -2.32
C MET A 146 -24.01 11.24 -3.22
N VAL A 147 -22.79 10.98 -2.73
CA VAL A 147 -21.56 11.17 -3.48
C VAL A 147 -21.56 10.40 -4.83
N HIS A 148 -21.93 9.11 -4.84
CA HIS A 148 -21.93 8.34 -6.02
C HIS A 148 -22.90 8.93 -7.09
N SER A 149 -24.00 9.54 -6.63
CA SER A 149 -24.99 10.17 -7.54
C SER A 149 -24.48 11.45 -8.11
N LEU A 150 -23.69 12.19 -7.34
CA LEU A 150 -23.13 13.47 -7.80
C LEU A 150 -21.89 13.32 -8.63
N LYS A 151 -21.10 12.32 -8.33
CA LYS A 151 -19.85 12.05 -9.05
C LYS A 151 -20.12 11.70 -10.52
N PRO A 152 -19.10 11.85 -11.37
CA PRO A 152 -19.25 11.33 -12.70
C PRO A 152 -19.80 9.92 -12.78
N ASP A 153 -20.68 9.69 -13.75
CA ASP A 153 -21.29 8.43 -14.03
C ASP A 153 -20.22 7.36 -14.15
N PRO A 154 -20.42 6.19 -13.52
CA PRO A 154 -19.38 5.17 -13.48
C PRO A 154 -19.04 4.52 -14.81
N VAL A 155 -19.91 4.70 -15.80
CA VAL A 155 -19.62 4.30 -17.19
C VAL A 155 -19.00 5.40 -18.04
N THR A 156 -19.56 6.59 -18.01
CA THR A 156 -19.19 7.61 -18.96
C THR A 156 -18.08 8.51 -18.47
N ASN A 157 -17.85 8.53 -17.17
CA ASN A 157 -16.95 9.53 -16.56
C ASN A 157 -17.38 10.97 -16.74
N ILE A 158 -18.68 11.21 -16.82
CA ILE A 158 -19.18 12.62 -16.90
C ILE A 158 -20.33 12.77 -15.92
N GLN A 159 -20.42 13.91 -15.26
CA GLN A 159 -21.42 14.10 -14.23
C GLN A 159 -22.76 14.14 -14.94
N ASP A 160 -23.79 13.54 -14.35
CA ASP A 160 -25.10 13.47 -15.03
C ASP A 160 -26.18 13.98 -14.08
N PRO A 161 -26.80 15.14 -14.37
CA PRO A 161 -27.88 15.60 -13.45
C PRO A 161 -29.03 14.64 -13.23
N ASP A 162 -29.30 13.79 -14.20
CA ASP A 162 -30.37 12.82 -14.06
C ASP A 162 -30.08 11.86 -12.88
N ARG A 163 -28.81 11.64 -12.62
CA ARG A 163 -28.40 10.73 -11.54
C ARG A 163 -28.50 11.40 -10.18
N TYR A 164 -27.93 12.57 -10.01
CA TYR A 164 -28.05 13.21 -8.72
C TYR A 164 -29.44 13.75 -8.41
N TRP A 165 -30.19 14.17 -9.43
CA TRP A 165 -31.55 14.59 -9.14
C TRP A 165 -32.46 13.40 -8.81
N ASP A 166 -32.18 12.20 -9.31
CA ASP A 166 -32.91 10.99 -8.88
C ASP A 166 -32.71 10.80 -7.37
N PHE A 167 -31.47 10.82 -6.93
CA PHE A 167 -31.19 10.73 -5.53
C PHE A 167 -31.80 11.88 -4.69
N MET A 168 -31.55 13.14 -5.10
CA MET A 168 -31.97 14.22 -4.26
C MET A 168 -33.46 14.25 -4.11
N THR A 169 -34.16 13.99 -5.21
CA THR A 169 -35.61 14.07 -5.16
C THR A 169 -36.23 13.03 -4.25
N LEU A 170 -35.60 11.86 -4.19
CA LEU A 170 -36.03 10.78 -3.31
C LEU A 170 -35.49 10.95 -1.87
N THR A 171 -34.86 12.10 -1.60
CA THR A 171 -34.22 12.46 -0.37
C THR A 171 -34.63 13.93 -0.08
N PRO A 172 -35.95 14.17 0.21
CA PRO A 172 -36.51 15.54 0.32
C PRO A 172 -35.87 16.37 1.43
N GLU A 173 -35.19 15.73 2.37
CA GLU A 173 -34.41 16.55 3.31
C GLU A 173 -33.35 17.42 2.61
N SER A 174 -33.02 17.13 1.34
CA SER A 174 -32.06 17.94 0.56
C SER A 174 -32.57 19.32 0.11
N THR A 175 -33.85 19.55 0.30
CA THR A 175 -34.51 20.69 -0.36
C THR A 175 -33.95 22.05 0.11
N HIS A 176 -33.69 22.22 1.42
CA HIS A 176 -33.07 23.45 1.90
C HIS A 176 -31.71 23.69 1.25
N MET A 177 -30.86 22.67 1.30
CA MET A 177 -29.51 22.81 0.74
C MET A 177 -29.49 23.17 -0.74
N LEU A 178 -30.36 22.52 -1.52
CA LEU A 178 -30.45 22.83 -2.96
C LEU A 178 -30.89 24.29 -3.22
N THR A 179 -31.74 24.81 -2.32
CA THR A 179 -32.17 26.18 -2.37
C THR A 179 -31.02 27.20 -2.15
N TRP A 180 -29.99 26.82 -1.38
CA TRP A 180 -28.78 27.65 -1.29
C TRP A 180 -27.84 27.42 -2.44
N LEU A 181 -27.60 26.16 -2.78
CA LEU A 181 -26.58 25.78 -3.76
C LEU A 181 -26.95 26.26 -5.17
N PHE A 182 -28.24 26.41 -5.46
CA PHE A 182 -28.61 26.91 -6.80
C PHE A 182 -28.89 28.40 -6.86
N SER A 183 -28.67 29.14 -5.77
CA SER A 183 -28.34 30.59 -5.88
C SER A 183 -26.97 30.76 -6.53
N ASP A 184 -26.57 31.98 -6.80
CA ASP A 184 -25.26 32.15 -7.39
C ASP A 184 -24.14 31.83 -6.37
N GLU A 185 -24.49 31.66 -5.08
CA GLU A 185 -23.48 31.27 -4.07
C GLU A 185 -23.02 29.83 -4.31
N GLY A 186 -23.70 29.09 -5.20
CA GLY A 186 -23.16 27.80 -5.66
C GLY A 186 -21.81 27.91 -6.39
N ILE A 187 -21.42 29.13 -6.80
CA ILE A 187 -20.15 29.41 -7.47
C ILE A 187 -19.55 30.68 -6.84
N PRO A 188 -18.97 30.55 -5.65
CA PRO A 188 -18.08 31.60 -5.14
C PRO A 188 -17.03 32.12 -6.11
N ALA A 189 -16.81 33.45 -6.09
CA ALA A 189 -15.89 34.09 -7.00
C ALA A 189 -14.48 33.66 -6.81
N ASN A 190 -14.12 33.46 -5.55
CA ASN A 190 -12.89 32.80 -5.22
C ASN A 190 -12.99 32.27 -3.74
N TYR A 191 -11.88 31.84 -3.16
CA TYR A 191 -11.88 31.38 -1.81
C TYR A 191 -11.90 32.48 -0.73
N ALA A 192 -11.47 33.70 -1.09
CA ALA A 192 -11.29 34.78 -0.13
C ALA A 192 -12.63 35.48 0.08
N GLU A 193 -13.42 35.57 -0.98
CA GLU A 193 -14.67 36.35 -0.93
C GLU A 193 -15.85 35.41 -0.72
N MET A 194 -15.80 34.72 0.42
CA MET A 194 -16.53 33.50 0.63
C MET A 194 -16.89 33.36 2.08
N ARG A 195 -18.12 32.93 2.32
CA ARG A 195 -18.59 32.53 3.63
C ARG A 195 -17.87 31.29 4.18
N GLY A 196 -17.81 31.13 5.50
CA GLY A 196 -17.50 29.77 6.10
C GLY A 196 -18.48 29.39 7.17
N SER A 197 -18.68 28.08 7.38
CA SER A 197 -19.66 27.57 8.33
C SER A 197 -19.16 26.28 8.98
N GLY A 198 -19.42 26.08 10.28
CA GLY A 198 -19.19 24.75 10.90
C GLY A 198 -20.23 23.72 10.50
N VAL A 199 -21.37 24.19 10.04
CA VAL A 199 -22.49 23.35 9.55
C VAL A 199 -23.17 22.65 10.74
N HIS A 200 -22.49 21.71 11.40
CA HIS A 200 -23.09 21.07 12.57
C HIS A 200 -23.19 21.94 13.79
N THR A 201 -24.15 21.60 14.63
CA THR A 201 -24.14 21.93 16.00
C THR A 201 -23.10 21.10 16.69
N PHE A 202 -22.29 21.76 17.51
CA PHE A 202 -21.40 21.09 18.46
C PHE A 202 -21.82 21.38 19.89
N ARG A 203 -21.11 20.80 20.85
CA ARG A 203 -21.33 21.03 22.27
C ARG A 203 -20.16 21.80 22.84
N TRP A 204 -20.42 22.92 23.53
CA TRP A 204 -19.39 23.61 24.27
C TRP A 204 -19.55 23.34 25.73
N VAL A 205 -18.45 23.03 26.43
CA VAL A 205 -18.50 22.59 27.81
C VAL A 205 -17.52 23.37 28.64
N ASN A 206 -18.03 23.97 29.71
CA ASN A 206 -17.24 24.95 30.45
C ASN A 206 -16.59 24.33 31.65
N LYS A 207 -15.81 25.09 32.41
CA LYS A 207 -15.09 24.53 33.53
C LYS A 207 -15.97 23.95 34.65
N TYR A 208 -17.23 24.36 34.69
CA TYR A 208 -18.19 23.90 35.68
C TYR A 208 -18.92 22.64 35.19
N GLY A 209 -18.61 22.18 33.99
CA GLY A 209 -19.35 21.06 33.35
C GLY A 209 -20.65 21.45 32.66
N GLU A 210 -20.94 22.73 32.53
CA GLU A 210 -22.15 23.14 31.88
C GLU A 210 -21.96 23.12 30.37
N THR A 211 -23.01 22.77 29.66
CA THR A 211 -22.95 22.52 28.20
C THR A 211 -23.95 23.39 27.51
N LYS A 212 -23.50 24.03 26.41
CA LYS A 212 -24.40 24.65 25.43
C LYS A 212 -24.18 24.08 24.04
N TYR A 213 -25.21 24.14 23.19
CA TYR A 213 -25.00 23.91 21.78
C TYR A 213 -24.38 25.15 21.12
N VAL A 214 -23.51 24.91 20.11
CA VAL A 214 -22.83 26.02 19.42
C VAL A 214 -22.86 25.78 17.93
N LYS A 215 -22.99 26.86 17.19
CA LYS A 215 -22.68 26.90 15.77
C LYS A 215 -21.63 27.96 15.48
N TYR A 216 -20.77 27.63 14.52
CA TYR A 216 -19.71 28.51 14.06
C TYR A 216 -19.98 29.12 12.66
N HIS A 217 -19.56 30.38 12.50
CA HIS A 217 -19.71 31.16 11.27
C HIS A 217 -18.45 32.00 11.01
N TRP A 218 -17.96 31.96 9.78
CA TRP A 218 -16.81 32.73 9.39
C TRP A 218 -17.27 33.81 8.43
N ARG A 219 -16.94 35.08 8.72
CA ARG A 219 -17.37 36.25 7.88
C ARG A 219 -16.19 36.92 7.21
N PRO A 220 -16.15 36.90 5.86
CA PRO A 220 -14.96 37.32 5.16
C PRO A 220 -14.73 38.80 5.29
N SER A 221 -13.50 39.22 5.61
CA SER A 221 -13.16 40.67 5.57
C SER A 221 -13.31 41.23 4.17
N GLU A 222 -13.10 40.38 3.17
CA GLU A 222 -13.23 40.78 1.77
C GLU A 222 -14.68 40.89 1.25
N GLY A 223 -15.68 40.50 2.06
CA GLY A 223 -17.07 40.37 1.60
C GLY A 223 -17.36 39.07 0.86
N ILE A 224 -18.65 38.74 0.70
CA ILE A 224 -19.11 37.57 -0.07
C ILE A 224 -19.34 38.00 -1.52
N ARG A 225 -18.72 37.32 -2.48
CA ARG A 225 -19.02 37.58 -3.92
C ARG A 225 -19.12 36.29 -4.71
N ASN A 226 -20.05 36.25 -5.67
CA ASN A 226 -20.44 35.01 -6.35
C ASN A 226 -20.37 35.26 -7.86
N LEU A 227 -20.39 34.17 -8.62
CA LEU A 227 -20.43 34.21 -10.07
C LEU A 227 -21.72 33.64 -10.62
N SER A 228 -22.34 34.39 -11.55
CA SER A 228 -23.38 33.82 -12.40
C SER A 228 -22.80 32.72 -13.27
N MET A 229 -23.68 31.88 -13.85
CA MET A 229 -23.25 30.87 -14.78
C MET A 229 -22.44 31.45 -15.93
N GLU A 230 -22.84 32.63 -16.42
CA GLU A 230 -22.08 33.24 -17.50
C GLU A 230 -20.72 33.83 -17.08
N GLU A 231 -20.64 34.43 -15.89
CA GLU A 231 -19.40 34.90 -15.33
C GLU A 231 -18.43 33.75 -15.10
N ALA A 232 -18.95 32.64 -14.59
CA ALA A 232 -18.12 31.43 -14.39
C ALA A 232 -17.56 30.87 -15.68
N ALA A 233 -18.39 30.76 -16.71
CA ALA A 233 -17.92 30.32 -18.04
C ALA A 233 -16.84 31.23 -18.62
N GLU A 234 -16.92 32.55 -18.42
CA GLU A 234 -15.92 33.46 -18.99
C GLU A 234 -14.53 33.26 -18.31
N ILE A 235 -14.54 33.03 -17.00
CA ILE A 235 -13.33 32.70 -16.27
C ILE A 235 -12.84 31.31 -16.71
N GLN A 236 -13.74 30.34 -16.80
CA GLN A 236 -13.35 28.96 -17.08
C GLN A 236 -12.60 28.85 -18.45
N ALA A 237 -12.98 29.72 -19.40
CA ALA A 237 -12.39 29.76 -20.73
C ALA A 237 -10.88 29.95 -20.71
N ASN A 238 -10.41 30.73 -19.73
CA ASN A 238 -8.99 31.11 -19.66
C ASN A 238 -8.24 30.63 -18.44
N ASP A 239 -8.93 30.13 -17.42
CA ASP A 239 -8.21 29.66 -16.19
C ASP A 239 -9.04 28.66 -15.41
N PHE A 240 -8.57 27.44 -15.37
CA PHE A 240 -9.26 26.38 -14.62
C PHE A 240 -8.71 26.24 -13.19
N GLN A 241 -7.81 27.12 -12.77
CA GLN A 241 -7.39 27.16 -11.38
C GLN A 241 -7.37 28.57 -10.80
N HIS A 242 -8.40 29.35 -11.13
CA HIS A 242 -8.40 30.77 -10.81
C HIS A 242 -8.43 31.06 -9.30
N ALA A 243 -9.10 30.21 -8.52
CA ALA A 243 -9.23 30.49 -7.10
C ALA A 243 -7.93 30.12 -6.36
N THR A 244 -7.29 29.01 -6.73
CA THR A 244 -5.97 28.66 -6.22
C THR A 244 -4.97 29.82 -6.49
N ARG A 245 -5.03 30.32 -7.71
CA ARG A 245 -4.14 31.39 -8.14
C ARG A 245 -4.37 32.66 -7.29
N ASP A 246 -5.63 33.01 -7.12
CA ASP A 246 -6.02 34.19 -6.38
C ASP A 246 -5.56 34.13 -4.93
N LEU A 247 -5.77 32.99 -4.24
CA LEU A 247 -5.30 32.84 -2.86
C LEU A 247 -3.80 33.02 -2.71
N TYR A 248 -3.03 32.33 -3.55
CA TYR A 248 -1.60 32.43 -3.52
C TYR A 248 -1.15 33.86 -3.74
N ASP A 249 -1.71 34.48 -4.75
CA ASP A 249 -1.30 35.84 -5.19
CA ASP A 249 -1.31 35.83 -5.19
C ASP A 249 -1.64 36.94 -4.16
N ARG A 250 -2.81 36.87 -3.53
CA ARG A 250 -3.13 37.75 -2.41
C ARG A 250 -2.07 37.69 -1.33
N ILE A 251 -1.70 36.49 -0.95
CA ILE A 251 -0.79 36.33 0.15
C ILE A 251 0.64 36.73 -0.24
N GLU A 252 1.03 36.42 -1.46
CA GLU A 252 2.36 36.74 -1.89
C GLU A 252 2.51 38.29 -1.96
N LYS A 253 1.42 38.98 -2.29
CA LYS A 253 1.41 40.45 -2.37
C LYS A 253 1.20 41.18 -1.04
N GLY A 254 0.95 40.45 0.04
CA GLY A 254 0.73 41.06 1.36
C GLY A 254 -0.70 41.47 1.57
N ASN A 255 -1.59 41.10 0.65
CA ASN A 255 -3.01 41.38 0.79
C ASN A 255 -3.74 40.17 1.49
N TYR A 256 -3.47 39.97 2.78
CA TYR A 256 -3.84 38.76 3.53
C TYR A 256 -5.36 38.70 3.74
N PRO A 257 -6.03 37.65 3.28
CA PRO A 257 -7.47 37.60 3.52
C PRO A 257 -7.76 37.26 4.98
N ALA A 258 -8.90 37.71 5.50
CA ALA A 258 -9.25 37.36 6.85
C ALA A 258 -10.72 37.07 7.00
N TRP A 259 -11.06 36.38 8.09
CA TRP A 259 -12.43 36.06 8.45
C TRP A 259 -12.60 36.29 9.92
N ASP A 260 -13.70 36.92 10.29
CA ASP A 260 -14.10 36.99 11.68
C ASP A 260 -14.93 35.80 12.07
N LEU A 261 -14.65 35.25 13.24
CA LEU A 261 -15.37 34.06 13.72
C LEU A 261 -16.46 34.56 14.66
N TYR A 262 -17.69 34.18 14.36
CA TYR A 262 -18.81 34.33 15.27
C TYR A 262 -19.37 32.99 15.67
N VAL A 263 -20.07 32.96 16.79
CA VAL A 263 -20.83 31.79 17.23
C VAL A 263 -22.26 32.17 17.60
N GLN A 264 -23.14 31.17 17.49
CA GLN A 264 -24.44 31.22 18.09
C GLN A 264 -24.44 30.21 19.20
N LEU A 265 -25.09 30.54 20.31
CA LEU A 265 -25.22 29.60 21.42
C LEU A 265 -26.66 29.36 21.86
N MET A 266 -26.98 28.10 22.15
CA MET A 266 -28.32 27.62 22.39
C MET A 266 -28.31 26.64 23.59
N PRO A 267 -29.14 26.90 24.61
CA PRO A 267 -29.37 25.95 25.68
C PRO A 267 -29.85 24.61 25.15
N LEU A 268 -29.32 23.53 25.72
CA LEU A 268 -29.80 22.17 25.41
C LEU A 268 -31.33 22.06 25.52
N SER A 269 -31.90 22.78 26.47
CA SER A 269 -33.33 22.69 26.77
C SER A 269 -34.22 23.32 25.67
N ASP A 270 -33.61 24.02 24.72
CA ASP A 270 -34.38 24.68 23.67
C ASP A 270 -34.82 23.68 22.61
N TYR A 271 -34.31 22.44 22.66
CA TYR A 271 -34.77 21.34 21.80
C TYR A 271 -36.27 21.30 21.73
N ASP A 272 -36.87 21.32 22.91
CA ASP A 272 -38.16 20.71 23.10
C ASP A 272 -39.28 21.60 22.63
N GLU A 273 -38.97 22.91 22.54
CA GLU A 273 -39.88 23.92 22.02
C GLU A 273 -39.66 24.44 20.58
N LEU A 274 -38.61 23.95 19.87
CA LEU A 274 -38.40 24.25 18.43
C LEU A 274 -39.20 23.30 17.55
N ASP A 275 -39.60 23.75 16.37
CA ASP A 275 -40.30 22.85 15.42
C ASP A 275 -39.35 22.10 14.46
N TYR A 276 -38.07 22.08 14.80
CA TYR A 276 -37.08 21.26 14.08
C TYR A 276 -36.10 20.74 15.15
N ASP A 277 -35.29 19.75 14.77
CA ASP A 277 -34.18 19.26 15.61
C ASP A 277 -32.97 20.17 15.47
N PRO A 278 -32.54 20.86 16.56
CA PRO A 278 -31.39 21.75 16.39
C PRO A 278 -30.09 21.03 15.99
N CYS A 279 -30.03 19.71 16.13
CA CYS A 279 -28.89 18.93 15.59
C CYS A 279 -29.16 18.24 14.19
N ASP A 280 -30.14 18.72 13.45
CA ASP A 280 -30.40 18.30 12.06
C ASP A 280 -29.63 19.25 11.18
N PRO A 281 -28.59 18.75 10.49
CA PRO A 281 -27.68 19.61 9.73
C PRO A 281 -28.28 20.11 8.42
N THR A 282 -29.56 19.77 8.14
CA THR A 282 -30.34 20.42 7.07
C THR A 282 -30.98 21.74 7.56
N LYS A 283 -30.72 22.12 8.83
CA LYS A 283 -31.33 23.29 9.46
C LYS A 283 -30.31 24.33 9.87
N THR A 284 -30.65 25.61 9.64
CA THR A 284 -30.00 26.68 10.37
C THR A 284 -30.77 27.11 11.61
N TRP A 285 -30.10 27.87 12.49
CA TRP A 285 -30.76 28.57 13.61
C TRP A 285 -30.98 30.06 13.31
N SER A 286 -32.15 30.57 13.71
CA SER A 286 -32.46 31.97 13.53
C SER A 286 -31.40 32.88 14.17
N GLU A 287 -30.91 33.85 13.41
CA GLU A 287 -29.99 34.85 13.96
C GLU A 287 -30.72 35.95 14.77
N GLU A 288 -32.03 36.10 14.57
CA GLU A 288 -32.84 36.97 15.48
C GLU A 288 -32.89 36.28 16.84
N ASP A 289 -33.20 34.99 16.90
CA ASP A 289 -33.38 34.26 18.17
C ASP A 289 -32.12 33.82 18.88
N TYR A 290 -31.07 33.54 18.10
CA TYR A 290 -29.77 33.11 18.62
C TYR A 290 -28.73 34.00 17.92
N PRO A 291 -28.47 35.20 18.49
CA PRO A 291 -27.64 36.18 17.80
C PRO A 291 -26.17 35.76 17.64
N LEU A 292 -25.55 36.27 16.58
CA LEU A 292 -24.12 36.05 16.36
C LEU A 292 -23.28 36.79 17.40
N GLN A 293 -22.32 36.10 17.98
CA GLN A 293 -21.44 36.64 19.01
C GLN A 293 -19.99 36.59 18.55
N LYS A 294 -19.32 37.75 18.45
CA LYS A 294 -17.97 37.76 17.89
C LYS A 294 -16.96 37.05 18.81
N VAL A 295 -16.11 36.22 18.21
CA VAL A 295 -15.09 35.52 18.99
C VAL A 295 -13.72 36.02 18.70
N GLY A 296 -13.38 36.07 17.41
CA GLY A 296 -12.06 36.57 17.00
C GLY A 296 -11.91 36.64 15.50
N ARG A 297 -10.67 36.67 15.05
CA ARG A 297 -10.36 36.89 13.67
C ARG A 297 -9.19 36.00 13.25
N MET A 298 -9.34 35.43 12.07
CA MET A 298 -8.30 34.60 11.51
C MET A 298 -7.76 35.31 10.30
N THR A 299 -6.44 35.42 10.20
CA THR A 299 -5.79 36.05 9.06
C THR A 299 -4.84 35.03 8.41
N LEU A 300 -4.95 34.83 7.12
CA LEU A 300 -4.03 33.92 6.43
C LEU A 300 -2.90 34.75 5.79
N ASN A 301 -1.65 34.50 6.20
CA ASN A 301 -0.51 35.34 5.78
C ASN A 301 0.73 34.60 5.26
N ARG A 302 0.64 33.29 5.04
CA ARG A 302 1.82 32.56 4.61
C ARG A 302 1.46 31.42 3.66
N ASN A 303 2.05 31.42 2.46
CA ASN A 303 1.88 30.28 1.57
C ASN A 303 2.78 29.10 1.97
N PRO A 304 2.31 27.88 1.68
CA PRO A 304 3.15 26.71 1.99
C PRO A 304 4.41 26.70 1.20
N GLU A 305 5.41 25.97 1.69
CA GLU A 305 6.63 25.85 0.90
C GLU A 305 6.58 24.80 -0.20
N ASN A 306 5.81 23.72 0.02
CA ASN A 306 5.64 22.67 -0.99
C ASN A 306 4.17 22.19 -1.03
N PHE A 307 3.54 22.19 -2.20
CA PHE A 307 2.13 21.94 -2.30
C PHE A 307 1.85 20.47 -1.93
N PHE A 308 2.64 19.54 -2.43
CA PHE A 308 2.36 18.10 -2.13
C PHE A 308 2.55 17.78 -0.63
N ALA A 309 3.70 18.22 -0.08
CA ALA A 309 4.05 17.81 1.26
C ALA A 309 3.08 18.37 2.33
N GLU A 310 2.65 19.61 2.08
CA GLU A 310 1.82 20.36 3.03
C GLU A 310 0.33 20.38 2.66
N THR A 311 -0.02 20.75 1.44
CA THR A 311 -1.46 20.85 1.13
C THR A 311 -2.06 19.52 0.71
N GLU A 312 -1.37 18.78 -0.13
CA GLU A 312 -1.95 17.50 -0.59
C GLU A 312 -2.00 16.51 0.55
N GLN A 313 -1.01 16.51 1.42
CA GLN A 313 -0.94 15.56 2.53
C GLN A 313 -1.68 15.99 3.79
N ALA A 314 -2.23 17.22 3.82
CA ALA A 314 -2.96 17.72 4.98
C ALA A 314 -4.09 16.85 5.34
N ALA A 315 -4.24 16.60 6.63
CA ALA A 315 -5.31 15.68 7.05
C ALA A 315 -6.16 16.37 8.10
N PHE A 316 -7.44 16.61 7.83
CA PHE A 316 -8.31 17.22 8.88
C PHE A 316 -9.31 16.16 9.31
N THR A 317 -9.80 16.25 10.57
CA THR A 317 -10.97 15.46 10.97
C THR A 317 -11.88 16.14 11.94
N PRO A 318 -13.21 16.03 11.74
CA PRO A 318 -14.10 16.61 12.82
C PRO A 318 -14.00 16.00 14.20
N SER A 319 -13.46 14.79 14.27
CA SER A 319 -13.13 14.18 15.55
C SER A 319 -11.83 14.69 16.18
N ALA A 320 -11.10 15.62 15.56
CA ALA A 320 -9.99 16.24 16.28
C ALA A 320 -10.56 17.40 17.11
N LEU A 321 -11.15 17.03 18.24
CA LEU A 321 -11.77 17.92 19.20
C LEU A 321 -10.81 18.16 20.39
N VAL A 322 -10.90 19.32 21.03
CA VAL A 322 -10.08 19.65 22.20
C VAL A 322 -10.94 19.84 23.44
N PRO A 323 -10.34 19.78 24.63
CA PRO A 323 -11.15 19.92 25.80
C PRO A 323 -11.96 21.18 25.79
N GLY A 324 -13.25 21.02 26.12
CA GLY A 324 -14.22 22.11 26.07
C GLY A 324 -15.07 22.12 24.80
N ILE A 325 -14.72 21.30 23.80
CA ILE A 325 -15.47 21.25 22.51
C ILE A 325 -15.72 19.81 22.15
N GLU A 326 -16.99 19.44 21.98
CA GLU A 326 -17.40 18.06 21.84
C GLU A 326 -18.38 17.93 20.69
N ALA A 327 -18.52 16.70 20.16
CA ALA A 327 -19.51 16.40 19.13
C ALA A 327 -20.89 16.64 19.72
N SER A 328 -21.83 16.95 18.86
CA SER A 328 -23.22 16.71 19.17
C SER A 328 -23.67 15.34 18.64
N GLU A 329 -24.92 15.06 18.95
CA GLU A 329 -25.65 13.86 18.54
C GLU A 329 -26.03 13.83 17.04
N ASP A 330 -25.77 14.90 16.31
CA ASP A 330 -26.03 14.99 14.85
C ASP A 330 -25.51 13.73 14.13
N LYS A 331 -26.40 12.97 13.46
CA LYS A 331 -26.04 11.62 12.96
C LYS A 331 -25.07 11.71 11.75
N LEU A 332 -25.08 12.84 11.06
CA LEU A 332 -24.18 13.09 9.98
C LEU A 332 -22.75 13.28 10.56
N LEU A 333 -22.66 14.18 11.52
CA LEU A 333 -21.40 14.37 12.25
C LEU A 333 -20.86 13.07 12.78
N GLN A 334 -21.73 12.25 13.37
CA GLN A 334 -21.28 11.05 14.04
C GLN A 334 -20.48 10.19 13.04
N GLY A 335 -20.96 10.00 11.81
CA GLY A 335 -20.16 9.27 10.81
C GLY A 335 -18.84 9.89 10.35
N ARG A 336 -18.81 11.22 10.24
CA ARG A 336 -17.59 11.93 9.95
C ARG A 336 -16.48 11.67 10.97
N LEU A 337 -16.83 11.48 12.24
CA LEU A 337 -15.85 11.24 13.31
C LEU A 337 -14.97 10.02 13.00
N PHE A 338 -15.61 9.04 12.35
CA PHE A 338 -14.99 7.82 11.89
C PHE A 338 -14.28 7.95 10.51
N SER A 339 -15.00 8.49 9.51
CA SER A 339 -14.59 8.44 8.12
C SER A 339 -13.28 9.16 7.83
N TYR A 340 -13.04 10.30 8.49
CA TYR A 340 -11.85 11.06 8.13
C TYR A 340 -10.54 10.29 8.49
N PRO A 341 -10.37 9.87 9.78
CA PRO A 341 -9.08 9.26 10.10
C PRO A 341 -8.98 7.93 9.34
N ASP A 342 -10.14 7.33 9.05
CA ASP A 342 -10.17 6.07 8.33
C ASP A 342 -9.64 6.23 6.93
N THR A 343 -10.20 7.18 6.18
CA THR A 343 -9.73 7.44 4.82
C THR A 343 -8.28 7.88 4.84
N GLN A 344 -7.85 8.63 5.87
CA GLN A 344 -6.51 9.17 5.93
C GLN A 344 -5.42 8.12 6.14
N ARG A 345 -5.70 7.12 6.96
CA ARG A 345 -4.85 5.94 7.07
C ARG A 345 -4.58 5.23 5.74
N HIS A 346 -5.58 5.06 4.89
CA HIS A 346 -5.48 4.59 3.48
C HIS A 346 -4.74 5.57 2.54
N ARG A 347 -5.16 6.83 2.58
CA ARG A 347 -4.62 7.84 1.63
C ARG A 347 -3.17 8.15 1.91
N LEU A 348 -2.80 8.23 3.21
CA LEU A 348 -1.54 8.84 3.64
C LEU A 348 -0.60 7.88 4.39
N GLY A 349 -1.15 6.77 4.91
CA GLY A 349 -0.41 5.76 5.71
C GLY A 349 -0.82 5.81 7.17
N ALA A 350 -0.50 4.73 7.84
CA ALA A 350 -0.85 4.59 9.27
C ALA A 350 -0.30 5.73 10.13
N ASN A 351 0.91 6.20 9.76
CA ASN A 351 1.66 7.24 10.52
C ASN A 351 1.44 8.66 9.96
N TYR A 352 0.31 8.87 9.32
CA TYR A 352 -0.01 10.19 8.72
C TYR A 352 0.03 11.35 9.68
N MET A 353 -0.22 11.08 10.98
CA MET A 353 -0.14 12.15 12.00
C MET A 353 1.26 12.67 12.33
N ARG A 354 2.30 12.03 11.77
CA ARG A 354 3.67 12.48 11.91
C ARG A 354 4.14 13.37 10.71
N ILE A 355 3.33 13.43 9.65
CA ILE A 355 3.61 14.29 8.52
C ILE A 355 3.57 15.75 9.05
N PRO A 356 4.58 16.55 8.76
CA PRO A 356 4.75 17.83 9.53
C PRO A 356 3.51 18.68 9.63
N VAL A 357 2.79 18.93 8.53
CA VAL A 357 1.62 19.80 8.58
C VAL A 357 0.55 19.23 9.53
N ASN A 358 0.57 17.91 9.73
CA ASN A 358 -0.41 17.29 10.61
C ASN A 358 -0.02 17.16 12.06
N CYS A 359 1.26 17.37 12.33
CA CYS A 359 1.74 17.29 13.70
C CYS A 359 1.17 18.39 14.63
N PRO A 360 0.80 18.01 15.86
CA PRO A 360 0.54 19.03 16.93
C PRO A 360 1.71 19.79 17.38
N TYR A 361 1.46 21.02 17.89
CA TYR A 361 2.45 21.73 18.68
C TYR A 361 2.56 21.18 20.09
N ALA A 362 1.45 20.75 20.67
CA ALA A 362 1.43 20.07 21.95
C ALA A 362 2.14 18.66 21.94
N PRO A 363 2.74 18.27 23.07
CA PRO A 363 3.50 17.00 23.17
C PRO A 363 2.62 15.82 22.84
N VAL A 364 3.22 14.82 22.20
CA VAL A 364 2.57 13.57 21.95
C VAL A 364 3.35 12.47 22.68
N HIS A 365 2.66 11.77 23.57
CA HIS A 365 3.28 10.62 24.22
C HIS A 365 2.27 9.55 24.33
N ASN A 366 2.56 8.42 23.78
CA ASN A 366 1.70 7.28 23.98
C ASN A 366 2.38 5.99 23.62
N ASN A 367 1.61 4.92 23.71
CA ASN A 367 2.18 3.57 23.56
C ASN A 367 1.94 2.90 22.18
N GLN A 368 1.56 3.71 21.21
CA GLN A 368 1.42 3.23 19.84
C GLN A 368 2.82 3.00 19.28
N GLN A 369 2.92 2.16 18.28
CA GLN A 369 4.26 1.82 17.73
C GLN A 369 4.17 1.38 16.29
N ASP A 370 5.31 1.50 15.59
CA ASP A 370 5.60 0.81 14.35
C ASP A 370 4.66 1.38 13.26
N GLY A 371 4.29 0.56 12.29
CA GLY A 371 3.57 1.01 11.11
C GLY A 371 4.49 1.49 10.02
N PHE A 372 3.99 1.48 8.79
N PHE A 372 3.99 1.51 8.81
CA PHE A 372 4.80 1.82 7.62
CA PHE A 372 4.68 1.91 7.63
C PHE A 372 5.43 3.20 7.79
C PHE A 372 5.41 3.23 7.79
N MET A 373 6.68 3.29 7.38
CA MET A 373 7.46 4.55 7.46
C MET A 373 7.55 5.15 8.87
N THR A 374 8.09 4.34 9.78
CA THR A 374 8.45 4.80 11.13
C THR A 374 9.71 5.61 11.08
N THR A 375 9.56 6.94 11.20
CA THR A 375 10.70 7.85 11.01
C THR A 375 11.04 8.64 12.32
N THR A 376 10.33 8.40 13.43
CA THR A 376 10.44 9.22 14.65
C THR A 376 11.52 8.78 15.70
N ARG A 377 12.36 7.76 15.41
CA ARG A 377 13.41 7.31 16.32
C ARG A 377 12.85 6.95 17.70
N PRO A 378 11.91 5.97 17.77
CA PRO A 378 11.43 5.52 19.05
C PRO A 378 12.53 4.87 19.91
N SER A 379 12.27 4.81 21.20
CA SER A 379 13.15 4.18 22.18
C SER A 379 12.36 3.76 23.40
N GLY A 380 12.99 2.95 24.28
CA GLY A 380 12.36 2.52 25.51
C GLY A 380 11.86 1.08 25.42
N HIS A 381 11.73 0.46 26.58
CA HIS A 381 11.22 -0.90 26.71
C HIS A 381 9.68 -0.97 26.98
N ILE A 382 9.07 0.16 27.28
CA ILE A 382 7.73 0.12 27.90
C ILE A 382 6.75 0.74 26.96
N ASN A 383 5.95 -0.11 26.37
CA ASN A 383 4.94 0.27 25.33
C ASN A 383 3.51 -0.21 25.69
N TYR A 384 3.27 -0.29 26.98
CA TYR A 384 2.02 -0.81 27.54
C TYR A 384 1.73 -0.05 28.87
N GLU A 385 0.44 0.11 29.15
CA GLU A 385 -0.09 0.72 30.34
C GLU A 385 -1.37 0.06 30.73
N PRO A 386 -1.59 -0.17 32.03
CA PRO A 386 -0.73 0.12 33.19
C PRO A 386 0.64 -0.51 33.25
N ASN A 387 1.53 0.19 33.94
CA ASN A 387 2.84 -0.29 34.19
C ASN A 387 3.35 0.26 35.51
N ARG A 388 4.45 -0.31 35.99
CA ARG A 388 4.98 0.02 37.31
C ARG A 388 5.88 1.27 37.36
N TYR A 389 6.01 1.98 36.26
CA TYR A 389 6.95 3.09 36.16
C TYR A 389 6.28 4.46 36.22
N ASP A 390 6.62 5.23 37.26
CA ASP A 390 5.94 6.52 37.52
C ASP A 390 6.21 7.59 36.44
N ASP A 391 7.34 7.46 35.74
CA ASP A 391 7.79 8.41 34.75
C ASP A 391 7.20 8.17 33.37
N GLN A 392 6.58 7.03 33.14
CA GLN A 392 5.99 6.73 31.85
C GLN A 392 4.69 7.50 31.72
N PRO A 393 4.20 7.70 30.49
CA PRO A 393 2.95 8.47 30.35
C PRO A 393 1.75 7.83 31.07
N LYS A 394 0.97 8.65 31.75
CA LYS A 394 -0.25 8.21 32.39
C LYS A 394 -1.47 9.04 32.01
N GLU A 395 -2.63 8.46 32.21
CA GLU A 395 -3.87 9.21 31.99
C GLU A 395 -3.97 10.41 32.96
N ASN A 396 -4.78 11.39 32.58
CA ASN A 396 -4.94 12.60 33.37
C ASN A 396 -6.40 12.98 33.51
N PRO A 397 -6.98 12.82 34.71
CA PRO A 397 -8.42 12.89 34.86
C PRO A 397 -8.97 14.32 34.80
N HIS A 398 -8.10 15.32 34.86
CA HIS A 398 -8.52 16.70 34.54
C HIS A 398 -9.02 16.82 33.09
N TYR A 399 -8.73 15.85 32.23
CA TYR A 399 -9.09 15.99 30.80
C TYR A 399 -10.12 14.97 30.37
N LYS A 400 -11.07 14.66 31.21
CA LYS A 400 -12.19 13.79 30.79
C LYS A 400 -13.22 14.59 29.98
N GLU A 401 -13.91 13.92 29.07
CA GLU A 401 -14.96 14.60 28.33
C GLU A 401 -16.23 14.54 29.18
N SER A 402 -17.21 15.34 28.79
CA SER A 402 -18.52 15.36 29.41
C SER A 402 -19.23 14.03 29.24
N GLU A 403 -20.36 13.92 29.92
CA GLU A 403 -21.21 12.72 29.82
C GLU A 403 -22.60 13.10 29.35
N PRO A 404 -22.79 13.27 28.02
CA PRO A 404 -24.14 13.59 27.52
C PRO A 404 -25.27 12.66 27.97
N VAL A 405 -26.41 13.27 28.30
CA VAL A 405 -27.62 12.56 28.62
C VAL A 405 -28.24 11.93 27.37
N LEU A 406 -28.62 10.65 27.49
CA LEU A 406 -29.27 9.92 26.43
C LEU A 406 -30.75 9.92 26.70
N HIS A 407 -31.51 10.31 25.70
CA HIS A 407 -32.96 10.35 25.84
C HIS A 407 -33.57 9.03 25.34
N GLY A 408 -32.84 8.27 24.57
CA GLY A 408 -33.36 7.03 23.99
C GLY A 408 -33.20 5.84 24.89
N ASP A 409 -34.11 4.89 24.77
CA ASP A 409 -34.06 3.75 25.66
C ASP A 409 -33.63 2.43 24.96
N ARG A 410 -33.52 2.45 23.62
CA ARG A 410 -33.14 1.30 22.80
C ARG A 410 -32.13 1.68 21.71
N MET A 411 -31.44 0.66 21.23
CA MET A 411 -30.61 0.74 20.01
C MET A 411 -31.51 0.62 18.80
N VAL A 412 -31.64 1.71 18.02
CA VAL A 412 -32.60 1.78 16.96
CA VAL A 412 -32.61 1.78 16.94
C VAL A 412 -32.00 2.30 15.66
N ARG A 413 -32.63 1.93 14.55
CA ARG A 413 -32.44 2.61 13.27
C ARG A 413 -33.77 3.29 12.93
N GLN A 414 -33.80 4.60 13.10
CA GLN A 414 -35.03 5.37 12.97
C GLN A 414 -34.72 6.84 12.69
N LYS A 415 -35.41 7.44 11.73
CA LYS A 415 -35.29 8.88 11.45
C LYS A 415 -35.59 9.74 12.70
N ILE A 416 -34.92 10.89 12.80
CA ILE A 416 -35.22 11.82 13.87
C ILE A 416 -36.70 12.23 13.77
N GLU A 417 -37.25 12.62 14.93
CA GLU A 417 -38.53 13.32 14.98
C GLU A 417 -38.40 14.76 14.47
N LYS A 418 -39.53 15.40 14.19
CA LYS A 418 -39.59 16.71 13.50
C LYS A 418 -38.56 16.92 12.36
N PRO A 419 -38.54 16.03 11.37
CA PRO A 419 -37.68 16.30 10.19
C PRO A 419 -37.96 17.65 9.52
N ASN A 420 -39.23 18.03 9.44
CA ASN A 420 -39.63 19.33 8.87
C ASN A 420 -38.85 19.65 7.57
N ASP A 421 -39.02 18.85 6.53
CA ASP A 421 -38.10 18.95 5.35
C ASP A 421 -38.21 20.22 4.51
N PHE A 422 -39.34 20.91 4.58
CA PHE A 422 -39.63 21.94 3.62
C PHE A 422 -39.63 23.36 4.15
N LYS A 423 -39.83 23.52 5.46
CA LYS A 423 -40.12 24.83 6.02
C LYS A 423 -38.99 25.81 5.81
N GLN A 424 -37.78 25.45 6.19
CA GLN A 424 -36.67 26.38 6.05
C GLN A 424 -36.30 26.64 4.59
N ALA A 425 -36.53 25.67 3.70
CA ALA A 425 -36.31 25.94 2.28
C ALA A 425 -37.23 27.09 1.80
N GLY A 426 -38.49 27.06 2.22
CA GLY A 426 -39.44 28.10 1.88
C GLY A 426 -39.02 29.44 2.44
N GLU A 427 -38.58 29.44 3.71
CA GLU A 427 -38.07 30.64 4.36
C GLU A 427 -36.87 31.23 3.65
N LYS A 428 -35.95 30.37 3.21
CA LYS A 428 -34.79 30.86 2.46
C LYS A 428 -35.24 31.46 1.11
N TYR A 429 -36.10 30.75 0.42
CA TYR A 429 -36.63 31.25 -0.86
C TYR A 429 -37.19 32.68 -0.72
N ARG A 430 -38.08 32.86 0.24
CA ARG A 430 -38.68 34.15 0.48
C ARG A 430 -37.71 35.23 0.93
N SER A 431 -36.62 34.85 1.58
CA SER A 431 -35.55 35.79 1.96
C SER A 431 -34.73 36.35 0.77
N TYR A 432 -34.76 35.66 -0.38
CA TYR A 432 -34.10 36.12 -1.60
C TYR A 432 -34.75 37.38 -2.21
N SER A 433 -33.91 38.33 -2.61
CA SER A 433 -34.34 39.40 -3.51
C SER A 433 -34.92 38.82 -4.82
N GLU A 434 -35.69 39.63 -5.55
CA GLU A 434 -36.29 39.17 -6.79
C GLU A 434 -35.19 38.74 -7.77
N GLU A 435 -34.11 39.51 -7.80
CA GLU A 435 -33.00 39.24 -8.69
C GLU A 435 -32.38 37.86 -8.29
N GLU A 436 -32.25 37.60 -7.00
CA GLU A 436 -31.77 36.32 -6.48
C GLU A 436 -32.70 35.14 -6.78
N LYS A 437 -34.01 35.35 -6.61
CA LYS A 437 -35.03 34.35 -7.04
C LYS A 437 -34.97 34.01 -8.53
N GLN A 438 -34.80 35.02 -9.38
CA GLN A 438 -34.62 34.75 -10.80
C GLN A 438 -33.39 33.88 -11.11
N ALA A 439 -32.29 34.16 -10.42
CA ALA A 439 -31.04 33.45 -10.66
C ALA A 439 -31.25 31.99 -10.24
N LEU A 440 -31.87 31.78 -9.08
CA LEU A 440 -32.14 30.43 -8.56
C LEU A 440 -32.98 29.64 -9.58
N ILE A 441 -34.06 30.25 -10.10
CA ILE A 441 -34.91 29.54 -11.02
C ILE A 441 -34.16 29.21 -12.31
N LYS A 442 -33.37 30.18 -12.79
CA LYS A 442 -32.55 30.04 -13.99
C LYS A 442 -31.57 28.90 -13.82
N ASN A 443 -30.89 28.90 -12.67
CA ASN A 443 -29.84 27.87 -12.45
C ASN A 443 -30.46 26.49 -12.29
N LEU A 444 -31.59 26.40 -11.58
CA LEU A 444 -32.29 25.11 -11.43
C LEU A 444 -32.80 24.59 -12.77
N THR A 445 -33.35 25.51 -13.57
CA THR A 445 -33.91 25.13 -14.86
C THR A 445 -32.84 24.54 -15.80
N ALA A 446 -31.70 25.18 -15.89
CA ALA A 446 -30.64 24.68 -16.74
C ALA A 446 -30.16 23.30 -16.28
N ASP A 447 -30.25 23.03 -14.98
CA ASP A 447 -29.86 21.73 -14.40
C ASP A 447 -30.88 20.63 -14.56
N LEU A 448 -32.19 21.03 -14.59
CA LEU A 448 -33.27 20.08 -14.55
C LEU A 448 -33.84 19.75 -15.92
N LYS A 449 -33.56 20.60 -16.91
CA LYS A 449 -34.33 20.53 -18.14
C LYS A 449 -34.12 19.23 -18.91
N GLY A 450 -33.00 18.55 -18.71
CA GLY A 450 -32.72 17.27 -19.40
C GLY A 450 -33.06 16.01 -18.64
N VAL A 451 -33.52 16.14 -17.39
CA VAL A 451 -33.67 14.96 -16.54
C VAL A 451 -34.98 14.26 -16.81
N ASN A 452 -35.03 12.99 -16.45
CA ASN A 452 -36.22 12.16 -16.56
C ASN A 452 -37.47 12.90 -16.07
N GLU A 453 -38.56 12.84 -16.85
CA GLU A 453 -39.75 13.66 -16.56
C GLU A 453 -40.34 13.45 -15.17
N LYS A 454 -40.39 12.19 -14.73
CA LYS A 454 -40.93 11.86 -13.44
C LYS A 454 -40.10 12.42 -12.28
N THR A 455 -38.77 12.28 -12.37
CA THR A 455 -37.84 12.93 -11.45
C THR A 455 -37.96 14.47 -11.48
N LYS A 456 -38.07 15.03 -12.68
CA LYS A 456 -38.29 16.47 -12.87
C LYS A 456 -39.54 16.93 -12.12
N LEU A 457 -40.62 16.19 -12.29
CA LEU A 457 -41.84 16.48 -11.56
C LEU A 457 -41.69 16.40 -10.05
N LEU A 458 -41.01 15.36 -9.56
CA LEU A 458 -40.79 15.25 -8.11
C LEU A 458 -39.97 16.42 -7.58
N ALA A 459 -38.99 16.89 -8.34
CA ALA A 459 -38.22 18.05 -7.90
C ALA A 459 -39.14 19.28 -7.74
N ILE A 460 -39.97 19.50 -8.75
CA ILE A 460 -40.90 20.63 -8.75
C ILE A 460 -41.81 20.53 -7.51
N CYS A 461 -42.34 19.34 -7.27
CA CYS A 461 -43.18 19.06 -6.09
C CYS A 461 -42.49 19.39 -4.74
N ASN A 462 -41.25 18.97 -4.62
CA ASN A 462 -40.49 19.26 -3.41
C ASN A 462 -40.39 20.77 -3.23
N PHE A 463 -40.00 21.48 -4.28
CA PHE A 463 -39.79 22.93 -4.15
C PHE A 463 -41.15 23.64 -3.93
N TYR A 464 -42.20 23.10 -4.53
CA TYR A 464 -43.55 23.63 -4.33
C TYR A 464 -44.00 23.49 -2.85
N ARG A 465 -43.62 22.40 -2.18
CA ARG A 465 -43.91 22.24 -0.78
C ARG A 465 -43.15 23.22 0.12
N ALA A 466 -41.94 23.57 -0.31
CA ALA A 466 -41.15 24.64 0.29
C ALA A 466 -41.88 25.98 0.18
N ASP A 467 -42.19 26.37 -1.06
CA ASP A 467 -43.02 27.57 -1.28
C ASP A 467 -43.78 27.43 -2.60
N GLU A 468 -45.10 27.67 -2.59
CA GLU A 468 -45.94 27.57 -3.82
C GLU A 468 -45.43 28.40 -5.01
N ASP A 469 -44.91 29.60 -4.74
CA ASP A 469 -44.42 30.50 -5.80
C ASP A 469 -43.13 29.95 -6.40
N TYR A 470 -42.23 29.52 -5.51
CA TYR A 470 -41.01 28.85 -5.86
C TYR A 470 -41.28 27.74 -6.82
N GLY A 471 -42.13 26.81 -6.44
CA GLY A 471 -42.41 25.65 -7.26
C GLY A 471 -43.14 25.95 -8.56
N GLN A 472 -44.11 26.86 -8.48
CA GLN A 472 -44.81 27.27 -9.71
C GLN A 472 -43.88 27.96 -10.75
N ARG A 473 -43.05 28.89 -10.29
CA ARG A 473 -42.07 29.53 -11.16
C ARG A 473 -41.15 28.49 -11.84
N LEU A 474 -40.69 27.49 -11.08
CA LEU A 474 -39.80 26.50 -11.64
C LEU A 474 -40.55 25.66 -12.67
N ALA A 475 -41.78 25.28 -12.33
CA ALA A 475 -42.62 24.53 -13.28
C ALA A 475 -42.79 25.31 -14.59
N ASP A 476 -43.14 26.58 -14.49
CA ASP A 476 -43.33 27.44 -15.66
C ASP A 476 -42.08 27.47 -16.51
N SER A 477 -40.94 27.61 -15.85
CA SER A 477 -39.67 27.84 -16.53
C SER A 477 -39.26 26.53 -17.22
N LEU A 478 -39.65 25.39 -16.65
CA LEU A 478 -39.37 24.11 -17.31
C LEU A 478 -40.43 23.63 -18.33
N GLY A 479 -41.51 24.38 -18.47
CA GLY A 479 -42.58 24.00 -19.37
C GLY A 479 -43.38 22.80 -18.88
N VAL A 480 -43.41 22.58 -17.56
CA VAL A 480 -44.19 21.50 -16.95
C VAL A 480 -45.53 21.97 -16.38
N ASP A 481 -46.59 21.32 -16.84
CA ASP A 481 -47.95 21.60 -16.40
C ASP A 481 -48.30 20.77 -15.17
N ILE A 482 -48.61 21.46 -14.07
CA ILE A 482 -48.78 20.80 -12.78
C ILE A 482 -50.21 20.83 -12.25
N ARG A 483 -51.13 21.20 -13.14
CA ARG A 483 -52.56 21.23 -12.80
C ARG A 483 -53.19 19.95 -12.19
N SER A 484 -52.89 18.78 -12.71
CA SER A 484 -53.51 17.55 -12.20
C SER A 484 -53.09 17.22 -10.75
N TYR A 485 -52.04 17.88 -10.24
CA TYR A 485 -51.55 17.73 -8.88
C TYR A 485 -51.95 18.90 -7.94
N HIS B 6 1.57 -31.22 -21.53
CA HIS B 6 2.74 -30.31 -21.81
C HIS B 6 2.30 -28.86 -22.04
N LYS B 7 3.05 -27.91 -21.47
CA LYS B 7 2.64 -26.50 -21.39
C LYS B 7 3.86 -25.61 -21.57
N ASN B 8 3.66 -24.44 -22.17
CA ASN B 8 4.72 -23.41 -22.19
C ASN B 8 4.72 -22.61 -20.90
N LEU B 9 5.91 -22.41 -20.37
CA LEU B 9 6.14 -21.36 -19.39
C LEU B 9 5.97 -20.04 -20.15
N THR B 10 5.30 -19.07 -19.54
CA THR B 10 4.99 -17.79 -20.19
C THR B 10 5.29 -16.61 -19.29
N THR B 11 5.39 -15.41 -19.85
CA THR B 11 5.27 -14.23 -19.05
C THR B 11 3.80 -14.00 -18.66
N ASN B 12 3.56 -13.02 -17.78
CA ASN B 12 2.19 -12.61 -17.43
C ASN B 12 1.41 -11.95 -18.57
N GLN B 13 2.10 -11.56 -19.64
CA GLN B 13 1.50 -11.11 -20.89
C GLN B 13 1.11 -12.27 -21.76
N GLY B 14 1.48 -13.49 -21.42
CA GLY B 14 1.05 -14.71 -22.19
C GLY B 14 1.98 -15.06 -23.33
N VAL B 15 3.16 -14.44 -23.33
CA VAL B 15 4.21 -14.72 -24.30
C VAL B 15 5.02 -15.93 -23.84
N PRO B 16 5.05 -17.01 -24.62
CA PRO B 16 6.02 -18.09 -24.30
C PRO B 16 7.50 -17.67 -24.03
N VAL B 17 8.10 -18.20 -22.96
CA VAL B 17 9.48 -17.93 -22.56
C VAL B 17 10.46 -18.85 -23.30
N GLY B 18 11.44 -18.22 -23.94
CA GLY B 18 12.42 -18.92 -24.79
C GLY B 18 13.53 -19.58 -23.96
N ASP B 19 13.83 -18.96 -22.81
CA ASP B 19 14.97 -19.35 -21.99
C ASP B 19 14.68 -18.91 -20.57
N ASN B 20 14.40 -19.87 -19.71
CA ASN B 20 14.14 -19.59 -18.30
C ASN B 20 15.37 -19.82 -17.45
N GLN B 21 16.55 -19.97 -18.07
CA GLN B 21 17.79 -20.20 -17.35
C GLN B 21 18.76 -19.02 -17.33
N ASN B 22 18.88 -18.31 -18.46
CA ASN B 22 19.90 -17.32 -18.64
C ASN B 22 19.32 -15.89 -18.84
N SER B 23 19.85 -14.96 -18.05
CA SER B 23 19.64 -13.53 -18.23
C SER B 23 20.18 -13.10 -19.57
N ARG B 24 19.66 -11.98 -20.08
CA ARG B 24 20.19 -11.36 -21.31
C ARG B 24 21.36 -10.44 -21.07
N THR B 25 22.47 -10.71 -21.75
CA THR B 25 23.78 -10.15 -21.32
C THR B 25 24.63 -9.78 -22.55
N ALA B 26 25.69 -9.01 -22.31
CA ALA B 26 26.66 -8.64 -23.38
C ALA B 26 27.68 -9.76 -23.64
N GLY B 27 27.31 -10.69 -24.53
CA GLY B 27 28.02 -11.98 -24.70
C GLY B 27 27.77 -12.89 -23.51
N HIS B 28 28.36 -14.08 -23.55
CA HIS B 28 28.05 -15.12 -22.62
C HIS B 28 28.54 -14.78 -21.21
N ARG B 29 29.40 -13.79 -21.06
CA ARG B 29 29.87 -13.49 -19.70
C ARG B 29 29.82 -12.03 -19.28
N GLY B 30 29.17 -11.20 -20.07
CA GLY B 30 29.23 -9.74 -19.86
C GLY B 30 28.12 -9.37 -18.90
N PRO B 31 27.96 -8.06 -18.64
CA PRO B 31 26.91 -7.58 -17.72
C PRO B 31 25.53 -7.66 -18.34
N SER B 32 24.50 -7.48 -17.51
CA SER B 32 23.13 -7.73 -17.93
C SER B 32 22.38 -6.53 -18.50
N PHE B 33 21.50 -6.78 -19.45
CA PHE B 33 20.75 -5.69 -20.12
C PHE B 33 19.43 -5.41 -19.42
N LEU B 34 19.08 -4.11 -19.42
CA LEU B 34 17.78 -3.72 -18.94
C LEU B 34 16.61 -4.28 -19.75
N ASP B 35 16.77 -4.43 -21.07
CA ASP B 35 15.70 -5.01 -21.90
C ASP B 35 15.67 -6.54 -21.76
N ASP B 36 15.19 -7.01 -20.60
CA ASP B 36 14.97 -8.45 -20.34
C ASP B 36 13.69 -8.49 -19.55
N TYR B 37 12.57 -8.42 -20.27
CA TYR B 37 11.27 -8.28 -19.63
C TYR B 37 11.03 -9.52 -18.75
N HIS B 38 11.38 -10.70 -19.22
CA HIS B 38 11.06 -11.91 -18.39
C HIS B 38 11.79 -11.87 -17.02
N LEU B 39 13.07 -11.50 -17.02
CA LEU B 39 13.87 -11.31 -15.77
C LEU B 39 13.21 -10.28 -14.85
N ILE B 40 12.97 -9.07 -15.39
CA ILE B 40 12.47 -8.05 -14.53
C ILE B 40 11.09 -8.41 -13.99
N GLU B 41 10.21 -8.94 -14.84
CA GLU B 41 8.88 -9.27 -14.40
C GLU B 41 8.87 -10.37 -13.33
N LYS B 42 9.69 -11.39 -13.54
CA LYS B 42 9.81 -12.51 -12.65
C LYS B 42 10.42 -12.11 -11.29
N LEU B 43 11.48 -11.34 -11.32
CA LEU B 43 12.09 -10.80 -10.06
C LEU B 43 11.15 -9.81 -9.35
N ALA B 44 10.50 -8.94 -10.12
CA ALA B 44 9.63 -7.87 -9.48
C ALA B 44 8.45 -8.50 -8.76
N HIS B 45 7.92 -9.57 -9.32
CA HIS B 45 6.79 -10.29 -8.66
C HIS B 45 7.29 -11.04 -7.46
N PHE B 46 8.40 -11.78 -7.61
CA PHE B 46 9.11 -12.34 -6.44
C PHE B 46 9.34 -11.35 -5.28
N ASP B 47 9.77 -10.11 -5.64
CA ASP B 47 10.06 -9.09 -4.71
C ASP B 47 8.79 -8.57 -3.98
N ARG B 48 7.59 -8.88 -4.52
CA ARG B 48 6.34 -8.47 -3.96
C ARG B 48 5.44 -9.64 -3.42
N GLU B 49 6.00 -10.86 -3.21
CA GLU B 49 5.18 -11.94 -2.73
C GLU B 49 4.52 -11.72 -1.36
N ARG B 50 5.24 -11.07 -0.45
CA ARG B 50 4.85 -11.08 0.97
C ARG B 50 3.90 -9.96 1.29
N ILE B 51 2.95 -10.25 2.14
CA ILE B 51 2.06 -9.30 2.71
C ILE B 51 2.24 -9.25 4.26
N PRO B 52 1.68 -8.23 4.94
CA PRO B 52 1.87 -8.24 6.40
C PRO B 52 1.21 -9.43 7.07
N GLU B 53 1.83 -10.01 8.09
CA GLU B 53 1.25 -11.11 8.78
C GLU B 53 0.20 -10.50 9.71
N ARG B 54 -0.64 -11.37 10.25
CA ARG B 54 -1.63 -10.93 11.23
C ARG B 54 -0.98 -10.34 12.48
N VAL B 55 -1.55 -9.25 13.00
CA VAL B 55 -0.96 -8.58 14.17
C VAL B 55 -0.91 -9.39 15.45
N VAL B 56 -1.90 -10.27 15.60
CA VAL B 56 -1.77 -11.40 16.49
C VAL B 56 -2.28 -12.67 15.82
N HIS B 57 -2.00 -13.81 16.42
CA HIS B 57 -2.37 -15.08 15.78
C HIS B 57 -1.73 -15.31 14.36
N ALA B 58 -0.50 -14.91 14.21
CA ALA B 58 0.17 -14.98 12.94
C ALA B 58 0.52 -16.38 12.45
N ARG B 59 0.79 -17.28 13.41
CA ARG B 59 1.12 -18.67 13.18
C ARG B 59 -0.16 -19.51 13.29
N GLY B 60 -0.50 -20.12 12.20
CA GLY B 60 -1.72 -20.97 12.12
C GLY B 60 -1.83 -21.87 10.90
N ALA B 61 -2.92 -22.63 10.85
CA ALA B 61 -3.19 -23.60 9.81
C ALA B 61 -4.70 -23.72 9.60
N GLY B 62 -5.06 -23.97 8.35
CA GLY B 62 -6.43 -23.97 7.93
C GLY B 62 -6.95 -25.31 7.39
N ALA B 63 -8.25 -25.48 7.51
CA ALA B 63 -8.91 -26.63 6.81
C ALA B 63 -10.37 -26.36 6.50
N TYR B 64 -10.90 -27.05 5.49
CA TYR B 64 -12.34 -26.97 5.17
C TYR B 64 -13.12 -28.13 5.74
N GLY B 65 -14.43 -27.94 5.93
CA GLY B 65 -15.27 -29.08 6.38
C GLY B 65 -16.73 -28.84 6.26
N VAL B 66 -17.50 -29.53 7.09
CA VAL B 66 -18.93 -29.39 7.09
C VAL B 66 -19.42 -29.36 8.49
N PHE B 67 -20.43 -28.54 8.76
CA PHE B 67 -21.19 -28.56 9.99
C PHE B 67 -22.58 -29.13 9.72
N GLU B 68 -23.01 -30.12 10.52
CA GLU B 68 -24.38 -30.68 10.42
C GLU B 68 -25.20 -30.50 11.71
N VAL B 69 -26.43 -30.03 11.57
CA VAL B 69 -27.34 -29.85 12.70
C VAL B 69 -27.88 -31.20 13.17
N GLU B 70 -27.76 -31.46 14.46
CA GLU B 70 -28.47 -32.56 15.12
C GLU B 70 -29.79 -32.09 15.68
N ASN B 71 -29.82 -30.95 16.37
CA ASN B 71 -31.03 -30.43 16.98
C ASN B 71 -31.33 -29.02 16.47
N SER B 72 -32.40 -28.85 15.70
CA SER B 72 -32.77 -27.50 15.27
C SER B 72 -32.93 -26.50 16.42
N MET B 73 -32.56 -25.24 16.20
CA MET B 73 -32.46 -24.24 17.26
C MET B 73 -33.50 -23.15 17.10
N GLU B 74 -34.48 -23.37 16.24
CA GLU B 74 -35.39 -22.30 15.85
C GLU B 74 -36.25 -21.73 16.99
N LYS B 75 -36.44 -22.49 18.07
CA LYS B 75 -37.12 -21.95 19.28
C LYS B 75 -36.35 -20.74 19.85
N HIS B 76 -35.03 -20.72 19.65
CA HIS B 76 -34.15 -19.70 20.25
C HIS B 76 -33.46 -18.77 19.28
N THR B 77 -33.33 -19.15 18.01
CA THR B 77 -32.69 -18.27 17.07
C THR B 77 -33.32 -18.53 15.70
N ARG B 78 -33.52 -17.46 14.96
CA ARG B 78 -33.93 -17.57 13.55
C ARG B 78 -32.77 -17.92 12.61
N ALA B 79 -31.56 -18.15 13.12
CA ALA B 79 -30.43 -18.40 12.22
C ALA B 79 -30.71 -19.52 11.23
N ALA B 80 -30.55 -19.21 9.95
CA ALA B 80 -30.94 -20.15 8.90
C ALA B 80 -30.17 -21.47 8.99
N PHE B 81 -28.87 -21.38 9.20
CA PHE B 81 -28.04 -22.58 9.18
C PHE B 81 -28.39 -23.54 10.32
N LEU B 82 -29.16 -23.08 11.30
CA LEU B 82 -29.52 -23.93 12.45
C LEU B 82 -31.00 -24.40 12.45
N SER B 83 -31.69 -24.29 11.32
CA SER B 83 -33.15 -24.27 11.31
C SER B 83 -33.77 -25.68 11.24
N GLU B 84 -32.99 -26.67 10.82
CA GLU B 84 -33.49 -28.02 10.65
C GLU B 84 -32.47 -29.10 10.94
N GLU B 85 -32.98 -30.20 11.50
CA GLU B 85 -32.18 -31.39 11.73
C GLU B 85 -31.59 -31.89 10.40
N GLY B 86 -30.29 -32.21 10.42
CA GLY B 86 -29.59 -32.71 9.24
C GLY B 86 -29.03 -31.65 8.27
N LYS B 87 -29.30 -30.36 8.52
CA LYS B 87 -28.93 -29.31 7.62
C LYS B 87 -27.40 -29.23 7.68
N GLN B 88 -26.79 -29.29 6.52
CA GLN B 88 -25.33 -29.17 6.41
C GLN B 88 -24.93 -27.78 5.89
N THR B 89 -23.90 -27.21 6.51
CA THR B 89 -23.26 -25.96 6.07
C THR B 89 -21.75 -26.11 5.93
N ASP B 90 -21.21 -25.70 4.76
CA ASP B 90 -19.74 -25.69 4.56
C ASP B 90 -19.03 -24.74 5.47
N VAL B 91 -17.88 -25.15 5.99
CA VAL B 91 -17.07 -24.26 6.84
C VAL B 91 -15.64 -24.20 6.33
N PHE B 92 -15.00 -23.08 6.64
CA PHE B 92 -13.56 -22.95 6.72
C PHE B 92 -13.08 -22.52 8.11
N VAL B 93 -12.00 -23.17 8.57
CA VAL B 93 -11.49 -23.06 9.93
C VAL B 93 -10.01 -22.76 9.91
N ARG B 94 -9.56 -21.80 10.74
CA ARG B 94 -8.15 -21.54 10.97
C ARG B 94 -7.91 -21.68 12.43
N PHE B 95 -6.85 -22.43 12.75
CA PHE B 95 -6.36 -22.59 14.12
C PHE B 95 -5.04 -21.90 14.20
N SER B 96 -4.69 -21.41 15.40
CA SER B 96 -3.49 -20.66 15.54
C SER B 96 -2.94 -20.65 16.97
N THR B 97 -1.69 -20.20 17.08
CA THR B 97 -1.17 -19.65 18.30
C THR B 97 -1.47 -18.13 18.36
N VAL B 98 -0.87 -17.43 19.28
CA VAL B 98 -1.22 -15.99 19.41
C VAL B 98 -0.09 -14.97 19.23
N ILE B 99 0.98 -15.07 20.02
CA ILE B 99 1.83 -13.93 20.25
C ILE B 99 3.02 -13.86 19.27
N HIS B 100 3.67 -14.98 19.01
CA HIS B 100 4.89 -14.92 18.18
C HIS B 100 4.55 -14.86 16.70
N PRO B 101 5.52 -14.40 15.87
CA PRO B 101 5.27 -14.30 14.42
C PRO B 101 5.06 -15.59 13.61
N LYS B 102 4.80 -15.42 12.33
N LYS B 102 4.85 -15.43 12.31
CA LYS B 102 4.52 -16.52 11.41
CA LYS B 102 4.92 -16.53 11.35
C LYS B 102 5.29 -17.83 11.51
C LYS B 102 6.27 -17.23 11.55
N GLY B 103 6.61 -17.78 11.64
N GLY B 103 6.26 -18.54 11.40
CA GLY B 103 7.43 -19.02 11.57
CA GLY B 103 7.48 -19.25 11.50
C GLY B 103 7.77 -19.63 12.92
C GLY B 103 7.78 -19.69 12.93
N SER B 104 7.08 -19.15 13.94
CA SER B 104 7.39 -19.47 15.33
C SER B 104 6.85 -20.84 15.76
N PRO B 105 7.42 -21.42 16.82
CA PRO B 105 7.03 -22.85 17.13
C PRO B 105 5.60 -23.00 17.65
N GLU B 106 5.00 -24.17 17.47
CA GLU B 106 3.64 -24.42 17.94
C GLU B 106 3.64 -25.15 19.31
N THR B 107 4.81 -25.17 19.93
CA THR B 107 5.03 -25.71 21.23
C THR B 107 5.08 -24.70 22.35
N LEU B 108 4.84 -23.42 22.07
CA LEU B 108 4.91 -22.38 23.06
C LEU B 108 3.61 -22.29 23.86
N ARG B 109 3.69 -21.78 25.09
CA ARG B 109 2.46 -21.46 25.85
C ARG B 109 1.71 -20.28 25.23
N ASP B 110 0.39 -20.41 25.12
CA ASP B 110 -0.45 -19.41 24.43
C ASP B 110 -1.89 -19.97 24.39
N PRO B 111 -2.90 -19.10 24.44
CA PRO B 111 -4.22 -19.56 23.98
C PRO B 111 -4.08 -19.99 22.58
N ARG B 112 -5.05 -20.75 22.11
CA ARG B 112 -5.04 -21.17 20.71
C ARG B 112 -6.36 -20.55 20.08
N GLY B 113 -6.23 -20.01 18.89
CA GLY B 113 -7.33 -19.59 18.08
C GLY B 113 -8.06 -20.67 17.38
N PHE B 114 -9.36 -20.47 17.28
CA PHE B 114 -10.30 -21.46 16.85
C PHE B 114 -11.41 -20.70 16.06
N ALA B 115 -11.14 -20.37 14.79
CA ALA B 115 -11.94 -19.44 14.03
C ALA B 115 -12.72 -20.22 13.01
N VAL B 116 -14.08 -20.13 13.04
CA VAL B 116 -14.93 -20.87 12.13
C VAL B 116 -15.82 -19.99 11.28
N LYS B 117 -15.69 -20.16 9.96
CA LYS B 117 -16.45 -19.40 8.97
C LYS B 117 -17.47 -20.36 8.41
N PHE B 118 -18.77 -20.05 8.66
CA PHE B 118 -19.91 -20.82 8.15
C PHE B 118 -20.47 -20.08 6.93
N TYR B 119 -20.46 -20.75 5.78
CA TYR B 119 -21.00 -20.18 4.56
C TYR B 119 -22.52 -20.36 4.42
N THR B 120 -23.33 -19.48 5.07
CA THR B 120 -24.74 -19.80 5.24
C THR B 120 -25.57 -19.23 4.10
N GLU B 121 -26.80 -19.69 3.97
CA GLU B 121 -27.67 -19.19 2.88
C GLU B 121 -28.08 -17.72 3.15
N GLU B 122 -27.86 -17.24 4.37
CA GLU B 122 -28.14 -15.80 4.68
C GLU B 122 -26.90 -15.02 4.95
N GLY B 123 -25.77 -15.48 4.43
CA GLY B 123 -24.50 -14.77 4.54
C GLY B 123 -23.48 -15.57 5.32
N ASN B 124 -22.24 -15.11 5.30
CA ASN B 124 -21.19 -15.69 6.13
C ASN B 124 -21.30 -15.33 7.57
N TYR B 125 -21.25 -16.35 8.41
CA TYR B 125 -21.17 -16.24 9.86
C TYR B 125 -19.81 -16.72 10.38
N ASP B 126 -19.04 -15.83 10.97
CA ASP B 126 -17.73 -16.09 11.56
C ASP B 126 -17.88 -16.15 13.07
N LEU B 127 -17.53 -17.26 13.66
CA LEU B 127 -17.42 -17.38 15.13
C LEU B 127 -15.95 -17.51 15.44
N VAL B 128 -15.39 -16.41 15.92
CA VAL B 128 -13.97 -16.25 16.10
C VAL B 128 -13.59 -16.57 17.56
N GLY B 129 -13.34 -17.85 17.82
CA GLY B 129 -13.13 -18.35 19.20
C GLY B 129 -11.68 -18.55 19.53
N ASN B 130 -11.42 -18.94 20.77
CA ASN B 130 -10.20 -19.51 21.24
C ASN B 130 -10.49 -20.90 21.88
N ASN B 131 -9.46 -21.64 22.27
CA ASN B 131 -9.66 -22.93 23.02
C ASN B 131 -10.17 -22.62 24.42
N LEU B 132 -9.52 -21.67 25.12
CA LEU B 132 -9.95 -21.29 26.46
C LEU B 132 -11.19 -20.39 26.43
N PRO B 133 -12.07 -20.52 27.44
CA PRO B 133 -13.41 -19.95 27.38
C PRO B 133 -13.57 -18.52 27.95
N ILE B 134 -12.49 -17.93 28.48
CA ILE B 134 -12.51 -16.58 29.03
CA ILE B 134 -12.50 -16.58 29.04
C ILE B 134 -11.34 -15.79 28.50
N PHE B 135 -11.23 -14.55 28.92
CA PHE B 135 -10.14 -13.70 28.46
C PHE B 135 -9.47 -12.95 29.62
N PHE B 136 -8.34 -12.30 29.33
CA PHE B 136 -7.49 -11.61 30.31
C PHE B 136 -8.10 -10.26 30.71
N ILE B 137 -8.83 -9.67 29.79
CA ILE B 137 -9.33 -8.26 29.93
C ILE B 137 -10.80 -8.22 29.55
N ARG B 138 -11.47 -7.10 29.83
CA ARG B 138 -12.88 -6.97 29.56
C ARG B 138 -13.28 -5.71 28.79
N ASP B 139 -12.30 -4.95 28.30
CA ASP B 139 -12.55 -3.77 27.51
C ASP B 139 -11.49 -3.61 26.42
N ALA B 140 -11.91 -3.41 25.18
CA ALA B 140 -11.00 -3.44 24.08
C ALA B 140 -9.94 -2.33 24.11
N LEU B 141 -10.22 -1.25 24.80
CA LEU B 141 -9.23 -0.17 24.97
C LEU B 141 -7.90 -0.68 25.52
N LYS B 142 -7.92 -1.80 26.27
CA LYS B 142 -6.71 -2.33 26.87
C LYS B 142 -5.97 -3.34 25.94
N PHE B 143 -6.57 -3.72 24.83
CA PHE B 143 -6.03 -4.81 24.04
C PHE B 143 -4.63 -4.52 23.47
N PRO B 144 -4.37 -3.28 22.96
CA PRO B 144 -2.97 -3.02 22.45
C PRO B 144 -1.94 -2.95 23.56
N ASP B 145 -2.36 -2.56 24.74
CA ASP B 145 -1.51 -2.62 25.92
C ASP B 145 -1.16 -4.07 26.28
N MET B 146 -2.18 -4.91 26.40
CA MET B 146 -2.01 -6.32 26.78
C MET B 146 -1.07 -6.98 25.78
N VAL B 147 -1.38 -6.87 24.51
CA VAL B 147 -0.52 -7.47 23.45
C VAL B 147 0.93 -6.97 23.51
N HIS B 148 1.14 -5.65 23.66
CA HIS B 148 2.47 -5.09 23.65
C HIS B 148 3.29 -5.65 24.81
N SER B 149 2.63 -5.97 25.92
CA SER B 149 3.29 -6.48 27.09
C SER B 149 3.66 -7.95 26.85
N LEU B 150 2.82 -8.66 26.14
CA LEU B 150 3.07 -10.12 25.86
C LEU B 150 4.01 -10.35 24.75
N LYS B 151 3.99 -9.46 23.77
CA LYS B 151 4.86 -9.57 22.56
C LYS B 151 6.36 -9.43 22.92
N PRO B 152 7.25 -9.88 22.01
CA PRO B 152 8.64 -9.65 22.27
C PRO B 152 8.96 -8.20 22.55
N ASP B 153 9.85 -7.98 23.53
CA ASP B 153 10.28 -6.60 23.93
C ASP B 153 10.70 -5.84 22.73
N PRO B 154 10.31 -4.55 22.63
CA PRO B 154 10.57 -3.79 21.41
C PRO B 154 12.01 -3.42 21.14
N VAL B 155 12.88 -3.57 22.15
CA VAL B 155 14.30 -3.43 22.00
C VAL B 155 15.00 -4.75 21.68
N THR B 156 14.68 -5.80 22.42
CA THR B 156 15.44 -7.04 22.32
C THR B 156 14.88 -8.09 21.40
N ASN B 157 13.61 -7.97 21.06
CA ASN B 157 12.92 -9.00 20.20
C ASN B 157 12.77 -10.32 20.88
N ILE B 158 12.76 -10.33 22.22
CA ILE B 158 12.51 -11.56 22.97
C ILE B 158 11.36 -11.30 23.94
N GLN B 159 10.49 -12.32 24.13
CA GLN B 159 9.41 -12.16 25.07
C GLN B 159 9.98 -12.06 26.49
N ASP B 160 9.42 -11.20 27.32
CA ASP B 160 9.95 -11.00 28.67
C ASP B 160 8.80 -11.15 29.69
N PRO B 161 8.80 -12.22 30.54
CA PRO B 161 7.75 -12.31 31.61
C PRO B 161 7.63 -11.11 32.56
N ASP B 162 8.71 -10.41 32.78
CA ASP B 162 8.68 -9.19 33.60
C ASP B 162 7.76 -8.16 33.01
N ARG B 163 7.66 -8.13 31.68
CA ARG B 163 6.83 -7.13 31.02
C ARG B 163 5.34 -7.53 31.07
N TYR B 164 5.01 -8.75 30.69
CA TYR B 164 3.60 -9.12 30.74
C TYR B 164 3.06 -9.31 32.13
N TRP B 165 3.90 -9.74 33.07
CA TRP B 165 3.42 -9.87 34.46
C TRP B 165 3.24 -8.50 35.10
N ASP B 166 4.00 -7.50 34.70
CA ASP B 166 3.73 -6.11 35.14
C ASP B 166 2.33 -5.69 34.74
N PHE B 167 2.01 -5.84 33.48
CA PHE B 167 0.68 -5.57 33.04
C PHE B 167 -0.41 -6.42 33.67
N MET B 168 -0.24 -7.74 33.66
CA MET B 168 -1.31 -8.58 34.18
C MET B 168 -1.58 -8.38 35.67
N THR B 169 -0.55 -8.22 36.47
CA THR B 169 -0.74 -7.97 37.89
C THR B 169 -1.47 -6.65 38.21
N LEU B 170 -1.26 -5.65 37.38
CA LEU B 170 -1.94 -4.38 37.52
C LEU B 170 -3.33 -4.40 36.89
N THR B 171 -3.73 -5.55 36.40
CA THR B 171 -4.97 -5.79 35.65
C THR B 171 -5.55 -7.08 36.29
N PRO B 172 -5.99 -6.99 37.59
CA PRO B 172 -6.44 -8.15 38.35
C PRO B 172 -7.61 -8.88 37.72
N GLU B 173 -8.35 -8.26 36.83
CA GLU B 173 -9.34 -9.03 36.07
C GLU B 173 -8.74 -10.21 35.29
N SER B 174 -7.42 -10.21 35.09
CA SER B 174 -6.70 -11.32 34.38
C SER B 174 -6.57 -12.64 35.17
N THR B 175 -6.93 -12.59 36.45
CA THR B 175 -6.59 -13.68 37.36
C THR B 175 -7.26 -14.99 37.00
N HIS B 176 -8.53 -14.98 36.61
CA HIS B 176 -9.20 -16.22 36.14
C HIS B 176 -8.47 -16.80 34.92
N MET B 177 -8.27 -15.98 33.92
CA MET B 177 -7.62 -16.49 32.69
C MET B 177 -6.24 -17.07 32.93
N LEU B 178 -5.42 -16.40 33.73
CA LEU B 178 -4.07 -16.93 34.06
C LEU B 178 -4.15 -18.30 34.76
N THR B 179 -5.19 -18.48 35.58
CA THR B 179 -5.49 -19.78 36.18
C THR B 179 -5.78 -20.94 35.21
N TRP B 180 -6.40 -20.68 34.06
CA TRP B 180 -6.51 -21.65 33.01
C TRP B 180 -5.27 -21.78 32.16
N LEU B 181 -4.65 -20.65 31.80
CA LEU B 181 -3.51 -20.67 30.88
C LEU B 181 -2.22 -21.27 31.48
N PHE B 182 -2.07 -21.21 32.78
CA PHE B 182 -0.92 -21.86 33.37
C PHE B 182 -1.19 -23.28 33.92
N SER B 183 -2.39 -23.82 33.72
CA SER B 183 -2.52 -25.31 33.61
C SER B 183 -1.79 -25.82 32.37
N ASP B 184 -1.70 -27.12 32.18
CA ASP B 184 -1.01 -27.60 31.00
C ASP B 184 -1.82 -27.40 29.74
N GLU B 185 -3.09 -26.99 29.88
CA GLU B 185 -3.91 -26.58 28.72
C GLU B 185 -3.36 -25.29 28.05
N GLY B 186 -2.41 -24.63 28.71
CA GLY B 186 -1.68 -23.52 28.02
C GLY B 186 -0.88 -23.99 26.79
N ILE B 187 -0.68 -25.33 26.66
CA ILE B 187 0.07 -25.96 25.55
C ILE B 187 -0.70 -27.18 25.10
N PRO B 188 -1.73 -26.96 24.26
CA PRO B 188 -2.46 -28.06 23.63
C PRO B 188 -1.49 -28.96 22.86
N ALA B 189 -1.73 -30.29 22.88
CA ALA B 189 -0.86 -31.20 22.16
C ALA B 189 -0.84 -30.96 20.66
N ASN B 190 -1.99 -30.62 20.15
CA ASN B 190 -2.09 -30.19 18.75
C ASN B 190 -3.45 -29.46 18.57
N TYR B 191 -3.83 -29.13 17.34
CA TYR B 191 -5.08 -28.44 17.12
C TYR B 191 -6.32 -29.32 17.20
N ALA B 192 -6.17 -30.62 17.04
CA ALA B 192 -7.29 -31.57 16.96
C ALA B 192 -7.76 -31.91 18.36
N GLU B 193 -6.81 -32.05 19.27
CA GLU B 193 -7.09 -32.57 20.61
C GLU B 193 -7.22 -31.39 21.54
N MET B 194 -8.23 -30.56 21.26
CA MET B 194 -8.26 -29.22 21.78
C MET B 194 -9.73 -28.75 21.94
N ARG B 195 -10.01 -28.07 23.04
CA ARG B 195 -11.25 -27.38 23.28
C ARG B 195 -11.51 -26.22 22.31
N GLY B 196 -12.77 -25.87 22.06
CA GLY B 196 -13.10 -24.52 21.42
C GLY B 196 -14.18 -23.79 22.18
N SER B 197 -14.16 -22.44 22.12
CA SER B 197 -15.05 -21.62 22.91
C SER B 197 -15.40 -20.39 22.16
N GLY B 198 -16.64 -19.94 22.22
CA GLY B 198 -16.95 -18.56 21.69
C GLY B 198 -16.44 -17.45 22.56
N VAL B 199 -16.20 -17.77 23.84
CA VAL B 199 -15.71 -16.84 24.84
C VAL B 199 -16.80 -15.84 25.24
N HIS B 200 -17.18 -14.94 24.33
CA HIS B 200 -18.22 -13.97 24.63
C HIS B 200 -19.58 -14.58 24.75
N THR B 201 -20.39 -13.92 25.58
CA THR B 201 -21.82 -14.04 25.47
C THR B 201 -22.24 -13.31 24.20
N PHE B 202 -23.09 -13.94 23.39
CA PHE B 202 -23.81 -13.29 22.29
C PHE B 202 -25.32 -13.23 22.60
N ARG B 203 -26.07 -12.64 21.69
CA ARG B 203 -27.54 -12.64 21.78
C ARG B 203 -28.10 -13.54 20.67
N TRP B 204 -28.95 -14.50 21.03
CA TRP B 204 -29.80 -15.18 20.06
C TRP B 204 -31.22 -14.58 20.00
N VAL B 205 -31.71 -14.34 18.79
CA VAL B 205 -33.03 -13.70 18.61
C VAL B 205 -33.89 -14.57 17.70
N ASN B 206 -35.08 -14.91 18.16
CA ASN B 206 -35.89 -15.87 17.45
C ASN B 206 -36.87 -15.14 16.53
N LYS B 207 -37.71 -15.88 15.81
CA LYS B 207 -38.61 -15.21 14.84
C LYS B 207 -39.67 -14.28 15.47
N TYR B 208 -39.92 -14.45 16.76
CA TYR B 208 -40.87 -13.59 17.49
C TYR B 208 -40.18 -12.39 18.12
N GLY B 209 -38.86 -12.27 17.90
CA GLY B 209 -38.11 -11.15 18.45
C GLY B 209 -37.69 -11.38 19.89
N GLU B 210 -37.86 -12.60 20.40
CA GLU B 210 -37.42 -12.90 21.74
C GLU B 210 -35.93 -13.14 21.76
N THR B 211 -35.27 -12.66 22.81
CA THR B 211 -33.78 -12.69 22.91
C THR B 211 -33.34 -13.48 24.11
N LYS B 212 -32.36 -14.38 23.92
CA LYS B 212 -31.57 -14.98 25.02
C LYS B 212 -30.11 -14.71 24.89
N TYR B 213 -29.39 -14.66 26.01
CA TYR B 213 -27.91 -14.77 25.95
C TYR B 213 -27.45 -16.19 25.64
N VAL B 214 -26.38 -16.31 24.86
CA VAL B 214 -25.86 -17.64 24.45
C VAL B 214 -24.36 -17.65 24.63
N LYS B 215 -23.84 -18.83 25.02
CA LYS B 215 -22.43 -19.18 24.91
C LYS B 215 -22.25 -20.43 24.08
N TYR B 216 -21.18 -20.45 23.29
CA TYR B 216 -20.79 -21.53 22.45
C TYR B 216 -19.57 -22.31 22.98
N HIS B 217 -19.63 -23.65 22.82
CA HIS B 217 -18.57 -24.55 23.22
C HIS B 217 -18.37 -25.63 22.16
N TRP B 218 -17.12 -25.93 21.82
CA TRP B 218 -16.77 -26.98 20.87
C TRP B 218 -16.08 -28.08 21.63
N ARG B 219 -16.57 -29.32 21.54
CA ARG B 219 -16.03 -30.45 22.28
C ARG B 219 -15.37 -31.43 21.29
N PRO B 220 -14.00 -31.60 21.37
CA PRO B 220 -13.30 -32.43 20.40
C PRO B 220 -13.69 -33.90 20.43
N SER B 221 -13.97 -34.48 19.26
CA SER B 221 -14.15 -35.93 19.19
C SER B 221 -12.90 -36.68 19.62
N GLU B 222 -11.73 -36.09 19.34
CA GLU B 222 -10.45 -36.67 19.67
C GLU B 222 -10.04 -36.50 21.13
N GLY B 223 -10.85 -35.82 21.96
CA GLY B 223 -10.50 -35.57 23.37
C GLY B 223 -9.59 -34.40 23.55
N ILE B 224 -9.48 -33.91 24.77
CA ILE B 224 -8.57 -32.83 25.10
C ILE B 224 -7.24 -33.41 25.57
N ARG B 225 -6.13 -33.07 24.94
CA ARG B 225 -4.81 -33.50 25.42
C ARG B 225 -3.81 -32.32 25.39
N ASN B 226 -2.97 -32.23 26.43
CA ASN B 226 -2.08 -31.14 26.67
C ASN B 226 -0.63 -31.66 26.82
N LEU B 227 0.30 -30.73 26.77
CA LEU B 227 1.69 -30.96 27.02
C LEU B 227 2.19 -30.28 28.25
N SER B 228 2.92 -31.00 29.06
CA SER B 228 3.78 -30.39 30.07
C SER B 228 4.87 -29.52 29.40
N MET B 229 5.52 -28.67 30.20
CA MET B 229 6.67 -27.91 29.71
CA MET B 229 6.66 -27.91 29.71
C MET B 229 7.73 -28.82 29.12
N GLU B 230 7.97 -29.94 29.78
CA GLU B 230 9.02 -30.85 29.33
C GLU B 230 8.65 -31.63 28.06
N GLU B 231 7.39 -32.03 27.96
CA GLU B 231 6.85 -32.64 26.74
C GLU B 231 6.93 -31.70 25.59
N ALA B 232 6.58 -30.42 25.82
CA ALA B 232 6.67 -29.42 24.76
C ALA B 232 8.08 -29.18 24.24
N ALA B 233 9.08 -29.12 25.14
CA ALA B 233 10.48 -28.95 24.74
C ALA B 233 10.98 -30.12 23.91
N GLU B 234 10.49 -31.34 24.19
CA GLU B 234 10.99 -32.49 23.47
C GLU B 234 10.49 -32.46 22.02
N ILE B 235 9.24 -32.07 21.84
CA ILE B 235 8.69 -31.85 20.51
C ILE B 235 9.43 -30.67 19.84
N GLN B 236 9.63 -29.60 20.61
CA GLN B 236 10.19 -28.38 19.95
C GLN B 236 11.58 -28.67 19.35
N ALA B 237 12.32 -29.60 19.99
CA ALA B 237 13.71 -29.96 19.58
C ALA B 237 13.78 -30.46 18.16
N ASN B 238 12.72 -31.10 17.71
CA ASN B 238 12.70 -31.75 16.40
C ASN B 238 11.70 -31.21 15.39
N ASP B 239 10.75 -30.35 15.85
CA ASP B 239 9.70 -29.85 14.93
C ASP B 239 9.06 -28.59 15.53
N PHE B 240 9.30 -27.48 14.86
CA PHE B 240 8.68 -26.21 15.26
C PHE B 240 7.34 -25.93 14.53
N GLN B 241 6.83 -26.89 13.74
CA GLN B 241 5.49 -26.76 13.14
C GLN B 241 4.66 -28.02 13.31
N HIS B 242 4.77 -28.62 14.47
CA HIS B 242 4.20 -29.97 14.69
C HIS B 242 2.65 -30.02 14.61
N ALA B 243 1.99 -28.90 15.00
CA ALA B 243 0.50 -28.91 15.00
C ALA B 243 -0.05 -28.67 13.60
N THR B 244 0.59 -27.75 12.84
CA THR B 244 0.35 -27.61 11.40
C THR B 244 0.48 -28.96 10.64
N ARG B 245 1.54 -29.66 10.96
CA ARG B 245 1.82 -30.95 10.33
C ARG B 245 0.71 -31.94 10.68
N ASP B 246 0.36 -32.01 11.95
CA ASP B 246 -0.62 -33.02 12.49
C ASP B 246 -1.98 -32.83 11.87
N LEU B 247 -2.45 -31.57 11.79
CA LEU B 247 -3.75 -31.29 11.13
C LEU B 247 -3.78 -31.72 9.66
N TYR B 248 -2.76 -31.32 8.89
CA TYR B 248 -2.70 -31.70 7.48
C TYR B 248 -2.73 -33.22 7.32
N ASP B 249 -1.86 -33.85 8.10
CA ASP B 249 -1.67 -35.33 8.03
C ASP B 249 -2.94 -36.13 8.39
N ARG B 250 -3.67 -35.72 9.45
CA ARG B 250 -4.91 -36.36 9.81
C ARG B 250 -5.86 -36.32 8.62
N ILE B 251 -5.93 -35.17 7.97
CA ILE B 251 -6.91 -35.00 6.90
C ILE B 251 -6.47 -35.75 5.65
N GLU B 252 -5.17 -35.74 5.37
CA GLU B 252 -4.68 -36.39 4.17
C GLU B 252 -4.94 -37.89 4.30
N LYS B 253 -4.86 -38.41 5.52
CA LYS B 253 -5.09 -39.87 5.68
C LYS B 253 -6.51 -40.27 5.99
N GLY B 254 -7.44 -39.32 5.98
CA GLY B 254 -8.88 -39.63 6.15
C GLY B 254 -9.27 -39.76 7.59
N ASN B 255 -8.39 -39.36 8.50
CA ASN B 255 -8.69 -39.34 9.93
C ASN B 255 -9.21 -37.96 10.35
N TYR B 256 -10.41 -37.62 9.89
CA TYR B 256 -10.94 -36.27 9.97
C TYR B 256 -11.24 -35.90 11.42
N PRO B 257 -10.68 -34.79 11.93
CA PRO B 257 -11.04 -34.41 13.29
C PRO B 257 -12.42 -33.78 13.34
N ALA B 258 -13.11 -33.95 14.45
CA ALA B 258 -14.43 -33.33 14.60
C ALA B 258 -14.64 -32.76 16.00
N TRP B 259 -15.59 -31.83 16.08
CA TRP B 259 -16.02 -31.18 17.30
C TRP B 259 -17.54 -31.13 17.32
N ASP B 260 -18.12 -31.51 18.45
CA ASP B 260 -19.54 -31.24 18.71
C ASP B 260 -19.76 -29.82 19.25
N LEU B 261 -20.77 -29.15 18.74
CA LEU B 261 -21.10 -27.79 19.17
C LEU B 261 -22.20 -27.91 20.19
N TYR B 262 -21.93 -27.35 21.37
CA TYR B 262 -22.97 -27.15 22.39
C TYR B 262 -23.19 -25.68 22.65
N VAL B 263 -24.36 -25.38 23.22
CA VAL B 263 -24.63 -24.00 23.71
C VAL B 263 -25.14 -24.03 25.13
N GLN B 264 -24.91 -22.93 25.84
CA GLN B 264 -25.68 -22.60 27.06
C GLN B 264 -26.57 -21.42 26.72
N LEU B 265 -27.78 -21.40 27.29
CA LEU B 265 -28.68 -20.29 27.11
C LEU B 265 -29.16 -19.68 28.45
N MET B 266 -29.23 -18.36 28.51
CA MET B 266 -29.55 -17.63 29.73
C MET B 266 -30.52 -16.49 29.42
N PRO B 267 -31.64 -16.41 30.17
CA PRO B 267 -32.49 -15.20 30.09
C PRO B 267 -31.72 -13.91 30.38
N LEU B 268 -32.03 -12.86 29.64
CA LEU B 268 -31.56 -11.49 29.95
C LEU B 268 -31.84 -11.08 31.41
N SER B 269 -33.00 -11.52 31.95
CA SER B 269 -33.46 -11.15 33.29
C SER B 269 -32.62 -11.81 34.41
N ASP B 270 -31.70 -12.72 34.07
CA ASP B 270 -30.85 -13.35 35.10
C ASP B 270 -29.72 -12.47 35.57
N TYR B 271 -29.52 -11.32 34.92
CA TYR B 271 -28.46 -10.39 35.33
C TYR B 271 -28.43 -10.17 36.82
N ASP B 272 -29.59 -9.94 37.47
CA ASP B 272 -29.63 -9.56 38.87
C ASP B 272 -29.52 -10.74 39.79
N GLU B 273 -29.79 -11.92 39.23
CA GLU B 273 -29.65 -13.14 39.98
C GLU B 273 -28.21 -13.55 40.18
N LEU B 274 -27.28 -12.89 39.49
CA LEU B 274 -25.88 -13.25 39.56
C LEU B 274 -24.94 -12.28 40.32
N ASP B 275 -23.87 -12.80 40.87
CA ASP B 275 -22.84 -11.96 41.48
C ASP B 275 -21.67 -11.63 40.54
N TYR B 276 -21.87 -11.83 39.25
CA TYR B 276 -21.00 -11.32 38.24
C TYR B 276 -21.86 -10.83 37.06
N ASP B 277 -21.22 -10.10 36.14
CA ASP B 277 -21.88 -9.66 34.89
C ASP B 277 -21.83 -10.79 33.86
N PRO B 278 -23.01 -11.27 33.38
CA PRO B 278 -22.93 -12.38 32.43
C PRO B 278 -22.30 -12.01 31.09
N CYS B 279 -22.12 -10.71 30.79
CA CYS B 279 -21.31 -10.28 29.62
C CYS B 279 -19.85 -9.84 29.91
N ASP B 280 -19.32 -10.22 31.08
CA ASP B 280 -17.94 -10.02 31.42
C ASP B 280 -17.22 -11.28 30.90
N PRO B 281 -16.38 -11.12 29.89
CA PRO B 281 -15.68 -12.22 29.25
C PRO B 281 -14.55 -12.81 30.11
N THR B 282 -14.32 -12.28 31.31
CA THR B 282 -13.44 -12.93 32.27
C THR B 282 -14.22 -13.97 33.09
N LYS B 283 -15.49 -14.18 32.75
CA LYS B 283 -16.37 -15.05 33.48
C LYS B 283 -16.92 -16.21 32.62
N THR B 284 -16.99 -17.42 33.20
CA THR B 284 -17.83 -18.45 32.64
C THR B 284 -19.22 -18.48 33.33
N TRP B 285 -20.17 -19.17 32.70
CA TRP B 285 -21.44 -19.54 33.32
C TRP B 285 -21.43 -21.01 33.80
N SER B 286 -22.01 -21.23 34.97
CA SER B 286 -22.12 -22.57 35.53
C SER B 286 -22.81 -23.55 34.58
N GLU B 287 -22.18 -24.72 34.33
CA GLU B 287 -22.83 -25.76 33.55
C GLU B 287 -23.92 -26.53 34.36
N GLU B 288 -23.87 -26.43 35.67
CA GLU B 288 -24.98 -26.91 36.49
C GLU B 288 -26.19 -26.06 36.33
N ASP B 289 -26.02 -24.74 36.40
CA ASP B 289 -27.15 -23.79 36.33
C ASP B 289 -27.66 -23.46 34.91
N TYR B 290 -26.77 -23.54 33.92
CA TYR B 290 -27.05 -23.28 32.52
C TYR B 290 -26.48 -24.40 31.70
N PRO B 291 -27.21 -25.53 31.61
CA PRO B 291 -26.65 -26.77 31.07
C PRO B 291 -26.30 -26.72 29.59
N LEU B 292 -25.28 -27.50 29.22
CA LEU B 292 -24.87 -27.60 27.82
C LEU B 292 -25.95 -28.30 26.98
N GLN B 293 -26.30 -27.70 25.85
CA GLN B 293 -27.33 -28.25 24.95
C GLN B 293 -26.69 -28.54 23.59
N LYS B 294 -26.76 -29.80 23.14
CA LYS B 294 -26.10 -30.16 21.87
C LYS B 294 -26.78 -29.56 20.66
N VAL B 295 -25.96 -29.04 19.75
CA VAL B 295 -26.52 -28.44 18.55
C VAL B 295 -26.21 -29.28 17.35
N GLY B 296 -24.94 -29.59 17.16
CA GLY B 296 -24.52 -30.34 15.98
C GLY B 296 -23.02 -30.64 16.02
N ARG B 297 -22.47 -31.03 14.87
CA ARG B 297 -21.10 -31.51 14.75
C ARG B 297 -20.42 -30.97 13.53
N MET B 298 -19.19 -30.54 13.71
CA MET B 298 -18.39 -30.02 12.63
C MET B 298 -17.29 -30.98 12.37
N THR B 299 -17.10 -31.34 11.11
CA THR B 299 -16.04 -32.30 10.72
C THR B 299 -15.16 -31.60 9.71
N LEU B 300 -13.85 -31.63 9.93
CA LEU B 300 -12.92 -31.07 8.95
C LEU B 300 -12.32 -32.17 8.06
N ASN B 301 -12.54 -32.09 6.75
CA ASN B 301 -12.23 -33.20 5.82
C ASN B 301 -11.48 -32.81 4.55
N ARG B 302 -10.97 -31.58 4.45
CA ARG B 302 -10.38 -31.13 3.20
C ARG B 302 -9.30 -30.08 3.44
N ASN B 303 -8.07 -30.38 2.99
CA ASN B 303 -6.99 -29.38 3.11
C ASN B 303 -7.09 -28.35 2.01
N PRO B 304 -6.57 -27.13 2.26
CA PRO B 304 -6.60 -26.13 1.21
C PRO B 304 -5.73 -26.50 0.02
N GLU B 305 -6.00 -25.93 -1.15
CA GLU B 305 -5.13 -26.14 -2.32
C GLU B 305 -3.87 -25.28 -2.33
N ASN B 306 -3.93 -24.10 -1.70
CA ASN B 306 -2.75 -23.20 -1.56
C ASN B 306 -2.76 -22.49 -0.23
N PHE B 307 -1.65 -22.58 0.54
CA PHE B 307 -1.66 -22.10 1.87
C PHE B 307 -1.75 -20.56 1.85
N PHE B 308 -1.01 -19.88 0.97
CA PHE B 308 -1.11 -18.40 0.98
C PHE B 308 -2.48 -17.87 0.58
N ALA B 309 -3.01 -18.38 -0.51
CA ALA B 309 -4.24 -17.84 -1.09
C ALA B 309 -5.46 -18.03 -0.20
N GLU B 310 -5.49 -19.18 0.45
CA GLU B 310 -6.58 -19.57 1.28
C GLU B 310 -6.36 -19.39 2.77
N THR B 311 -5.31 -19.94 3.33
CA THR B 311 -5.12 -19.82 4.79
C THR B 311 -4.51 -18.50 5.20
N GLU B 312 -3.51 -18.04 4.48
CA GLU B 312 -2.88 -16.78 4.92
C GLU B 312 -3.84 -15.58 4.67
N GLN B 313 -4.57 -15.58 3.58
CA GLN B 313 -5.45 -14.48 3.23
C GLN B 313 -6.85 -14.60 3.87
N ALA B 314 -7.13 -15.68 4.60
CA ALA B 314 -8.42 -15.82 5.32
C ALA B 314 -8.72 -14.67 6.24
N ALA B 315 -9.93 -14.17 6.23
CA ALA B 315 -10.31 -13.03 7.03
C ALA B 315 -11.55 -13.33 7.83
N PHE B 316 -11.45 -13.37 9.16
CA PHE B 316 -12.62 -13.62 9.98
C PHE B 316 -12.96 -12.35 10.77
N THR B 317 -14.24 -12.16 11.17
CA THR B 317 -14.58 -11.08 12.08
C THR B 317 -15.75 -11.39 12.98
N PRO B 318 -15.64 -11.10 14.30
CA PRO B 318 -16.86 -11.33 15.10
C PRO B 318 -18.08 -10.56 14.68
N SER B 319 -17.90 -9.44 13.96
CA SER B 319 -18.97 -8.66 13.41
C SER B 319 -19.60 -9.30 12.11
N ALA B 320 -19.12 -10.49 11.67
CA ALA B 320 -19.82 -11.16 10.56
C ALA B 320 -20.92 -12.02 11.15
N LEU B 321 -21.93 -11.33 11.59
CA LEU B 321 -23.11 -11.93 12.27
C LEU B 321 -24.26 -12.15 11.25
N VAL B 322 -25.07 -13.20 11.44
CA VAL B 322 -26.22 -13.46 10.51
C VAL B 322 -27.54 -13.27 11.24
N PRO B 323 -28.64 -13.06 10.50
CA PRO B 323 -29.89 -12.81 11.18
C PRO B 323 -30.20 -13.93 12.19
N GLY B 324 -30.60 -13.49 13.40
CA GLY B 324 -30.83 -14.36 14.54
C GLY B 324 -29.68 -14.45 15.53
N ILE B 325 -28.52 -13.90 15.17
CA ILE B 325 -27.33 -13.92 16.03
C ILE B 325 -26.68 -12.51 16.07
N GLU B 326 -26.54 -11.94 17.27
CA GLU B 326 -26.17 -10.54 17.45
C GLU B 326 -25.11 -10.43 18.53
N ALA B 327 -24.42 -9.30 18.55
CA ALA B 327 -23.44 -9.01 19.61
C ALA B 327 -24.15 -8.86 20.94
N SER B 328 -23.46 -9.14 22.02
CA SER B 328 -23.84 -8.64 23.27
C SER B 328 -23.11 -7.33 23.54
N GLU B 329 -23.49 -6.76 24.67
CA GLU B 329 -22.93 -5.52 25.20
C GLU B 329 -21.51 -5.63 25.73
N ASP B 330 -20.96 -6.83 25.77
CA ASP B 330 -19.58 -7.13 26.21
C ASP B 330 -18.59 -6.13 25.56
N LYS B 331 -17.90 -5.36 26.40
CA LYS B 331 -17.13 -4.20 25.90
C LYS B 331 -15.88 -4.67 25.12
N LEU B 332 -15.43 -5.87 25.39
CA LEU B 332 -14.28 -6.48 24.69
C LEU B 332 -14.76 -6.86 23.27
N LEU B 333 -15.85 -7.62 23.22
CA LEU B 333 -16.54 -7.86 21.95
C LEU B 333 -16.82 -6.62 21.12
N GLN B 334 -17.29 -5.54 21.74
CA GLN B 334 -17.63 -4.39 21.04
C GLN B 334 -16.44 -3.82 20.20
N GLY B 335 -15.26 -3.75 20.78
CA GLY B 335 -14.08 -3.35 20.00
C GLY B 335 -13.67 -4.30 18.85
N ARG B 336 -13.83 -5.61 19.06
CA ARG B 336 -13.47 -6.60 18.07
C ARG B 336 -14.34 -6.39 16.82
N LEU B 337 -15.58 -5.98 17.01
CA LEU B 337 -16.50 -5.75 15.85
C LEU B 337 -15.87 -4.80 14.84
N PHE B 338 -15.15 -3.81 15.37
CA PHE B 338 -14.41 -2.84 14.58
C PHE B 338 -13.07 -3.33 14.09
N SER B 339 -12.25 -3.89 15.01
CA SER B 339 -10.80 -4.09 14.74
C SER B 339 -10.53 -5.08 13.63
N TYR B 340 -11.33 -6.13 13.49
CA TYR B 340 -11.03 -7.15 12.49
C TYR B 340 -11.14 -6.66 11.03
N PRO B 341 -12.28 -6.05 10.64
CA PRO B 341 -12.37 -5.62 9.24
C PRO B 341 -11.38 -4.46 9.02
N ASP B 342 -11.10 -3.70 10.07
CA ASP B 342 -10.18 -2.56 9.99
C ASP B 342 -8.78 -3.04 9.71
N THR B 343 -8.29 -3.98 10.52
CA THR B 343 -6.97 -4.62 10.24
C THR B 343 -6.93 -5.35 8.89
N GLN B 344 -8.02 -5.95 8.47
CA GLN B 344 -8.04 -6.71 7.22
C GLN B 344 -7.92 -5.83 5.96
N ARG B 345 -8.55 -4.67 6.00
CA ARG B 345 -8.43 -3.72 4.92
C ARG B 345 -6.99 -3.33 4.67
N HIS B 346 -6.21 -3.11 5.73
CA HIS B 346 -4.77 -2.88 5.72
C HIS B 346 -4.02 -4.12 5.26
N ARG B 347 -4.32 -5.24 5.90
CA ARG B 347 -3.52 -6.48 5.65
C ARG B 347 -3.71 -7.00 4.23
N LEU B 348 -4.94 -6.91 3.73
CA LEU B 348 -5.37 -7.73 2.56
C LEU B 348 -5.88 -6.87 1.40
N GLY B 349 -6.21 -5.57 1.67
CA GLY B 349 -6.68 -4.63 0.69
C GLY B 349 -8.19 -4.34 0.91
N ALA B 350 -8.64 -3.23 0.35
CA ALA B 350 -10.04 -2.78 0.49
C ALA B 350 -11.02 -3.81 -0.01
N ASN B 351 -10.60 -4.57 -1.02
CA ASN B 351 -11.47 -5.63 -1.64
C ASN B 351 -11.22 -7.06 -1.15
N TYR B 352 -10.80 -7.19 0.10
CA TYR B 352 -10.42 -8.49 0.66
C TYR B 352 -11.59 -9.46 0.73
N MET B 353 -12.81 -8.93 0.76
CA MET B 353 -14.02 -9.79 0.74
C MET B 353 -14.29 -10.52 -0.58
N ARG B 354 -13.53 -10.21 -1.63
CA ARG B 354 -13.62 -10.87 -2.92
C ARG B 354 -12.58 -12.00 -3.09
N ILE B 355 -11.66 -12.12 -2.12
CA ILE B 355 -10.71 -13.17 -2.14
C ILE B 355 -11.51 -14.45 -1.95
N PRO B 356 -11.26 -15.45 -2.78
CA PRO B 356 -12.19 -16.57 -2.79
C PRO B 356 -12.60 -17.16 -1.40
N VAL B 357 -11.65 -17.48 -0.53
CA VAL B 357 -11.97 -18.09 0.76
C VAL B 357 -12.90 -17.18 1.54
N ASN B 358 -12.83 -15.87 1.29
CA ASN B 358 -13.64 -14.94 2.04
C ASN B 358 -15.01 -14.66 1.45
N CYS B 359 -15.19 -15.06 0.22
CA CYS B 359 -16.49 -14.85 -0.47
C CYS B 359 -17.66 -15.62 0.17
N PRO B 360 -18.84 -14.97 0.29
CA PRO B 360 -20.05 -15.70 0.70
C PRO B 360 -20.55 -16.64 -0.39
N TYR B 361 -21.30 -17.66 0.01
CA TYR B 361 -22.10 -18.44 -0.92
C TYR B 361 -23.38 -17.71 -1.32
N ALA B 362 -23.96 -16.98 -0.36
CA ALA B 362 -25.08 -16.10 -0.60
C ALA B 362 -24.76 -14.95 -1.57
N PRO B 363 -25.78 -14.52 -2.30
CA PRO B 363 -25.54 -13.41 -3.25
C PRO B 363 -25.06 -12.09 -2.61
N VAL B 364 -24.20 -11.35 -3.34
CA VAL B 364 -23.77 -10.06 -2.89
C VAL B 364 -24.19 -9.02 -3.92
N HIS B 365 -24.98 -8.04 -3.49
CA HIS B 365 -25.33 -6.93 -4.33
C HIS B 365 -25.33 -5.69 -3.50
N ASN B 366 -24.56 -4.70 -3.90
CA ASN B 366 -24.69 -3.42 -3.27
C ASN B 366 -24.04 -2.36 -4.10
N ASN B 367 -23.96 -1.17 -3.56
CA ASN B 367 -23.54 -0.01 -4.32
C ASN B 367 -22.09 0.49 -3.99
N GLN B 368 -21.32 -0.37 -3.35
CA GLN B 368 -19.90 -0.16 -3.16
C GLN B 368 -19.19 -0.31 -4.52
N GLN B 369 -18.05 0.35 -4.68
CA GLN B 369 -17.32 0.31 -5.95
C GLN B 369 -15.82 0.55 -5.76
N ASP B 370 -15.06 0.12 -6.78
CA ASP B 370 -13.69 0.55 -7.03
C ASP B 370 -12.82 0.00 -5.85
N GLY B 371 -11.73 0.68 -5.50
CA GLY B 371 -10.72 0.14 -4.59
C GLY B 371 -9.66 -0.65 -5.31
N PHE B 372 -8.50 -0.77 -4.67
CA PHE B 372 -7.36 -1.44 -5.27
CA PHE B 372 -7.36 -1.44 -5.20
C PHE B 372 -7.76 -2.85 -5.69
N MET B 373 -7.26 -3.23 -6.84
CA MET B 373 -7.47 -4.61 -7.37
C MET B 373 -8.95 -4.97 -7.53
N THR B 374 -9.64 -4.15 -8.31
CA THR B 374 -11.02 -4.42 -8.71
C THR B 374 -11.02 -5.45 -9.82
N THR B 375 -11.38 -6.68 -9.46
CA THR B 375 -11.26 -7.81 -10.42
C THR B 375 -12.62 -8.36 -10.84
N THR B 376 -13.73 -7.79 -10.35
CA THR B 376 -15.07 -8.40 -10.44
C THR B 376 -15.96 -8.00 -11.66
N ARG B 377 -15.42 -7.25 -12.60
CA ARG B 377 -16.16 -6.85 -13.82
C ARG B 377 -17.48 -6.16 -13.51
N PRO B 378 -17.44 -4.99 -12.85
CA PRO B 378 -18.68 -4.29 -12.52
C PRO B 378 -19.32 -3.69 -13.77
N SER B 379 -20.61 -3.34 -13.68
CA SER B 379 -21.35 -2.77 -14.78
C SER B 379 -22.55 -2.01 -14.25
N GLY B 380 -23.18 -1.21 -15.12
CA GLY B 380 -24.35 -0.48 -14.74
C GLY B 380 -24.03 0.98 -14.46
N HIS B 381 -25.09 1.80 -14.52
CA HIS B 381 -25.00 3.23 -14.27
C HIS B 381 -25.36 3.64 -12.84
N ILE B 382 -25.95 2.72 -12.08
CA ILE B 382 -26.63 3.07 -10.86
C ILE B 382 -25.91 2.46 -9.66
N ASN B 383 -25.24 3.34 -8.94
CA ASN B 383 -24.38 2.94 -7.78
C ASN B 383 -24.74 3.76 -6.53
N TYR B 384 -26.04 4.12 -6.45
CA TYR B 384 -26.59 4.90 -5.39
C TYR B 384 -28.05 4.40 -5.12
N GLU B 385 -28.48 4.56 -3.88
CA GLU B 385 -29.84 4.28 -3.44
C GLU B 385 -30.18 5.31 -2.38
N PRO B 386 -31.41 5.87 -2.39
CA PRO B 386 -32.54 5.50 -3.22
C PRO B 386 -32.37 5.87 -4.68
N ASN B 387 -33.07 5.11 -5.51
CA ASN B 387 -33.11 5.38 -6.92
C ASN B 387 -34.44 4.96 -7.48
N ARG B 388 -34.74 5.40 -8.70
CA ARG B 388 -36.08 5.23 -9.27
C ARG B 388 -36.30 3.88 -9.94
N TYR B 389 -35.32 2.96 -9.83
CA TYR B 389 -35.35 1.71 -10.60
C TYR B 389 -35.70 0.52 -9.76
N ASP B 390 -36.80 -0.15 -10.11
CA ASP B 390 -37.34 -1.24 -9.27
C ASP B 390 -36.46 -2.48 -9.23
N ASP B 391 -35.66 -2.64 -10.28
CA ASP B 391 -34.82 -3.82 -10.46
C ASP B 391 -33.48 -3.71 -9.73
N GLN B 392 -33.10 -2.53 -9.26
CA GLN B 392 -31.83 -2.32 -8.53
C GLN B 392 -31.97 -2.83 -7.08
N PRO B 393 -30.85 -3.17 -6.41
CA PRO B 393 -30.97 -3.73 -5.08
C PRO B 393 -31.66 -2.78 -4.07
N LYS B 394 -32.59 -3.33 -3.29
CA LYS B 394 -33.28 -2.57 -2.25
C LYS B 394 -33.17 -3.23 -0.87
N GLU B 395 -33.31 -2.40 0.17
CA GLU B 395 -33.32 -2.89 1.54
C GLU B 395 -34.53 -3.85 1.73
N ASN B 396 -34.42 -4.72 2.70
CA ASN B 396 -35.42 -5.72 2.99
C ASN B 396 -35.74 -5.74 4.50
N PRO B 397 -36.90 -5.23 4.90
CA PRO B 397 -37.20 -5.05 6.32
C PRO B 397 -37.46 -6.33 7.09
N HIS B 398 -37.62 -7.46 6.41
CA HIS B 398 -37.56 -8.74 7.09
C HIS B 398 -36.19 -9.04 7.74
N TYR B 399 -35.14 -8.30 7.40
CA TYR B 399 -33.81 -8.57 7.95
C TYR B 399 -33.29 -7.42 8.80
N LYS B 400 -34.15 -6.81 9.62
CA LYS B 400 -33.69 -5.85 10.60
C LYS B 400 -33.12 -6.57 11.83
N GLU B 401 -32.16 -5.95 12.49
CA GLU B 401 -31.68 -6.51 13.76
C GLU B 401 -32.66 -6.11 14.86
N SER B 402 -32.53 -6.79 16.00
CA SER B 402 -33.23 -6.44 17.22
C SER B 402 -32.90 -5.02 17.70
N GLU B 403 -33.67 -4.56 18.69
CA GLU B 403 -33.43 -3.28 19.32
C GLU B 403 -33.15 -3.45 20.82
N PRO B 404 -31.89 -3.79 21.20
CA PRO B 404 -31.58 -4.01 22.62
C PRO B 404 -31.91 -2.82 23.52
N VAL B 405 -32.45 -3.14 24.69
CA VAL B 405 -32.73 -2.14 25.69
C VAL B 405 -31.41 -1.64 26.33
N LEU B 406 -31.30 -0.33 26.46
CA LEU B 406 -30.18 0.33 27.10
C LEU B 406 -30.60 0.69 28.50
N HIS B 407 -29.78 0.31 29.44
CA HIS B 407 -30.07 0.58 30.83
C HIS B 407 -29.41 1.85 31.29
N GLY B 408 -28.45 2.36 30.53
CA GLY B 408 -27.76 3.59 30.90
C GLY B 408 -28.46 4.85 30.44
N ASP B 409 -28.28 5.93 31.19
CA ASP B 409 -28.85 7.23 30.80
C ASP B 409 -27.82 8.26 30.31
N ARG B 410 -26.51 7.96 30.44
CA ARG B 410 -25.43 8.84 29.99
C ARG B 410 -24.36 8.07 29.22
N MET B 411 -23.63 8.83 28.42
CA MET B 411 -22.41 8.38 27.76
C MET B 411 -21.27 8.46 28.77
N VAL B 412 -20.73 7.32 29.18
CA VAL B 412 -19.75 7.26 30.28
C VAL B 412 -18.52 6.43 29.91
N ARG B 413 -17.40 6.69 30.59
CA ARG B 413 -16.28 5.79 30.66
C ARG B 413 -16.12 5.27 32.09
N GLN B 414 -16.60 4.07 32.32
CA GLN B 414 -16.71 3.55 33.67
C GLN B 414 -16.70 2.03 33.65
N LYS B 415 -15.93 1.44 34.53
CA LYS B 415 -15.93 -0.01 34.70
C LYS B 415 -17.31 -0.58 35.01
N ILE B 416 -17.59 -1.79 34.54
CA ILE B 416 -18.83 -2.45 34.89
C ILE B 416 -18.92 -2.56 36.40
N GLU B 417 -20.15 -2.57 36.90
CA GLU B 417 -20.44 -3.03 38.24
C GLU B 417 -20.21 -4.59 38.38
N LYS B 418 -20.13 -5.06 39.61
CA LYS B 418 -19.73 -6.43 39.97
C LYS B 418 -18.58 -7.04 39.11
N PRO B 419 -17.45 -6.36 39.05
CA PRO B 419 -16.27 -6.97 38.40
C PRO B 419 -15.91 -8.35 38.96
N ASN B 420 -16.01 -8.50 40.30
CA ASN B 420 -15.77 -9.77 40.94
C ASN B 420 -14.49 -10.46 40.38
N ASP B 421 -13.34 -9.83 40.54
CA ASP B 421 -12.13 -10.28 39.81
C ASP B 421 -11.56 -11.62 40.26
N PHE B 422 -11.89 -12.08 41.48
CA PHE B 422 -11.17 -13.23 42.04
C PHE B 422 -11.93 -14.50 42.22
N LYS B 423 -13.26 -14.40 42.29
CA LYS B 423 -14.05 -15.49 42.76
C LYS B 423 -13.98 -16.73 41.85
N GLN B 424 -14.23 -16.54 40.54
CA GLN B 424 -14.18 -17.63 39.65
C GLN B 424 -12.76 -18.21 39.52
N ALA B 425 -11.72 -17.39 39.64
CA ALA B 425 -10.35 -17.97 39.68
C ALA B 425 -10.19 -19.01 40.82
N GLY B 426 -10.71 -18.68 41.99
CA GLY B 426 -10.67 -19.54 43.14
C GLY B 426 -11.48 -20.80 42.95
N GLU B 427 -12.66 -20.67 42.34
CA GLU B 427 -13.46 -21.81 41.93
C GLU B 427 -12.77 -22.71 40.92
N LYS B 428 -12.09 -22.11 39.92
CA LYS B 428 -11.36 -22.95 38.99
C LYS B 428 -10.22 -23.69 39.71
N TYR B 429 -9.48 -22.97 40.53
CA TYR B 429 -8.35 -23.56 41.25
C TYR B 429 -8.82 -24.82 42.00
N ARG B 430 -9.87 -24.65 42.80
CA ARG B 430 -10.41 -25.78 43.56
C ARG B 430 -10.96 -26.91 42.75
N SER B 431 -11.46 -26.63 41.54
CA SER B 431 -11.91 -27.65 40.61
C SER B 431 -10.79 -28.57 40.04
N TYR B 432 -9.53 -28.08 40.07
CA TYR B 432 -8.38 -28.89 39.65
C TYR B 432 -8.12 -30.09 40.56
N SER B 433 -7.80 -31.22 39.96
CA SER B 433 -7.18 -32.34 40.68
C SER B 433 -5.85 -31.90 41.32
N GLU B 434 -5.38 -32.65 42.29
CA GLU B 434 -4.11 -32.36 42.95
C GLU B 434 -2.98 -32.34 41.93
N GLU B 435 -3.01 -33.27 40.98
CA GLU B 435 -1.98 -33.36 39.93
C GLU B 435 -2.02 -32.09 39.06
N GLU B 436 -3.22 -31.66 38.74
CA GLU B 436 -3.43 -30.40 37.99
C GLU B 436 -3.01 -29.11 38.74
N LYS B 437 -3.30 -29.04 40.04
CA LYS B 437 -2.76 -28.00 40.93
C LYS B 437 -1.24 -27.95 41.01
N GLN B 438 -0.59 -29.11 41.11
CA GLN B 438 0.89 -29.14 41.06
C GLN B 438 1.45 -28.61 39.74
N ALA B 439 0.80 -28.91 38.63
CA ALA B 439 1.30 -28.43 37.31
C ALA B 439 1.14 -26.94 37.22
N LEU B 440 0.01 -26.44 37.65
CA LEU B 440 -0.27 -24.97 37.63
C LEU B 440 0.77 -24.24 38.46
N ILE B 441 1.03 -24.72 39.67
CA ILE B 441 2.03 -24.05 40.52
C ILE B 441 3.42 -24.08 39.89
N LYS B 442 3.78 -25.25 39.34
CA LYS B 442 5.06 -25.45 38.67
C LYS B 442 5.20 -24.47 37.51
N ASN B 443 4.16 -24.37 36.67
CA ASN B 443 4.27 -23.56 35.47
C ASN B 443 4.34 -22.09 35.90
N LEU B 444 3.57 -21.69 36.93
CA LEU B 444 3.55 -20.27 37.33
C LEU B 444 4.88 -19.90 37.95
N THR B 445 5.43 -20.85 38.73
CA THR B 445 6.72 -20.61 39.40
C THR B 445 7.84 -20.39 38.36
N ALA B 446 7.93 -21.26 37.36
CA ALA B 446 8.97 -21.10 36.34
C ALA B 446 8.85 -19.76 35.60
N ASP B 447 7.61 -19.29 35.40
CA ASP B 447 7.35 -18.01 34.72
C ASP B 447 7.64 -16.81 35.57
N LEU B 448 7.43 -16.96 36.92
CA LEU B 448 7.46 -15.84 37.87
C LEU B 448 8.79 -15.67 38.60
N LYS B 449 9.58 -16.72 38.61
CA LYS B 449 10.80 -16.69 39.48
C LYS B 449 11.82 -15.60 39.09
N GLY B 450 11.85 -15.18 37.82
CA GLY B 450 12.76 -14.09 37.39
C GLY B 450 12.21 -12.68 37.35
N VAL B 451 10.95 -12.48 37.69
CA VAL B 451 10.34 -11.16 37.57
C VAL B 451 10.62 -10.29 38.76
N ASN B 452 10.49 -8.99 38.56
CA ASN B 452 10.61 -7.96 39.60
C ASN B 452 9.87 -8.36 40.89
N GLU B 453 10.53 -8.21 42.04
CA GLU B 453 9.98 -8.71 43.30
C GLU B 453 8.60 -8.17 43.66
N LYS B 454 8.40 -6.87 43.44
CA LYS B 454 7.15 -6.24 43.77
C LYS B 454 6.02 -6.78 42.92
N THR B 455 6.30 -6.96 41.63
CA THR B 455 5.35 -7.57 40.67
C THR B 455 5.08 -9.02 41.11
N LYS B 456 6.13 -9.75 41.46
CA LYS B 456 6.02 -11.13 41.93
C LYS B 456 5.06 -11.22 43.14
N LEU B 457 5.26 -10.32 44.10
CA LEU B 457 4.39 -10.24 45.27
C LEU B 457 2.93 -9.93 44.86
N LEU B 458 2.72 -8.97 43.94
CA LEU B 458 1.39 -8.64 43.52
C LEU B 458 0.73 -9.83 42.85
N ALA B 459 1.47 -10.59 42.06
CA ALA B 459 0.89 -11.77 41.45
C ALA B 459 0.39 -12.74 42.55
N ILE B 460 1.23 -12.95 43.54
CA ILE B 460 0.92 -13.87 44.64
C ILE B 460 -0.35 -13.39 45.32
N CYS B 461 -0.44 -12.08 45.56
CA CYS B 461 -1.61 -11.45 46.23
C CYS B 461 -2.89 -11.68 45.46
N ASN B 462 -2.80 -11.51 44.15
CA ASN B 462 -3.95 -11.72 43.30
C ASN B 462 -4.39 -13.18 43.40
N PHE B 463 -3.45 -14.10 43.29
CA PHE B 463 -3.83 -15.53 43.36
C PHE B 463 -4.29 -15.91 44.78
N TYR B 464 -3.68 -15.33 45.78
CA TYR B 464 -4.15 -15.55 47.20
C TYR B 464 -5.59 -15.07 47.41
N ARG B 465 -5.98 -13.94 46.78
CA ARG B 465 -7.36 -13.48 46.85
C ARG B 465 -8.34 -14.42 46.16
N ALA B 466 -7.87 -15.09 45.13
CA ALA B 466 -8.58 -16.16 44.45
C ALA B 466 -8.84 -17.34 45.38
N ASP B 467 -7.76 -17.88 45.91
CA ASP B 467 -7.87 -18.92 46.92
C ASP B 467 -6.64 -18.81 47.81
N GLU B 468 -6.84 -18.77 49.11
CA GLU B 468 -5.72 -18.82 50.09
C GLU B 468 -4.66 -19.93 49.87
N ASP B 469 -5.11 -21.14 49.55
CA ASP B 469 -4.21 -22.30 49.35
C ASP B 469 -3.37 -22.12 48.08
N TYR B 470 -4.07 -21.71 47.03
CA TYR B 470 -3.47 -21.35 45.74
C TYR B 470 -2.32 -20.40 45.95
N GLY B 471 -2.59 -19.29 46.60
CA GLY B 471 -1.63 -18.26 46.79
C GLY B 471 -0.48 -18.69 47.69
N GLN B 472 -0.83 -19.37 48.79
CA GLN B 472 0.19 -19.80 49.71
C GLN B 472 1.16 -20.83 49.07
N ARG B 473 0.62 -21.79 48.32
CA ARG B 473 1.47 -22.74 47.57
C ARG B 473 2.40 -22.04 46.60
N LEU B 474 1.90 -21.02 45.90
CA LEU B 474 2.73 -20.30 44.95
C LEU B 474 3.81 -19.51 45.67
N ALA B 475 3.43 -18.87 46.76
CA ALA B 475 4.41 -18.14 47.56
C ALA B 475 5.52 -19.11 48.06
N ASP B 476 5.13 -20.25 48.61
CA ASP B 476 6.09 -21.26 49.13
C ASP B 476 7.04 -21.74 48.03
N SER B 477 6.50 -21.93 46.83
CA SER B 477 7.28 -22.49 45.72
C SER B 477 8.23 -21.41 45.21
N LEU B 478 7.86 -20.15 45.30
CA LEU B 478 8.77 -19.06 44.90
C LEU B 478 9.70 -18.56 46.00
N GLY B 479 9.57 -19.09 47.20
CA GLY B 479 10.42 -18.67 48.32
C GLY B 479 10.07 -17.30 48.87
N VAL B 480 8.82 -16.85 48.68
CA VAL B 480 8.36 -15.51 49.16
C VAL B 480 7.53 -15.62 50.45
N ASP B 481 7.97 -14.93 51.50
CA ASP B 481 7.34 -15.02 52.83
C ASP B 481 6.28 -13.95 52.93
N ILE B 482 5.04 -14.37 53.10
CA ILE B 482 3.90 -13.46 53.00
C ILE B 482 3.18 -13.28 54.35
N ARG B 483 3.82 -13.73 55.43
CA ARG B 483 3.25 -13.66 56.79
C ARG B 483 2.86 -12.25 57.24
N SER B 484 3.64 -11.25 56.89
CA SER B 484 3.31 -9.88 57.30
C SER B 484 2.02 -9.34 56.67
N TYR B 485 1.52 -10.00 55.63
CA TYR B 485 0.25 -9.62 54.94
C TYR B 485 -0.98 -10.39 55.41
N HIS C 6 7.34 13.08 34.92
CA HIS C 6 5.89 12.73 34.74
C HIS C 6 5.30 13.34 33.46
N LYS C 7 4.50 12.56 32.76
CA LYS C 7 4.06 12.88 31.38
C LYS C 7 2.60 12.44 31.22
N ASN C 8 1.85 13.18 30.41
CA ASN C 8 0.51 12.73 30.01
C ASN C 8 0.58 11.77 28.84
N LEU C 9 -0.22 10.72 28.93
CA LEU C 9 -0.60 9.95 27.77
CA LEU C 9 -0.60 9.94 27.77
C LEU C 9 -1.49 10.87 26.90
N THR C 10 -1.24 10.91 25.60
CA THR C 10 -1.98 11.79 24.69
C THR C 10 -2.48 11.01 23.50
N THR C 11 -3.46 11.53 22.80
CA THR C 11 -3.75 11.07 21.43
C THR C 11 -2.65 11.57 20.48
N ASN C 12 -2.70 11.13 19.20
CA ASN C 12 -1.77 11.58 18.20
C ASN C 12 -2.03 13.05 17.78
N GLN C 13 -3.18 13.59 18.19
CA GLN C 13 -3.48 15.03 18.11
C GLN C 13 -2.89 15.84 19.26
N GLY C 14 -2.29 15.20 20.25
CA GLY C 14 -1.65 15.89 21.36
C GLY C 14 -2.64 16.28 22.49
N VAL C 15 -3.84 15.73 22.46
CA VAL C 15 -4.81 15.90 23.55
C VAL C 15 -4.60 14.89 24.66
N PRO C 16 -4.44 15.39 25.90
CA PRO C 16 -4.26 14.46 27.04
C PRO C 16 -5.45 13.51 27.22
N VAL C 17 -5.15 12.23 27.47
CA VAL C 17 -6.17 11.20 27.60
C VAL C 17 -6.67 11.10 28.99
N GLY C 18 -7.98 11.17 29.11
CA GLY C 18 -8.65 11.28 30.42
C GLY C 18 -8.77 9.91 31.06
N ASP C 19 -8.91 8.91 30.23
CA ASP C 19 -9.18 7.58 30.70
C ASP C 19 -8.62 6.62 29.66
N ASN C 20 -7.56 5.93 30.03
CA ASN C 20 -6.97 4.93 29.14
C ASN C 20 -7.41 3.49 29.47
N GLN C 21 -8.44 3.33 30.30
CA GLN C 21 -8.92 1.98 30.71
C GLN C 21 -10.29 1.60 30.16
N ASN C 22 -11.21 2.56 30.10
CA ASN C 22 -12.59 2.28 29.74
C ASN C 22 -12.98 2.93 28.39
N SER C 23 -13.58 2.12 27.53
CA SER C 23 -14.35 2.57 26.35
C SER C 23 -15.56 3.42 26.74
N ARG C 24 -15.97 4.29 25.82
CA ARG C 24 -17.21 5.04 26.01
C ARG C 24 -18.48 4.25 25.67
N THR C 25 -19.42 4.17 26.62
CA THR C 25 -20.53 3.24 26.53
C THR C 25 -21.82 3.85 27.04
N ALA C 26 -22.93 3.19 26.70
CA ALA C 26 -24.27 3.57 27.19
C ALA C 26 -24.49 3.10 28.61
N GLY C 27 -24.10 3.95 29.57
CA GLY C 27 -23.97 3.55 30.97
C GLY C 27 -22.81 2.57 31.21
N HIS C 28 -22.68 2.10 32.45
CA HIS C 28 -21.48 1.40 32.89
C HIS C 28 -21.36 0.04 32.24
N ARG C 29 -22.46 -0.51 31.71
CA ARG C 29 -22.38 -1.83 31.07
C ARG C 29 -22.93 -1.95 29.64
N GLY C 30 -23.25 -0.84 29.00
CA GLY C 30 -24.02 -0.88 27.73
C GLY C 30 -23.04 -0.96 26.56
N PRO C 31 -23.55 -1.04 25.33
CA PRO C 31 -22.70 -1.11 24.13
C PRO C 31 -21.95 0.22 23.88
N SER C 32 -20.96 0.12 22.99
CA SER C 32 -19.97 1.14 22.87
C SER C 32 -20.37 2.20 21.84
N PHE C 33 -19.94 3.41 22.08
CA PHE C 33 -20.20 4.48 21.12
C PHE C 33 -19.13 4.66 20.05
N LEU C 34 -19.58 5.01 18.84
CA LEU C 34 -18.66 5.38 17.78
C LEU C 34 -17.85 6.62 18.08
N ASP C 35 -18.44 7.63 18.78
CA ASP C 35 -17.68 8.79 19.19
C ASP C 35 -16.74 8.53 20.38
N ASP C 36 -15.64 7.82 20.11
CA ASP C 36 -14.60 7.53 21.08
C ASP C 36 -13.30 7.60 20.32
N TYR C 37 -12.81 8.82 20.13
CA TYR C 37 -11.70 9.05 19.22
C TYR C 37 -10.44 8.29 19.76
N HIS C 38 -10.21 8.32 21.06
CA HIS C 38 -9.05 7.67 21.60
C HIS C 38 -9.06 6.13 21.36
N LEU C 39 -10.22 5.47 21.59
CA LEU C 39 -10.33 4.01 21.29
C LEU C 39 -10.03 3.74 19.80
N ILE C 40 -10.71 4.46 18.89
CA ILE C 40 -10.59 4.17 17.48
C ILE C 40 -9.16 4.44 17.02
N GLU C 41 -8.59 5.56 17.44
CA GLU C 41 -7.23 5.89 16.99
C GLU C 41 -6.24 4.83 17.48
N LYS C 42 -6.41 4.36 18.71
CA LYS C 42 -5.47 3.50 19.36
C LYS C 42 -5.58 2.08 18.73
N LEU C 43 -6.80 1.59 18.55
CA LEU C 43 -7.05 0.34 17.84
C LEU C 43 -6.60 0.36 16.37
N ALA C 44 -6.92 1.46 15.66
CA ALA C 44 -6.60 1.53 14.23
C ALA C 44 -5.12 1.52 14.02
N HIS C 45 -4.36 2.13 14.93
CA HIS C 45 -2.88 2.08 14.75
C HIS C 45 -2.33 0.72 15.12
N PHE C 46 -2.83 0.17 16.23
CA PHE C 46 -2.54 -1.25 16.49
C PHE C 46 -2.77 -2.13 15.27
N ASP C 47 -3.90 -1.95 14.59
CA ASP C 47 -4.28 -2.74 13.47
C ASP C 47 -3.35 -2.62 12.30
N ARG C 48 -2.53 -1.59 12.29
CA ARG C 48 -1.60 -1.31 11.23
C ARG C 48 -0.12 -1.44 11.57
N GLU C 49 0.22 -2.04 12.71
CA GLU C 49 1.60 -2.13 13.12
C GLU C 49 2.55 -2.88 12.18
N ARG C 50 2.06 -3.93 11.52
CA ARG C 50 2.89 -4.85 10.77
C ARG C 50 3.07 -4.40 9.32
N ILE C 51 4.28 -4.61 8.82
CA ILE C 51 4.63 -4.52 7.46
C ILE C 51 5.10 -5.89 6.90
N PRO C 52 5.19 -6.05 5.58
CA PRO C 52 5.67 -7.35 5.08
C PRO C 52 7.05 -7.67 5.59
N GLU C 53 7.36 -8.96 5.86
CA GLU C 53 8.71 -9.32 6.27
C GLU C 53 9.51 -9.39 4.98
N ARG C 54 10.82 -9.45 5.12
CA ARG C 54 11.71 -9.65 3.95
C ARG C 54 11.39 -10.99 3.22
N VAL C 55 11.37 -10.98 1.88
CA VAL C 55 11.06 -12.16 1.12
C VAL C 55 11.98 -13.36 1.34
N VAL C 56 13.27 -13.06 1.55
CA VAL C 56 14.19 -13.99 2.22
C VAL C 56 14.96 -13.26 3.33
N HIS C 57 15.60 -14.01 4.20
CA HIS C 57 16.34 -13.45 5.35
C HIS C 57 15.44 -12.66 6.32
N ALA C 58 14.24 -13.19 6.52
CA ALA C 58 13.21 -12.51 7.34
C ALA C 58 13.56 -12.51 8.83
N ARG C 59 14.16 -13.62 9.28
CA ARG C 59 14.67 -13.76 10.68
C ARG C 59 16.09 -13.20 10.79
N GLY C 60 16.29 -12.25 11.69
CA GLY C 60 17.57 -11.58 11.88
C GLY C 60 17.64 -10.58 13.01
N ALA C 61 18.85 -10.06 13.20
CA ALA C 61 19.21 -9.22 14.32
C ALA C 61 20.30 -8.26 13.89
N GLY C 62 20.22 -7.07 14.46
CA GLY C 62 21.06 -5.97 14.08
C GLY C 62 21.92 -5.34 15.20
N ALA C 63 22.98 -4.68 14.79
CA ALA C 63 23.82 -3.93 15.72
C ALA C 63 24.62 -2.83 15.02
N TYR C 64 24.98 -1.80 15.79
CA TYR C 64 25.85 -0.73 15.25
C TYR C 64 27.27 -0.92 15.68
N GLY C 65 28.23 -0.31 14.98
CA GLY C 65 29.63 -0.38 15.38
C GLY C 65 30.51 0.47 14.53
N VAL C 66 31.79 0.10 14.44
CA VAL C 66 32.80 0.96 13.76
C VAL C 66 33.73 0.05 13.00
N PHE C 67 34.17 0.49 11.82
CA PHE C 67 35.21 -0.14 11.04
C PHE C 67 36.40 0.77 11.00
N GLU C 68 37.56 0.22 11.35
CA GLU C 68 38.82 1.00 11.29
C GLU C 68 39.80 0.40 10.30
N VAL C 69 40.38 1.27 9.48
CA VAL C 69 41.42 0.84 8.53
C VAL C 69 42.74 0.60 9.23
N GLU C 70 43.31 -0.58 9.00
CA GLU C 70 44.70 -0.87 9.35
C GLU C 70 45.67 -0.59 8.19
N ASN C 71 45.34 -1.02 6.97
CA ASN C 71 46.21 -0.78 5.79
C ASN C 71 45.48 -0.06 4.70
N SER C 72 45.87 1.21 4.38
CA SER C 72 45.22 1.93 3.31
C SER C 72 45.19 1.11 2.04
N MET C 73 44.12 1.24 1.27
CA MET C 73 43.90 0.42 0.08
C MET C 73 44.03 1.27 -1.20
N GLU C 74 44.60 2.48 -1.10
CA GLU C 74 44.60 3.39 -2.21
C GLU C 74 45.41 2.91 -3.44
N LYS C 75 46.36 2.01 -3.28
CA LYS C 75 47.03 1.44 -4.46
C LYS C 75 45.99 0.80 -5.37
N HIS C 76 44.92 0.26 -4.77
CA HIS C 76 43.96 -0.57 -5.50
C HIS C 76 42.56 0.05 -5.67
N THR C 77 42.13 0.94 -4.78
CA THR C 77 40.80 1.50 -4.87
C THR C 77 40.89 2.93 -4.37
N ARG C 78 40.16 3.81 -5.04
CA ARG C 78 39.98 5.18 -4.57
CA ARG C 78 39.99 5.19 -4.59
C ARG C 78 38.93 5.32 -3.48
N ALA C 79 38.36 4.21 -3.03
CA ALA C 79 37.27 4.37 -2.01
C ALA C 79 37.70 5.16 -0.78
N ALA C 80 36.85 6.12 -0.39
CA ALA C 80 37.23 7.05 0.58
C ALA C 80 37.41 6.43 1.93
N PHE C 81 36.47 5.55 2.32
CA PHE C 81 36.51 4.94 3.62
C PHE C 81 37.73 4.08 3.80
N LEU C 82 38.44 3.76 2.70
CA LEU C 82 39.60 2.86 2.83
C LEU C 82 40.98 3.60 2.62
N SER C 83 40.98 4.93 2.69
CA SER C 83 42.04 5.70 2.04
C SER C 83 43.26 5.84 2.95
N GLU C 84 43.05 5.70 4.25
CA GLU C 84 44.07 6.00 5.20
C GLU C 84 44.04 5.09 6.37
N GLU C 85 45.25 4.71 6.82
CA GLU C 85 45.42 4.04 8.08
C GLU C 85 44.73 4.81 9.21
N GLY C 86 43.99 4.07 10.05
CA GLY C 86 43.31 4.66 11.22
C GLY C 86 41.93 5.22 10.96
N LYS C 87 41.52 5.31 9.71
CA LYS C 87 40.26 5.97 9.37
C LYS C 87 39.09 5.11 9.85
N GLN C 88 38.17 5.73 10.58
CA GLN C 88 37.05 5.00 11.22
C GLN C 88 35.77 5.41 10.48
N THR C 89 34.97 4.41 10.23
CA THR C 89 33.67 4.59 9.58
C THR C 89 32.63 3.89 10.41
N ASP C 90 31.55 4.61 10.80
CA ASP C 90 30.38 3.95 11.43
C ASP C 90 29.70 2.90 10.52
N VAL C 91 29.23 1.82 11.14
CA VAL C 91 28.49 0.83 10.43
C VAL C 91 27.19 0.45 11.14
N PHE C 92 26.20 0.00 10.32
CA PHE C 92 25.15 -0.86 10.80
C PHE C 92 25.19 -2.21 10.13
N VAL C 93 24.93 -3.28 10.91
CA VAL C 93 25.03 -4.66 10.49
C VAL C 93 23.75 -5.43 10.90
N ARG C 94 23.25 -6.28 9.96
CA ARG C 94 22.20 -7.19 10.22
C ARG C 94 22.68 -8.57 9.84
N PHE C 95 22.43 -9.48 10.76
CA PHE C 95 22.74 -10.90 10.55
C PHE C 95 21.41 -11.60 10.45
N SER C 96 21.38 -12.73 9.75
CA SER C 96 20.10 -13.40 9.53
C SER C 96 20.24 -14.87 9.13
N THR C 97 19.14 -15.60 9.27
CA THR C 97 18.96 -16.86 8.55
C THR C 97 18.40 -16.53 7.17
N VAL C 98 17.89 -17.51 6.47
CA VAL C 98 17.46 -17.27 5.11
C VAL C 98 16.01 -17.61 4.79
N ILE C 99 15.62 -18.89 5.00
CA ILE C 99 14.42 -19.40 4.34
C ILE C 99 13.13 -19.16 5.14
N HIS C 100 13.13 -19.40 6.46
CA HIS C 100 11.87 -19.44 7.18
C HIS C 100 11.44 -18.05 7.62
N PRO C 101 10.18 -17.93 8.04
CA PRO C 101 9.72 -16.55 8.35
C PRO C 101 10.29 -15.92 9.61
N LYS C 102 9.85 -14.69 9.87
N LYS C 102 9.90 -14.67 9.84
CA LYS C 102 10.05 -14.07 11.16
CA LYS C 102 10.35 -13.92 10.96
C LYS C 102 9.51 -15.02 12.22
C LYS C 102 10.52 -14.54 12.33
N GLY C 103 10.17 -15.08 13.36
N GLY C 103 9.56 -15.36 12.78
CA GLY C 103 9.65 -15.92 14.40
CA GLY C 103 9.59 -15.92 14.16
C GLY C 103 10.24 -17.33 14.32
C GLY C 103 10.20 -17.32 14.25
N SER C 104 10.85 -17.72 13.19
CA SER C 104 11.40 -19.04 13.06
C SER C 104 12.72 -19.28 13.83
N PRO C 105 13.10 -20.56 14.06
CA PRO C 105 14.27 -20.77 14.93
C PRO C 105 15.63 -20.43 14.25
N GLU C 106 16.65 -20.12 15.02
CA GLU C 106 17.98 -19.82 14.54
C GLU C 106 18.91 -21.00 14.63
N THR C 107 18.31 -22.15 14.88
CA THR C 107 18.99 -23.48 14.90
C THR C 107 18.89 -24.29 13.60
N LEU C 108 18.26 -23.75 12.57
CA LEU C 108 17.98 -24.46 11.36
C LEU C 108 19.23 -24.41 10.48
N ARG C 109 19.39 -25.39 9.58
CA ARG C 109 20.43 -25.33 8.55
C ARG C 109 20.10 -24.28 7.51
N ASP C 110 21.07 -23.46 7.13
CA ASP C 110 20.84 -22.30 6.26
C ASP C 110 22.17 -21.53 6.15
N PRO C 111 22.48 -20.92 5.01
CA PRO C 111 23.47 -19.83 5.02
C PRO C 111 23.02 -18.81 6.04
N ARG C 112 23.95 -17.94 6.48
CA ARG C 112 23.60 -16.84 7.33
C ARG C 112 23.98 -15.55 6.57
N GLY C 113 23.03 -14.59 6.62
CA GLY C 113 23.34 -13.30 6.11
C GLY C 113 24.29 -12.52 6.99
N PHE C 114 25.05 -11.61 6.34
CA PHE C 114 26.10 -10.87 6.96
C PHE C 114 26.15 -9.54 6.17
N ALA C 115 25.25 -8.61 6.51
CA ALA C 115 25.02 -7.40 5.69
C ALA C 115 25.56 -6.17 6.43
N VAL C 116 26.48 -5.42 5.78
CA VAL C 116 27.14 -4.31 6.42
C VAL C 116 26.89 -3.02 5.62
N LYS C 117 26.41 -2.02 6.33
CA LYS C 117 26.25 -0.65 5.81
C LYS C 117 27.31 0.17 6.41
N PHE C 118 28.15 0.78 5.54
CA PHE C 118 29.21 1.70 5.96
C PHE C 118 28.73 3.11 5.58
N TYR C 119 28.65 4.01 6.57
CA TYR C 119 28.20 5.38 6.39
C TYR C 119 29.36 6.28 5.98
N THR C 120 29.74 6.27 4.70
CA THR C 120 31.04 6.82 4.30
C THR C 120 30.90 8.32 3.95
N GLU C 121 32.01 8.99 3.79
CA GLU C 121 31.94 10.43 3.42
C GLU C 121 31.53 10.64 1.97
N GLU C 122 31.58 9.57 1.18
CA GLU C 122 31.09 9.69 -0.22
C GLU C 122 29.85 8.84 -0.47
N GLY C 123 29.09 8.53 0.59
CA GLY C 123 27.82 7.94 0.46
C GLY C 123 27.82 6.57 1.20
N ASN C 124 26.65 5.99 1.32
CA ASN C 124 26.52 4.67 1.95
C ASN C 124 27.01 3.62 1.00
N TYR C 125 27.82 2.74 1.56
CA TYR C 125 28.31 1.51 0.91
C TYR C 125 27.77 0.33 1.65
N ASP C 126 26.96 -0.47 0.98
CA ASP C 126 26.44 -1.71 1.54
C ASP C 126 27.27 -2.92 0.93
N LEU C 127 27.79 -3.77 1.79
CA LEU C 127 28.35 -5.09 1.43
C LEU C 127 27.48 -6.20 1.99
N VAL C 128 26.69 -6.78 1.10
CA VAL C 128 25.59 -7.62 1.45
C VAL C 128 26.04 -9.07 1.27
N GLY C 129 26.73 -9.56 2.30
CA GLY C 129 27.36 -10.84 2.28
C GLY C 129 26.55 -11.93 2.97
N ASN C 130 27.08 -13.14 2.86
CA ASN C 130 26.69 -14.30 3.69
C ASN C 130 27.89 -14.84 4.48
N ASN C 131 27.70 -15.81 5.39
CA ASN C 131 28.85 -16.45 6.02
C ASN C 131 29.63 -17.30 4.99
N LEU C 132 28.93 -18.11 4.17
CA LEU C 132 29.59 -18.97 3.17
C LEU C 132 30.01 -18.19 1.94
N PRO C 133 31.08 -18.63 1.27
CA PRO C 133 31.75 -17.68 0.30
C PRO C 133 31.30 -17.89 -1.15
N ILE C 134 30.41 -18.84 -1.37
CA ILE C 134 29.87 -19.14 -2.74
CA ILE C 134 29.88 -19.13 -2.73
C ILE C 134 28.37 -19.23 -2.71
N PHE C 135 27.77 -19.48 -3.85
CA PHE C 135 26.32 -19.59 -3.93
C PHE C 135 25.90 -20.78 -4.77
N PHE C 136 24.61 -21.10 -4.73
CA PHE C 136 24.02 -22.29 -5.32
C PHE C 136 23.85 -22.15 -6.83
N ILE C 137 23.71 -20.93 -7.27
CA ILE C 137 23.33 -20.59 -8.67
C ILE C 137 24.21 -19.46 -9.15
N ARG C 138 24.22 -19.24 -10.46
CA ARG C 138 25.09 -18.22 -11.06
C ARG C 138 24.39 -17.20 -11.95
N ASP C 139 23.06 -17.24 -12.00
CA ASP C 139 22.25 -16.32 -12.74
C ASP C 139 20.97 -15.98 -11.98
N ALA C 140 20.68 -14.69 -11.85
CA ALA C 140 19.57 -14.26 -11.05
C ALA C 140 18.22 -14.70 -11.56
N LEU C 141 18.11 -15.01 -12.85
CA LEU C 141 16.87 -15.51 -13.38
C LEU C 141 16.42 -16.71 -12.58
N LYS C 142 17.36 -17.46 -11.97
CA LYS C 142 16.96 -18.73 -11.29
C LYS C 142 16.59 -18.49 -9.85
N PHE C 143 16.78 -17.29 -9.34
CA PHE C 143 16.70 -17.06 -7.88
C PHE C 143 15.27 -17.32 -7.36
N PRO C 144 14.19 -16.93 -8.11
CA PRO C 144 12.88 -17.27 -7.56
C PRO C 144 12.56 -18.75 -7.56
N ASP C 145 13.08 -19.43 -8.57
CA ASP C 145 12.94 -20.89 -8.62
C ASP C 145 13.62 -21.56 -7.44
N MET C 146 14.88 -21.20 -7.24
CA MET C 146 15.64 -21.73 -6.11
C MET C 146 14.93 -21.54 -4.78
N VAL C 147 14.59 -20.29 -4.49
CA VAL C 147 13.92 -19.95 -3.25
C VAL C 147 12.62 -20.70 -3.10
N HIS C 148 11.79 -20.82 -4.18
CA HIS C 148 10.51 -21.48 -4.06
C HIS C 148 10.68 -22.99 -3.71
N SER C 149 11.75 -23.59 -4.19
CA SER C 149 12.08 -25.00 -3.93
C SER C 149 12.50 -25.17 -2.47
N LEU C 150 13.24 -24.22 -1.94
CA LEU C 150 13.74 -24.27 -0.57
C LEU C 150 12.70 -23.87 0.46
N LYS C 151 11.81 -22.96 0.09
CA LYS C 151 10.76 -22.47 0.98
C LYS C 151 9.75 -23.55 1.33
N PRO C 152 9.01 -23.38 2.43
CA PRO C 152 7.94 -24.34 2.70
C PRO C 152 7.04 -24.56 1.50
N ASP C 153 6.64 -25.81 1.30
CA ASP C 153 5.75 -26.21 0.22
C ASP C 153 4.52 -25.32 0.22
N PRO C 154 4.06 -24.89 -0.98
CA PRO C 154 2.98 -23.89 -1.06
C PRO C 154 1.62 -24.41 -0.69
N VAL C 155 1.51 -25.74 -0.55
CA VAL C 155 0.31 -26.37 0.01
C VAL C 155 0.39 -26.65 1.51
N THR C 156 1.47 -27.28 1.95
CA THR C 156 1.57 -27.79 3.33
C THR C 156 2.17 -26.81 4.34
N ASN C 157 2.85 -25.78 3.86
CA ASN C 157 3.59 -24.87 4.73
C ASN C 157 4.68 -25.52 5.53
N ILE C 158 5.27 -26.59 5.00
CA ILE C 158 6.43 -27.23 5.64
C ILE C 158 7.50 -27.45 4.58
N GLN C 159 8.77 -27.26 4.96
CA GLN C 159 9.88 -27.33 4.00
C GLN C 159 9.99 -28.79 3.62
N ASP C 160 10.31 -29.09 2.37
CA ASP C 160 10.29 -30.48 1.89
C ASP C 160 11.63 -30.75 1.12
N PRO C 161 12.53 -31.60 1.66
CA PRO C 161 13.81 -31.91 0.91
C PRO C 161 13.61 -32.48 -0.49
N ASP C 162 12.52 -33.18 -0.72
CA ASP C 162 12.20 -33.72 -2.04
C ASP C 162 12.06 -32.59 -3.08
N ARG C 163 11.62 -31.44 -2.62
CA ARG C 163 11.44 -30.28 -3.51
C ARG C 163 12.76 -29.59 -3.80
N TYR C 164 13.55 -29.27 -2.80
CA TYR C 164 14.78 -28.53 -3.06
C TYR C 164 15.87 -29.40 -3.60
N TRP C 165 15.86 -30.74 -3.28
CA TRP C 165 16.82 -31.57 -3.91
C TRP C 165 16.46 -31.83 -5.35
N ASP C 166 15.19 -31.80 -5.70
CA ASP C 166 14.83 -31.83 -7.13
C ASP C 166 15.49 -30.68 -7.85
N PHE C 167 15.27 -29.45 -7.36
CA PHE C 167 15.90 -28.32 -8.03
C PHE C 167 17.41 -28.41 -8.00
N MET C 168 18.03 -28.66 -6.84
CA MET C 168 19.47 -28.61 -6.80
C MET C 168 20.14 -29.61 -7.68
N THR C 169 19.61 -30.85 -7.68
CA THR C 169 20.20 -31.88 -8.52
C THR C 169 20.12 -31.62 -10.02
N LEU C 170 19.08 -30.93 -10.47
CA LEU C 170 18.96 -30.49 -11.86
C LEU C 170 19.69 -29.17 -12.15
N THR C 171 20.46 -28.71 -11.17
CA THR C 171 21.17 -27.40 -11.18
C THR C 171 22.53 -27.71 -10.60
N PRO C 172 23.30 -28.55 -11.32
CA PRO C 172 24.57 -29.09 -10.81
C PRO C 172 25.58 -28.04 -10.44
N GLU C 173 25.43 -26.80 -10.92
CA GLU C 173 26.29 -25.82 -10.41
C GLU C 173 26.18 -25.66 -8.90
N SER C 174 25.12 -26.16 -8.28
CA SER C 174 24.95 -26.06 -6.82
C SER C 174 25.89 -26.93 -5.99
N THR C 175 26.64 -27.80 -6.66
CA THR C 175 27.33 -28.88 -5.98
C THR C 175 28.43 -28.38 -5.02
N HIS C 176 29.18 -27.33 -5.40
CA HIS C 176 30.16 -26.75 -4.48
C HIS C 176 29.46 -26.19 -3.22
N MET C 177 28.46 -25.33 -3.40
CA MET C 177 27.73 -24.77 -2.25
C MET C 177 27.18 -25.81 -1.31
N LEU C 178 26.59 -26.86 -1.88
CA LEU C 178 26.05 -27.95 -1.00
C LEU C 178 27.15 -28.66 -0.17
N THR C 179 28.35 -28.78 -0.78
CA THR C 179 29.50 -29.28 -0.08
C THR C 179 29.98 -28.47 1.12
N TRP C 180 29.77 -27.14 1.09
CA TRP C 180 29.96 -26.36 2.30
C TRP C 180 28.78 -26.31 3.26
N LEU C 181 27.56 -26.18 2.74
CA LEU C 181 26.34 -26.06 3.59
C LEU C 181 26.06 -27.32 4.38
N PHE C 182 26.48 -28.47 3.87
CA PHE C 182 26.20 -29.67 4.61
C PHE C 182 27.41 -30.18 5.48
N SER C 183 28.50 -29.42 5.54
CA SER C 183 29.38 -29.42 6.75
C SER C 183 28.59 -28.85 7.95
N ASP C 184 29.18 -28.89 9.15
CA ASP C 184 28.45 -28.44 10.27
C ASP C 184 28.42 -26.92 10.23
N GLU C 185 29.15 -26.32 9.30
CA GLU C 185 29.07 -24.83 9.10
C GLU C 185 27.74 -24.39 8.51
N GLY C 186 26.94 -25.34 8.04
CA GLY C 186 25.52 -25.08 7.78
C GLY C 186 24.70 -24.54 8.95
N ILE C 187 25.22 -24.66 10.19
CA ILE C 187 24.50 -24.28 11.41
C ILE C 187 25.55 -23.68 12.32
N PRO C 188 25.83 -22.40 12.06
CA PRO C 188 26.67 -21.65 12.95
C PRO C 188 26.09 -21.61 14.37
N ALA C 189 26.96 -21.55 15.37
CA ALA C 189 26.56 -21.55 16.75
C ALA C 189 25.82 -20.31 17.13
N ASN C 190 26.26 -19.21 16.55
CA ASN C 190 25.60 -17.97 16.72
C ASN C 190 26.16 -16.97 15.63
N TYR C 191 25.70 -15.70 15.67
CA TYR C 191 26.16 -14.76 14.69
C TYR C 191 27.61 -14.24 14.91
N ALA C 192 28.14 -14.35 16.13
CA ALA C 192 29.46 -13.78 16.47
C ALA C 192 30.59 -14.73 16.04
N GLU C 193 30.36 -16.05 16.23
CA GLU C 193 31.37 -17.02 16.05
C GLU C 193 31.18 -17.61 14.62
N MET C 194 31.32 -16.73 13.65
CA MET C 194 30.81 -16.96 12.31
C MET C 194 31.67 -16.27 11.28
N ARG C 195 31.90 -16.93 10.18
CA ARG C 195 32.60 -16.36 8.99
C ARG C 195 31.73 -15.25 8.32
N GLY C 196 32.33 -14.33 7.61
CA GLY C 196 31.62 -13.53 6.62
C GLY C 196 32.31 -13.47 5.27
N SER C 197 31.53 -13.30 4.19
CA SER C 197 32.04 -13.32 2.81
C SER C 197 31.27 -12.37 1.91
N GLY C 198 31.95 -11.69 0.97
CA GLY C 198 31.27 -10.90 -0.05
C GLY C 198 30.59 -11.74 -1.09
N VAL C 199 31.08 -12.96 -1.23
CA VAL C 199 30.63 -13.93 -2.23
C VAL C 199 31.05 -13.58 -3.64
N HIS C 200 30.57 -12.45 -4.17
CA HIS C 200 30.91 -12.04 -5.52
C HIS C 200 32.26 -11.44 -5.64
N THR C 201 32.83 -11.57 -6.83
CA THR C 201 33.89 -10.73 -7.26
C THR C 201 33.29 -9.40 -7.50
N PHE C 202 33.96 -8.38 -7.02
CA PHE C 202 33.66 -7.00 -7.38
C PHE C 202 34.88 -6.41 -8.11
N ARG C 203 34.72 -5.16 -8.61
CA ARG C 203 35.79 -4.43 -9.28
C ARG C 203 36.25 -3.25 -8.40
N TRP C 204 37.54 -3.17 -8.15
CA TRP C 204 38.15 -2.10 -7.46
C TRP C 204 38.88 -1.21 -8.46
N VAL C 205 38.62 0.09 -8.37
CA VAL C 205 39.18 1.01 -9.37
C VAL C 205 39.92 2.14 -8.66
N ASN C 206 41.20 2.34 -9.05
CA ASN C 206 42.09 3.18 -8.29
C ASN C 206 42.17 4.58 -8.93
N LYS C 207 43.00 5.45 -8.33
CA LYS C 207 43.08 6.86 -8.79
C LYS C 207 43.54 7.02 -10.24
N TYR C 208 44.22 6.02 -10.78
CA TYR C 208 44.72 6.04 -12.16
C TYR C 208 43.71 5.38 -13.14
N GLY C 209 42.55 4.92 -12.63
CA GLY C 209 41.54 4.28 -13.46
C GLY C 209 41.83 2.79 -13.68
N GLU C 210 42.80 2.25 -12.97
CA GLU C 210 43.15 0.85 -13.14
C GLU C 210 42.20 0.06 -12.29
N THR C 211 41.88 -1.13 -12.79
CA THR C 211 40.87 -1.97 -12.17
C THR C 211 41.46 -3.28 -11.80
N LYS C 212 41.15 -3.77 -10.58
CA LYS C 212 41.35 -5.21 -10.22
C LYS C 212 40.05 -5.86 -9.78
N TYR C 213 39.94 -7.18 -9.96
CA TYR C 213 38.94 -7.93 -9.27
C TYR C 213 39.26 -8.10 -7.78
N VAL C 214 38.23 -8.12 -6.93
CA VAL C 214 38.41 -8.24 -5.49
C VAL C 214 37.35 -9.20 -4.93
N LYS C 215 37.77 -9.96 -3.91
CA LYS C 215 36.88 -10.64 -2.97
C LYS C 215 37.13 -10.24 -1.55
N TYR C 216 36.03 -10.15 -0.79
CA TYR C 216 36.03 -9.84 0.61
C TYR C 216 35.80 -11.02 1.53
N HIS C 217 36.52 -11.02 2.66
CA HIS C 217 36.38 -12.04 3.69
C HIS C 217 36.39 -11.40 5.07
N TRP C 218 35.46 -11.78 5.93
CA TRP C 218 35.46 -11.35 7.32
C TRP C 218 35.88 -12.49 8.21
N ARG C 219 36.86 -12.30 9.08
CA ARG C 219 37.32 -13.34 10.02
C ARG C 219 36.97 -12.98 11.46
N PRO C 220 36.17 -13.82 12.13
CA PRO C 220 35.69 -13.47 13.47
C PRO C 220 36.85 -13.43 14.48
N SER C 221 36.91 -12.41 15.31
CA SER C 221 37.78 -12.42 16.49
C SER C 221 37.44 -13.58 17.41
N GLU C 222 36.16 -13.94 17.45
CA GLU C 222 35.68 -14.96 18.38
C GLU C 222 35.90 -16.39 17.84
N GLY C 223 36.48 -16.55 16.63
CA GLY C 223 36.65 -17.87 16.00
C GLY C 223 35.36 -18.39 15.41
N ILE C 224 35.45 -19.40 14.58
CA ILE C 224 34.30 -19.99 13.91
C ILE C 224 33.87 -21.17 14.80
N ARG C 225 32.59 -21.24 15.16
CA ARG C 225 32.03 -22.44 15.83
C ARG C 225 30.67 -22.82 15.31
N ASN C 226 30.39 -24.16 15.22
CA ASN C 226 29.30 -24.64 14.46
C ASN C 226 28.61 -25.71 15.34
N LEU C 227 27.39 -26.04 14.97
CA LEU C 227 26.61 -27.03 15.70
C LEU C 227 26.38 -28.24 14.85
N SER C 228 26.59 -29.41 15.48
CA SER C 228 26.10 -30.62 14.93
C SER C 228 24.56 -30.59 14.91
N MET C 229 23.97 -31.51 14.15
CA MET C 229 22.51 -31.65 14.15
C MET C 229 21.97 -31.86 15.58
N GLU C 230 22.67 -32.61 16.41
CA GLU C 230 22.19 -32.89 17.75
C GLU C 230 22.35 -31.72 18.67
N GLU C 231 23.46 -31.00 18.56
CA GLU C 231 23.65 -29.77 19.31
C GLU C 231 22.58 -28.75 18.96
N ALA C 232 22.23 -28.62 17.68
CA ALA C 232 21.20 -27.72 17.22
C ALA C 232 19.81 -28.05 17.80
N ALA C 233 19.42 -29.31 17.76
CA ALA C 233 18.18 -29.75 18.38
C ALA C 233 18.15 -29.45 19.86
N GLU C 234 19.27 -29.57 20.58
CA GLU C 234 19.21 -29.36 22.02
C GLU C 234 18.99 -27.87 22.31
N ILE C 235 19.59 -27.03 21.49
CA ILE C 235 19.34 -25.57 21.64
C ILE C 235 17.90 -25.30 21.25
N GLN C 236 17.43 -25.85 20.14
CA GLN C 236 16.10 -25.53 19.60
C GLN C 236 15.01 -25.81 20.63
N ALA C 237 15.22 -26.85 21.44
CA ALA C 237 14.30 -27.25 22.50
C ALA C 237 13.96 -26.12 23.49
N ASN C 238 14.97 -25.32 23.82
CA ASN C 238 14.91 -24.37 24.93
C ASN C 238 15.00 -22.92 24.44
N ASP C 239 15.40 -22.69 23.20
CA ASP C 239 15.49 -21.27 22.71
C ASP C 239 15.44 -21.23 21.17
N PHE C 240 14.37 -20.71 20.62
CA PHE C 240 14.24 -20.59 19.17
C PHE C 240 14.82 -19.23 18.69
N GLN C 241 15.38 -18.43 19.61
CA GLN C 241 15.99 -17.16 19.21
C GLN C 241 17.38 -16.97 19.83
N HIS C 242 18.14 -18.08 19.90
CA HIS C 242 19.39 -18.05 20.66
C HIS C 242 20.47 -17.09 20.07
N ALA C 243 20.49 -16.95 18.73
CA ALA C 243 21.55 -16.14 18.11
C ALA C 243 21.20 -14.69 18.26
N THR C 244 19.92 -14.36 18.17
CA THR C 244 19.50 -12.91 18.44
C THR C 244 19.83 -12.54 19.93
N ARG C 245 19.52 -13.46 20.82
CA ARG C 245 19.79 -13.26 22.25
C ARG C 245 21.29 -13.07 22.46
N ASP C 246 22.10 -13.97 21.89
CA ASP C 246 23.55 -13.93 22.12
C ASP C 246 24.16 -12.59 21.66
N LEU C 247 23.78 -12.13 20.46
CA LEU C 247 24.36 -10.86 19.91
C LEU C 247 24.02 -9.70 20.81
N TYR C 248 22.76 -9.62 21.20
CA TYR C 248 22.31 -8.52 22.11
C TYR C 248 23.09 -8.56 23.45
N ASP C 249 23.16 -9.77 24.01
CA ASP C 249 23.79 -9.97 25.34
C ASP C 249 25.31 -9.66 25.37
N ARG C 250 26.04 -10.05 24.32
CA ARG C 250 27.46 -9.78 24.21
C ARG C 250 27.64 -8.30 24.25
N ILE C 251 26.79 -7.62 23.52
CA ILE C 251 26.97 -6.14 23.41
C ILE C 251 26.57 -5.46 24.72
N GLU C 252 25.49 -5.92 25.33
CA GLU C 252 25.01 -5.28 26.54
C GLU C 252 26.05 -5.44 27.64
N LYS C 253 26.76 -6.57 27.64
CA LYS C 253 27.78 -6.75 28.72
C LYS C 253 29.20 -6.24 28.36
N GLY C 254 29.35 -5.59 27.20
CA GLY C 254 30.61 -5.01 26.79
C GLY C 254 31.56 -5.97 26.17
N ASN C 255 31.09 -7.20 25.85
CA ASN C 255 31.90 -8.18 25.15
C ASN C 255 31.71 -8.07 23.62
N TYR C 256 32.20 -6.97 23.01
CA TYR C 256 31.87 -6.59 21.61
C TYR C 256 32.50 -7.58 20.61
N PRO C 257 31.70 -8.19 19.72
CA PRO C 257 32.29 -9.09 18.73
C PRO C 257 32.97 -8.29 17.63
N ALA C 258 33.99 -8.86 17.01
CA ALA C 258 34.70 -8.17 15.95
C ALA C 258 35.11 -9.14 14.85
N TRP C 259 35.33 -8.55 13.66
CA TRP C 259 35.79 -9.29 12.51
C TRP C 259 36.90 -8.49 11.83
N ASP C 260 37.97 -9.18 11.48
CA ASP C 260 38.94 -8.60 10.59
C ASP C 260 38.55 -8.75 9.11
N LEU C 261 38.69 -7.67 8.34
CA LEU C 261 38.37 -7.71 6.95
C LEU C 261 39.62 -7.95 6.11
N TYR C 262 39.60 -9.01 5.30
CA TYR C 262 40.67 -9.27 4.35
C TYR C 262 40.15 -9.21 2.95
N VAL C 263 41.05 -9.04 1.97
CA VAL C 263 40.66 -9.11 0.53
C VAL C 263 41.63 -10.00 -0.19
N GLN C 264 41.14 -10.58 -1.27
CA GLN C 264 42.00 -11.13 -2.34
C GLN C 264 41.88 -10.21 -3.55
N LEU C 265 42.98 -10.06 -4.30
CA LEU C 265 42.96 -9.27 -5.51
C LEU C 265 43.51 -10.03 -6.73
N MET C 266 42.89 -9.87 -7.88
CA MET C 266 43.18 -10.63 -9.09
C MET C 266 43.15 -9.69 -10.31
N PRO C 267 44.23 -9.69 -11.09
CA PRO C 267 44.20 -8.97 -12.37
C PRO C 267 43.08 -9.41 -13.25
N LEU C 268 42.44 -8.49 -13.92
CA LEU C 268 41.46 -8.83 -14.93
C LEU C 268 41.97 -9.88 -15.92
N SER C 269 43.25 -9.78 -16.27
CA SER C 269 43.80 -10.55 -17.34
C SER C 269 43.88 -12.05 -16.97
N ASP C 270 43.66 -12.36 -15.70
CA ASP C 270 43.85 -13.72 -15.23
C ASP C 270 42.68 -14.56 -15.67
N TYR C 271 41.60 -13.96 -16.18
CA TYR C 271 40.45 -14.69 -16.72
C TYR C 271 40.88 -15.81 -17.59
N ASP C 272 41.75 -15.46 -18.54
CA ASP C 272 41.87 -16.20 -19.77
C ASP C 272 42.68 -17.46 -19.57
N GLU C 273 43.49 -17.46 -18.50
CA GLU C 273 44.32 -18.61 -18.07
C GLU C 273 43.79 -19.48 -16.90
N LEU C 274 42.65 -19.15 -16.30
CA LEU C 274 41.99 -20.01 -15.29
C LEU C 274 41.06 -21.03 -15.92
N ASP C 275 40.82 -22.16 -15.26
CA ASP C 275 39.89 -23.16 -15.80
C ASP C 275 38.44 -22.96 -15.29
N TYR C 276 38.18 -21.78 -14.72
CA TYR C 276 36.84 -21.41 -14.30
C TYR C 276 36.72 -19.93 -14.59
N ASP C 277 35.47 -19.44 -14.59
CA ASP C 277 35.24 -17.97 -14.66
C ASP C 277 35.38 -17.30 -13.29
N PRO C 278 36.34 -16.35 -13.13
CA PRO C 278 36.52 -15.74 -11.80
C PRO C 278 35.30 -14.94 -11.31
N CYS C 279 34.34 -14.65 -12.19
CA CYS C 279 33.05 -14.01 -11.75
C CYS C 279 31.84 -14.98 -11.65
N ASP C 280 32.10 -16.29 -11.62
CA ASP C 280 31.12 -17.29 -11.32
C ASP C 280 31.08 -17.39 -9.77
N PRO C 281 29.94 -17.03 -9.15
CA PRO C 281 29.84 -17.02 -7.73
C PRO C 281 29.72 -18.45 -7.11
N THR C 282 29.74 -19.48 -7.93
CA THR C 282 29.83 -20.87 -7.43
C THR C 282 31.30 -21.22 -7.19
N LYS C 283 32.21 -20.26 -7.45
CA LYS C 283 33.64 -20.47 -7.33
C LYS C 283 34.30 -19.66 -6.24
N THR C 284 35.26 -20.22 -5.54
CA THR C 284 36.25 -19.46 -4.80
C THR C 284 37.57 -19.29 -5.57
N TRP C 285 38.38 -18.33 -5.14
CA TRP C 285 39.77 -18.18 -5.62
C TRP C 285 40.78 -18.75 -4.62
N SER C 286 41.76 -19.51 -5.16
CA SER C 286 42.77 -20.13 -4.31
C SER C 286 43.47 -19.10 -3.40
N GLU C 287 43.56 -19.37 -2.10
CA GLU C 287 44.27 -18.50 -1.17
C GLU C 287 45.80 -18.67 -1.26
N GLU C 288 46.25 -19.79 -1.82
CA GLU C 288 47.65 -19.89 -2.19
C GLU C 288 47.97 -18.92 -3.32
N ASP C 289 47.17 -18.92 -4.38
CA ASP C 289 47.47 -18.16 -5.59
C ASP C 289 47.09 -16.67 -5.48
N TYR C 290 46.08 -16.38 -4.66
CA TYR C 290 45.59 -15.00 -4.45
C TYR C 290 45.46 -14.79 -2.97
N PRO C 291 46.57 -14.47 -2.32
CA PRO C 291 46.59 -14.44 -0.86
C PRO C 291 45.69 -13.42 -0.16
N LEU C 292 45.25 -13.77 1.04
CA LEU C 292 44.47 -12.80 1.83
C LEU C 292 45.33 -11.60 2.29
N GLN C 293 44.82 -10.39 2.11
CA GLN C 293 45.51 -9.15 2.48
C GLN C 293 44.69 -8.39 3.50
N LYS C 294 45.24 -8.09 4.67
CA LYS C 294 44.44 -7.48 5.73
C LYS C 294 44.10 -6.05 5.46
N VAL C 295 42.85 -5.67 5.71
CA VAL C 295 42.41 -4.32 5.45
C VAL C 295 42.14 -3.56 6.72
N GLY C 296 41.32 -4.15 7.59
CA GLY C 296 41.00 -3.51 8.84
C GLY C 296 40.13 -4.37 9.69
N ARG C 297 39.47 -3.73 10.66
CA ARG C 297 38.70 -4.48 11.69
C ARG C 297 37.39 -3.76 11.97
N MET C 298 36.32 -4.56 12.08
CA MET C 298 34.99 -4.00 12.41
C MET C 298 34.60 -4.48 13.78
N THR C 299 34.15 -3.57 14.64
CA THR C 299 33.75 -3.95 16.00
C THR C 299 32.33 -3.50 16.17
N LEU C 300 31.47 -4.39 16.63
CA LEU C 300 30.04 -4.03 16.90
C LEU C 300 29.82 -3.77 18.39
N ASN C 301 29.40 -2.53 18.75
CA ASN C 301 29.41 -2.10 20.16
C ASN C 301 28.16 -1.42 20.65
N ARG C 302 27.08 -1.45 19.86
CA ARG C 302 25.90 -0.74 20.25
C ARG C 302 24.66 -1.44 19.75
N ASN C 303 23.73 -1.74 20.65
CA ASN C 303 22.42 -2.26 20.22
C ASN C 303 21.47 -1.19 19.76
N PRO C 304 20.52 -1.52 18.85
CA PRO C 304 19.58 -0.51 18.43
C PRO C 304 18.65 -0.10 19.54
N GLU C 305 18.08 1.08 19.44
CA GLU C 305 17.10 1.54 20.42
C GLU C 305 15.72 0.95 20.23
N ASN C 306 15.35 0.65 18.98
CA ASN C 306 14.02 0.02 18.65
C ASN C 306 14.17 -0.96 17.54
N PHE C 307 13.73 -2.22 17.74
CA PHE C 307 14.06 -3.25 16.86
C PHE C 307 13.31 -3.01 15.56
N PHE C 308 12.06 -2.54 15.66
CA PHE C 308 11.24 -2.43 14.40
C PHE C 308 11.81 -1.28 13.56
N ALA C 309 12.02 -0.15 14.20
CA ALA C 309 12.37 1.03 13.48
C ALA C 309 13.74 0.95 12.79
N GLU C 310 14.67 0.24 13.45
CA GLU C 310 16.06 0.14 13.00
C GLU C 310 16.38 -1.16 12.35
N THR C 311 16.13 -2.27 12.99
CA THR C 311 16.54 -3.56 12.38
C THR C 311 15.50 -4.08 11.38
N GLU C 312 14.21 -4.02 11.72
CA GLU C 312 13.21 -4.50 10.75
C GLU C 312 13.16 -3.68 9.51
N GLN C 313 13.27 -2.33 9.66
CA GLN C 313 13.18 -1.43 8.52
C GLN C 313 14.49 -1.23 7.78
N ALA C 314 15.59 -1.81 8.26
CA ALA C 314 16.91 -1.66 7.58
C ALA C 314 16.86 -2.13 6.15
N ALA C 315 17.44 -1.36 5.26
CA ALA C 315 17.43 -1.72 3.86
C ALA C 315 18.86 -1.74 3.34
N PHE C 316 19.35 -2.93 2.91
CA PHE C 316 20.67 -3.00 2.25
C PHE C 316 20.54 -3.31 0.77
N THR C 317 21.51 -2.86 -0.08
CA THR C 317 21.53 -3.26 -1.47
C THR C 317 22.97 -3.41 -2.01
N PRO C 318 23.24 -4.48 -2.75
CA PRO C 318 24.58 -4.55 -3.40
C PRO C 318 24.86 -3.47 -4.42
N SER C 319 23.81 -2.84 -4.93
CA SER C 319 23.98 -1.64 -5.78
C SER C 319 24.24 -0.31 -5.00
N ALA C 320 24.29 -0.34 -3.67
CA ALA C 320 24.81 0.79 -2.95
C ALA C 320 26.36 0.77 -2.92
N LEU C 321 26.96 1.11 -4.05
CA LEU C 321 28.35 1.12 -4.29
C LEU C 321 28.93 2.55 -4.18
N VAL C 322 30.16 2.67 -3.75
CA VAL C 322 30.78 4.03 -3.67
C VAL C 322 31.92 4.20 -4.64
N PRO C 323 32.29 5.47 -4.95
CA PRO C 323 33.35 5.56 -5.89
C PRO C 323 34.57 4.75 -5.53
N GLY C 324 35.13 4.05 -6.51
CA GLY C 324 36.27 3.15 -6.31
C GLY C 324 35.86 1.67 -6.18
N ILE C 325 34.56 1.43 -6.05
CA ILE C 325 34.03 0.04 -5.87
C ILE C 325 32.86 -0.16 -6.81
N GLU C 326 32.90 -1.16 -7.68
CA GLU C 326 31.93 -1.33 -8.75
C GLU C 326 31.52 -2.78 -8.84
N ALA C 327 30.36 -3.02 -9.48
CA ALA C 327 29.92 -4.44 -9.75
C ALA C 327 30.92 -5.09 -10.67
N SER C 328 31.02 -6.40 -10.57
CA SER C 328 31.50 -7.18 -11.67
C SER C 328 30.30 -7.63 -12.54
N GLU C 329 30.69 -8.25 -13.63
CA GLU C 329 29.84 -8.84 -14.64
C GLU C 329 29.09 -10.06 -14.14
N ASP C 330 29.38 -10.54 -12.93
CA ASP C 330 28.70 -11.72 -12.32
C ASP C 330 27.16 -11.60 -12.47
N LYS C 331 26.54 -12.58 -13.16
CA LYS C 331 25.15 -12.46 -13.59
C LYS C 331 24.17 -12.59 -12.42
N LEU C 332 24.63 -13.17 -11.33
CA LEU C 332 23.87 -13.27 -10.14
C LEU C 332 23.86 -11.89 -9.44
N LEU C 333 25.04 -11.36 -9.23
CA LEU C 333 25.17 -9.95 -8.76
C LEU C 333 24.32 -9.02 -9.58
N GLN C 334 24.37 -9.12 -10.91
CA GLN C 334 23.67 -8.17 -11.73
C GLN C 334 22.15 -8.07 -11.35
N GLY C 335 21.49 -9.20 -11.18
CA GLY C 335 20.09 -9.19 -10.71
C GLY C 335 19.85 -8.62 -9.35
N ARG C 336 20.80 -8.80 -8.42
CA ARG C 336 20.67 -8.25 -7.10
C ARG C 336 20.62 -6.73 -7.17
N LEU C 337 21.35 -6.15 -8.12
CA LEU C 337 21.46 -4.68 -8.16
C LEU C 337 20.06 -4.10 -8.25
N PHE C 338 19.24 -4.78 -9.01
CA PHE C 338 17.84 -4.44 -9.23
C PHE C 338 16.89 -4.87 -8.09
N SER C 339 17.00 -6.12 -7.67
CA SER C 339 15.99 -6.69 -6.77
C SER C 339 15.90 -6.01 -5.43
N TYR C 340 17.03 -5.63 -4.81
CA TYR C 340 16.94 -5.10 -3.42
C TYR C 340 16.14 -3.78 -3.28
N PRO C 341 16.57 -2.76 -3.98
CA PRO C 341 15.77 -1.49 -3.90
C PRO C 341 14.32 -1.69 -4.42
N ASP C 342 14.14 -2.60 -5.38
CA ASP C 342 12.81 -2.94 -5.87
C ASP C 342 11.93 -3.52 -4.77
N THR C 343 12.41 -4.57 -4.11
CA THR C 343 11.67 -5.13 -2.96
C THR C 343 11.44 -4.10 -1.86
N GLN C 344 12.41 -3.18 -1.66
CA GLN C 344 12.38 -2.29 -0.50
C GLN C 344 11.32 -1.19 -0.68
N ARG C 345 11.18 -0.74 -1.91
CA ARG C 345 10.09 0.21 -2.25
C ARG C 345 8.73 -0.35 -1.86
N HIS C 346 8.50 -1.66 -2.08
CA HIS C 346 7.27 -2.40 -1.70
C HIS C 346 7.17 -2.60 -0.21
N ARG C 347 8.25 -3.08 0.36
CA ARG C 347 8.28 -3.48 1.77
C ARG C 347 8.21 -2.30 2.70
N LEU C 348 8.89 -1.20 2.32
CA LEU C 348 9.09 -0.08 3.26
C LEU C 348 8.50 1.26 2.79
N GLY C 349 8.16 1.38 1.48
CA GLY C 349 7.61 2.60 0.90
C GLY C 349 8.61 3.31 0.01
N ALA C 350 8.09 4.13 -0.89
CA ALA C 350 8.94 4.76 -1.90
C ALA C 350 10.06 5.61 -1.24
N ASN C 351 9.77 6.22 -0.07
CA ASN C 351 10.72 6.99 0.69
C ASN C 351 11.51 6.26 1.76
N TYR C 352 11.75 4.96 1.54
CA TYR C 352 12.46 4.21 2.50
C TYR C 352 13.85 4.67 2.81
N MET C 353 14.49 5.37 1.86
CA MET C 353 15.81 5.92 2.12
C MET C 353 15.86 7.10 3.13
N ARG C 354 14.71 7.61 3.56
CA ARG C 354 14.64 8.66 4.58
C ARG C 354 14.45 8.06 5.99
N ILE C 355 14.26 6.74 6.06
CA ILE C 355 14.13 6.11 7.37
C ILE C 355 15.49 6.23 8.03
N PRO C 356 15.53 6.60 9.31
CA PRO C 356 16.84 6.99 9.88
C PRO C 356 18.00 6.06 9.71
N VAL C 357 17.84 4.76 9.96
CA VAL C 357 18.89 3.83 9.74
C VAL C 357 19.39 3.75 8.31
N ASN C 358 18.55 4.06 7.33
CA ASN C 358 18.93 3.98 5.97
C ASN C 358 19.55 5.29 5.45
N CYS C 359 19.40 6.35 6.19
CA CYS C 359 19.95 7.69 5.75
C CYS C 359 21.51 7.68 5.67
N PRO C 360 22.07 8.30 4.61
CA PRO C 360 23.55 8.57 4.57
C PRO C 360 23.99 9.62 5.51
N TYR C 361 25.26 9.56 5.89
CA TYR C 361 25.87 10.66 6.62
C TYR C 361 26.21 11.76 5.64
N ALA C 362 26.64 11.39 4.43
CA ALA C 362 26.89 12.32 3.34
C ALA C 362 25.64 13.04 2.86
N PRO C 363 25.79 14.27 2.38
CA PRO C 363 24.63 15.07 2.06
C PRO C 363 23.86 14.47 0.91
N VAL C 364 22.56 14.66 0.93
CA VAL C 364 21.68 14.22 -0.16
C VAL C 364 21.05 15.49 -0.79
N HIS C 365 21.24 15.70 -2.08
CA HIS C 365 20.53 16.73 -2.82
C HIS C 365 20.16 16.24 -4.18
N ASN C 366 18.88 16.24 -4.49
CA ASN C 366 18.47 15.90 -5.85
C ASN C 366 17.04 16.28 -6.12
N ASN C 367 16.58 15.97 -7.33
CA ASN C 367 15.34 16.54 -7.81
C ASN C 367 14.15 15.61 -7.69
N GLN C 368 14.36 14.48 -6.98
CA GLN C 368 13.27 13.59 -6.69
C GLN C 368 12.26 14.30 -5.76
N GLN C 369 10.99 13.88 -5.79
CA GLN C 369 9.95 14.50 -4.94
C GLN C 369 8.82 13.58 -4.59
N ASP C 370 8.12 13.93 -3.51
CA ASP C 370 6.79 13.43 -3.20
C ASP C 370 6.90 11.91 -2.84
N GLY C 371 5.86 11.17 -3.11
CA GLY C 371 5.77 9.78 -2.63
C GLY C 371 5.19 9.66 -1.24
N PHE C 372 4.66 8.47 -0.94
N PHE C 372 4.67 8.47 -0.95
CA PHE C 372 3.93 8.25 0.34
CA PHE C 372 4.00 8.13 0.30
C PHE C 372 4.83 8.65 1.51
C PHE C 372 4.84 8.60 1.51
N MET C 373 4.24 9.30 2.50
CA MET C 373 4.95 9.67 3.73
C MET C 373 6.17 10.59 3.49
N THR C 374 5.86 11.74 2.84
CA THR C 374 6.85 12.77 2.67
C THR C 374 6.95 13.56 3.98
N THR C 375 8.06 13.41 4.68
CA THR C 375 8.23 13.97 6.03
C THR C 375 9.32 15.03 6.11
N THR C 376 10.03 15.28 5.01
CA THR C 376 11.31 16.00 5.02
C THR C 376 11.22 17.53 4.83
N ARG C 377 10.03 18.09 4.84
CA ARG C 377 9.85 19.58 4.61
C ARG C 377 10.56 20.11 3.40
N PRO C 378 10.19 19.63 2.21
CA PRO C 378 10.80 20.17 1.02
C PRO C 378 10.40 21.61 0.77
N SER C 379 11.18 22.28 -0.08
CA SER C 379 10.95 23.67 -0.44
C SER C 379 11.62 23.94 -1.79
N GLY C 380 11.33 25.11 -2.37
CA GLY C 380 11.97 25.52 -3.63
C GLY C 380 11.06 25.28 -4.82
N HIS C 381 11.33 26.02 -5.88
CA HIS C 381 10.58 25.93 -7.14
C HIS C 381 11.22 24.99 -8.15
N ILE C 382 12.45 24.53 -7.87
CA ILE C 382 13.28 24.01 -8.94
C ILE C 382 13.59 22.53 -8.65
N ASN C 383 12.93 21.70 -9.43
CA ASN C 383 12.98 20.25 -9.21
C ASN C 383 13.30 19.56 -10.52
N TYR C 384 14.01 20.29 -11.37
CA TYR C 384 14.43 19.84 -12.71
C TYR C 384 15.86 20.33 -13.05
N GLU C 385 16.57 19.51 -13.83
CA GLU C 385 17.93 19.86 -14.30
C GLU C 385 18.06 19.31 -15.71
N PRO C 386 18.61 20.09 -16.65
CA PRO C 386 19.32 21.36 -16.46
C PRO C 386 18.43 22.51 -16.12
N ASN C 387 19.01 23.47 -15.45
CA ASN C 387 18.33 24.72 -15.07
C ASN C 387 19.32 25.82 -15.03
N ARG C 388 18.83 27.06 -14.98
CA ARG C 388 19.68 28.20 -15.16
C ARG C 388 20.35 28.64 -13.88
N TYR C 389 20.16 27.92 -12.79
CA TYR C 389 20.54 28.39 -11.46
C TYR C 389 21.82 27.76 -10.96
N ASP C 390 22.84 28.59 -10.73
CA ASP C 390 24.18 28.08 -10.50
C ASP C 390 24.29 27.39 -9.15
N ASP C 391 23.41 27.78 -8.23
CA ASP C 391 23.41 27.25 -6.88
C ASP C 391 22.71 25.87 -6.74
N GLN C 392 21.90 25.46 -7.74
CA GLN C 392 21.08 24.25 -7.59
C GLN C 392 22.05 23.09 -7.78
N PRO C 393 21.66 21.88 -7.35
CA PRO C 393 22.62 20.80 -7.51
C PRO C 393 23.00 20.48 -8.94
N LYS C 394 24.30 20.22 -9.17
CA LYS C 394 24.78 19.82 -10.48
C LYS C 394 25.58 18.56 -10.45
N GLU C 395 25.64 17.92 -11.60
CA GLU C 395 26.51 16.74 -11.74
C GLU C 395 27.96 17.12 -11.52
N ASN C 396 28.77 16.13 -11.18
CA ASN C 396 30.14 16.32 -10.86
C ASN C 396 31.02 15.27 -11.55
N PRO C 397 31.78 15.69 -12.56
CA PRO C 397 32.48 14.72 -13.41
C PRO C 397 33.68 14.04 -12.75
N HIS C 398 34.10 14.53 -11.60
CA HIS C 398 35.05 13.80 -10.79
C HIS C 398 34.55 12.45 -10.28
N TYR C 399 33.24 12.26 -10.30
CA TYR C 399 32.69 11.04 -9.75
C TYR C 399 32.02 10.13 -10.80
N LYS C 400 32.60 10.01 -11.98
CA LYS C 400 32.09 9.07 -13.00
C LYS C 400 32.54 7.63 -12.66
N GLU C 401 31.76 6.64 -13.07
CA GLU C 401 32.21 5.26 -12.90
C GLU C 401 33.15 4.91 -14.08
N SER C 402 33.89 3.82 -13.90
CA SER C 402 34.76 3.29 -14.92
C SER C 402 33.90 2.84 -16.13
N GLU C 403 34.58 2.41 -17.17
CA GLU C 403 33.97 1.95 -18.39
C GLU C 403 34.50 0.56 -18.72
N PRO C 404 34.00 -0.47 -18.04
CA PRO C 404 34.40 -1.84 -18.35
C PRO C 404 34.32 -2.22 -19.85
N VAL C 405 35.37 -2.88 -20.29
CA VAL C 405 35.43 -3.42 -21.64
C VAL C 405 34.46 -4.61 -21.76
N LEU C 406 33.75 -4.64 -22.88
CA LEU C 406 32.84 -5.73 -23.21
C LEU C 406 33.53 -6.64 -24.19
N HIS C 407 33.55 -7.92 -23.88
CA HIS C 407 34.15 -8.91 -24.74
C HIS C 407 33.11 -9.55 -25.66
N GLY C 408 31.82 -9.39 -25.36
CA GLY C 408 30.75 -9.97 -26.18
C GLY C 408 30.32 -9.08 -27.35
N ASP C 409 29.86 -9.73 -28.41
CA ASP C 409 29.50 -9.17 -29.75
C ASP C 409 28.03 -8.74 -29.80
N ARG C 410 27.22 -9.49 -29.04
CA ARG C 410 25.78 -9.54 -29.18
C ARG C 410 25.06 -9.62 -27.80
N MET C 411 23.78 -9.24 -27.82
CA MET C 411 22.85 -9.46 -26.70
C MET C 411 22.42 -10.89 -26.73
N VAL C 412 22.84 -11.68 -25.74
CA VAL C 412 22.64 -13.12 -25.77
C VAL C 412 22.03 -13.62 -24.44
N ARG C 413 21.35 -14.77 -24.51
CA ARG C 413 21.04 -15.56 -23.35
C ARG C 413 21.77 -16.87 -23.46
N GLN C 414 22.88 -16.98 -22.72
CA GLN C 414 23.77 -18.10 -22.86
C GLN C 414 24.57 -18.32 -21.58
N LYS C 415 24.67 -19.58 -21.11
CA LYS C 415 25.51 -19.90 -19.97
C LYS C 415 26.95 -19.41 -20.21
N ILE C 416 27.63 -19.04 -19.12
CA ILE C 416 29.08 -18.72 -19.20
C ILE C 416 29.86 -19.91 -19.70
N GLU C 417 30.97 -19.64 -20.35
CA GLU C 417 31.94 -20.69 -20.68
C GLU C 417 32.68 -21.11 -19.44
N LYS C 418 33.41 -22.22 -19.54
CA LYS C 418 33.96 -22.92 -18.38
C LYS C 418 33.12 -22.95 -17.07
N PRO C 419 31.92 -23.45 -17.14
CA PRO C 419 31.13 -23.67 -15.91
C PRO C 419 31.81 -24.57 -14.83
N ASN C 420 32.52 -25.61 -15.28
CA ASN C 420 33.32 -26.44 -14.36
C ASN C 420 32.58 -26.76 -13.06
N ASP C 421 31.43 -27.41 -13.14
CA ASP C 421 30.54 -27.48 -11.99
C ASP C 421 31.07 -28.31 -10.82
N PHE C 422 32.04 -29.22 -11.05
CA PHE C 422 32.35 -30.23 -10.08
C PHE C 422 33.70 -30.13 -9.43
N LYS C 423 34.64 -29.46 -10.10
CA LYS C 423 36.03 -29.48 -9.66
C LYS C 423 36.25 -28.90 -8.27
N GLN C 424 35.77 -27.68 -8.02
CA GLN C 424 35.99 -27.11 -6.72
C GLN C 424 35.25 -27.88 -5.59
N ALA C 425 34.12 -28.48 -5.87
CA ALA C 425 33.38 -29.23 -4.88
C ALA C 425 34.24 -30.45 -4.44
N GLY C 426 34.92 -31.04 -5.41
CA GLY C 426 35.91 -32.08 -5.10
C GLY C 426 37.08 -31.60 -4.29
N GLU C 427 37.63 -30.44 -4.67
CA GLU C 427 38.71 -29.86 -3.88
C GLU C 427 38.32 -29.57 -2.47
N LYS C 428 37.10 -29.07 -2.28
CA LYS C 428 36.64 -28.73 -0.90
C LYS C 428 36.49 -30.02 -0.11
N TYR C 429 35.89 -31.00 -0.74
CA TYR C 429 35.76 -32.30 -0.08
C TYR C 429 37.10 -32.82 0.44
N ARG C 430 38.08 -32.85 -0.44
CA ARG C 430 39.40 -33.34 -0.06
C ARG C 430 40.12 -32.51 0.98
N SER C 431 39.81 -31.20 1.05
CA SER C 431 40.35 -30.32 2.09
C SER C 431 39.81 -30.59 3.53
N TYR C 432 38.64 -31.22 3.63
CA TYR C 432 38.05 -31.62 4.91
C TYR C 432 38.87 -32.67 5.68
N SER C 433 39.00 -32.46 6.99
CA SER C 433 39.46 -33.52 7.88
C SER C 433 38.54 -34.70 7.84
N GLU C 434 39.02 -35.83 8.30
CA GLU C 434 38.19 -37.07 8.26
C GLU C 434 36.94 -36.86 9.09
N GLU C 435 37.07 -36.18 10.23
CA GLU C 435 35.88 -35.90 11.04
C GLU C 435 34.88 -35.05 10.28
N GLU C 436 35.38 -34.04 9.59
CA GLU C 436 34.60 -33.17 8.79
C GLU C 436 33.90 -33.88 7.64
N LYS C 437 34.63 -34.77 6.95
CA LYS C 437 34.05 -35.64 5.93
C LYS C 437 32.94 -36.56 6.46
N GLN C 438 33.14 -37.17 7.63
CA GLN C 438 32.05 -37.89 8.28
C GLN C 438 30.80 -37.06 8.58
N ALA C 439 30.97 -35.85 9.05
CA ALA C 439 29.82 -34.98 9.40
C ALA C 439 29.06 -34.67 8.12
N LEU C 440 29.81 -34.38 7.06
CA LEU C 440 29.19 -34.00 5.77
C LEU C 440 28.32 -35.14 5.32
N ILE C 441 28.89 -36.33 5.33
CA ILE C 441 28.15 -37.47 4.83
C ILE C 441 26.91 -37.74 5.66
N LYS C 442 27.06 -37.61 6.96
CA LYS C 442 25.98 -37.79 7.91
C LYS C 442 24.86 -36.80 7.64
N ASN C 443 25.23 -35.54 7.48
CA ASN C 443 24.19 -34.48 7.33
C ASN C 443 23.50 -34.62 5.97
N LEU C 444 24.26 -34.96 4.91
CA LEU C 444 23.66 -35.20 3.58
C LEU C 444 22.70 -36.38 3.61
N THR C 445 23.15 -37.46 4.26
CA THR C 445 22.37 -38.66 4.34
C THR C 445 21.02 -38.47 5.04
N ALA C 446 21.03 -37.80 6.18
CA ALA C 446 19.76 -37.52 6.88
C ALA C 446 18.81 -36.67 6.04
N ASP C 447 19.34 -35.77 5.21
CA ASP C 447 18.53 -34.94 4.32
C ASP C 447 18.02 -35.61 3.10
N LEU C 448 18.81 -36.60 2.60
CA LEU C 448 18.50 -37.23 1.30
C LEU C 448 17.69 -38.52 1.44
N LYS C 449 17.73 -39.11 2.62
CA LYS C 449 17.26 -40.48 2.74
C LYS C 449 15.76 -40.67 2.43
N GLY C 450 14.96 -39.61 2.57
CA GLY C 450 13.56 -39.68 2.19
C GLY C 450 13.16 -39.21 0.79
N VAL C 451 14.11 -38.72 0.01
CA VAL C 451 13.80 -38.10 -1.26
C VAL C 451 13.56 -39.14 -2.32
N ASN C 452 12.84 -38.74 -3.36
CA ASN C 452 12.60 -39.57 -4.57
C ASN C 452 13.86 -40.28 -5.03
N GLU C 453 13.76 -41.59 -5.32
CA GLU C 453 14.96 -42.38 -5.61
C GLU C 453 15.78 -41.84 -6.76
N LYS C 454 15.11 -41.41 -7.81
CA LYS C 454 15.80 -40.86 -9.00
C LYS C 454 16.61 -39.59 -8.70
N THR C 455 15.98 -38.66 -7.95
CA THR C 455 16.63 -37.47 -7.45
C THR C 455 17.78 -37.79 -6.49
N LYS C 456 17.55 -38.75 -5.59
CA LYS C 456 18.61 -39.30 -4.73
C LYS C 456 19.86 -39.79 -5.52
N LEU C 457 19.61 -40.57 -6.57
CA LEU C 457 20.68 -41.09 -7.41
C LEU C 457 21.41 -39.96 -8.15
N LEU C 458 20.66 -39.03 -8.70
CA LEU C 458 21.26 -37.86 -9.32
C LEU C 458 22.14 -37.07 -8.33
N ALA C 459 21.72 -36.90 -7.10
CA ALA C 459 22.55 -36.21 -6.10
C ALA C 459 23.86 -36.94 -5.90
N ILE C 460 23.76 -38.25 -5.78
CA ILE C 460 24.98 -39.07 -5.56
C ILE C 460 25.93 -38.87 -6.74
N CYS C 461 25.38 -38.92 -7.95
CA CYS C 461 26.16 -38.75 -9.19
C CYS C 461 26.91 -37.45 -9.22
N ASN C 462 26.19 -36.39 -8.84
CA ASN C 462 26.81 -35.07 -8.84
C ASN C 462 27.97 -35.04 -7.87
N PHE C 463 27.80 -35.63 -6.70
CA PHE C 463 28.89 -35.63 -5.72
C PHE C 463 30.01 -36.60 -6.15
N TYR C 464 29.63 -37.71 -6.77
CA TYR C 464 30.64 -38.61 -7.36
C TYR C 464 31.49 -37.99 -8.45
N ARG C 465 30.92 -37.09 -9.23
CA ARG C 465 31.68 -36.31 -10.19
C ARG C 465 32.64 -35.28 -9.58
N ALA C 466 32.23 -34.73 -8.42
CA ALA C 466 33.09 -33.92 -7.57
C ALA C 466 34.33 -34.68 -7.06
N ASP C 467 34.05 -35.80 -6.39
CA ASP C 467 35.10 -36.67 -5.97
C ASP C 467 34.50 -38.10 -5.88
N GLU C 468 35.18 -39.05 -6.49
CA GLU C 468 34.76 -40.49 -6.34
C GLU C 468 34.51 -40.99 -4.91
N ASP C 469 35.39 -40.63 -3.98
CA ASP C 469 35.29 -41.13 -2.59
C ASP C 469 34.06 -40.52 -1.90
N TYR C 470 33.93 -39.22 -2.12
CA TYR C 470 32.75 -38.43 -1.69
C TYR C 470 31.46 -39.06 -2.09
N GLY C 471 31.29 -39.29 -3.37
CA GLY C 471 30.10 -39.91 -3.88
C GLY C 471 29.89 -41.35 -3.43
N GLN C 472 30.97 -42.09 -3.38
CA GLN C 472 30.85 -43.52 -2.94
C GLN C 472 30.42 -43.63 -1.46
N ARG C 473 31.05 -42.83 -0.61
CA ARG C 473 30.66 -42.77 0.80
C ARG C 473 29.20 -42.42 0.98
N LEU C 474 28.73 -41.42 0.22
CA LEU C 474 27.32 -41.01 0.33
C LEU C 474 26.43 -42.18 -0.11
N ALA C 475 26.78 -42.79 -1.23
CA ALA C 475 26.01 -43.91 -1.72
C ALA C 475 25.94 -45.03 -0.66
N ASP C 476 27.08 -45.36 -0.04
CA ASP C 476 27.15 -46.41 1.01
C ASP C 476 26.25 -46.06 2.17
N SER C 477 26.28 -44.81 2.58
CA SER C 477 25.55 -44.37 3.73
C SER C 477 24.06 -44.35 3.41
N LEU C 478 23.67 -44.11 2.16
CA LEU C 478 22.24 -44.17 1.78
C LEU C 478 21.75 -45.59 1.35
N GLY C 479 22.65 -46.55 1.32
CA GLY C 479 22.30 -47.94 0.94
C GLY C 479 22.07 -48.10 -0.56
N VAL C 480 22.58 -47.18 -1.37
CA VAL C 480 22.36 -47.19 -2.82
C VAL C 480 23.57 -47.85 -3.51
N ASP C 481 23.31 -48.92 -4.28
CA ASP C 481 24.39 -49.61 -4.98
C ASP C 481 24.59 -48.94 -6.34
N ILE C 482 25.77 -48.39 -6.54
CA ILE C 482 26.08 -47.63 -7.78
C ILE C 482 27.14 -48.32 -8.66
N ARG C 483 27.42 -49.59 -8.39
CA ARG C 483 28.40 -50.35 -9.18
C ARG C 483 28.10 -50.37 -10.69
N SER C 484 26.84 -50.52 -11.06
CA SER C 484 26.48 -50.68 -12.48
C SER C 484 26.71 -49.39 -13.30
N TYR C 485 26.93 -48.26 -12.62
CA TYR C 485 27.24 -46.97 -13.26
C TYR C 485 28.73 -46.62 -13.29
N HIS D 6 -35.63 -8.16 -9.38
CA HIS D 6 -35.60 -7.67 -7.96
C HIS D 6 -34.51 -8.36 -7.13
N LYS D 7 -33.80 -7.57 -6.32
CA LYS D 7 -32.59 -8.03 -5.61
C LYS D 7 -32.55 -7.40 -4.22
N ASN D 8 -31.98 -8.10 -3.23
CA ASN D 8 -31.65 -7.48 -1.97
C ASN D 8 -30.36 -6.72 -2.07
N LEU D 9 -30.36 -5.55 -1.46
CA LEU D 9 -29.13 -4.94 -1.04
C LEU D 9 -28.50 -5.81 0.08
N THR D 10 -27.20 -6.08 0.01
CA THR D 10 -26.53 -6.91 1.01
C THR D 10 -25.25 -6.25 1.53
N THR D 11 -24.74 -6.74 2.65
CA THR D 11 -23.35 -6.45 3.03
C THR D 11 -22.42 -7.33 2.15
N ASN D 12 -21.12 -7.10 2.25
CA ASN D 12 -20.15 -7.94 1.54
C ASN D 12 -20.08 -9.37 2.11
N GLN D 13 -20.69 -9.58 3.28
CA GLN D 13 -20.85 -10.92 3.83
C GLN D 13 -22.03 -11.63 3.23
N GLY D 14 -22.84 -10.94 2.44
CA GLY D 14 -24.03 -11.54 1.81
C GLY D 14 -25.27 -11.51 2.69
N VAL D 15 -25.25 -10.74 3.77
CA VAL D 15 -26.42 -10.59 4.65
C VAL D 15 -27.31 -9.47 4.11
N PRO D 16 -28.60 -9.77 3.86
CA PRO D 16 -29.51 -8.71 3.42
C PRO D 16 -29.54 -7.54 4.39
N VAL D 17 -29.53 -6.33 3.85
CA VAL D 17 -29.58 -5.10 4.64
C VAL D 17 -31.04 -4.72 4.95
N GLY D 18 -31.31 -4.52 6.24
CA GLY D 18 -32.65 -4.24 6.73
C GLY D 18 -33.05 -2.82 6.52
N ASP D 19 -32.07 -1.93 6.56
CA ASP D 19 -32.32 -0.49 6.55
C ASP D 19 -31.06 0.21 6.02
N ASN D 20 -31.19 0.82 4.86
CA ASN D 20 -30.06 1.47 4.20
C ASN D 20 -30.15 3.01 4.32
N GLN D 21 -31.01 3.49 5.20
CA GLN D 21 -31.20 4.90 5.44
C GLN D 21 -30.69 5.39 6.78
N ASN D 22 -30.87 4.61 7.86
CA ASN D 22 -30.60 5.09 9.19
C ASN D 22 -29.41 4.38 9.81
N SER D 23 -28.50 5.17 10.37
CA SER D 23 -27.52 4.66 11.32
C SER D 23 -28.15 4.11 12.58
N ARG D 24 -27.44 3.19 13.26
CA ARG D 24 -27.87 2.69 14.57
C ARG D 24 -27.50 3.62 15.72
N THR D 25 -28.51 4.06 16.49
CA THR D 25 -28.33 5.16 17.43
C THR D 25 -29.07 4.92 18.76
N ALA D 26 -28.72 5.70 19.78
CA ALA D 26 -29.39 5.66 21.07
C ALA D 26 -30.72 6.41 20.97
N GLY D 27 -31.78 5.69 20.57
CA GLY D 27 -33.06 6.29 20.21
C GLY D 27 -32.98 7.05 18.91
N HIS D 28 -34.07 7.70 18.52
CA HIS D 28 -34.18 8.31 17.22
C HIS D 28 -33.27 9.54 17.06
N ARG D 29 -32.81 10.11 18.17
CA ARG D 29 -31.99 11.32 18.05
C ARG D 29 -30.66 11.28 18.78
N GLY D 30 -30.25 10.11 19.26
CA GLY D 30 -29.06 10.04 20.13
C GLY D 30 -27.82 9.81 19.27
N PRO D 31 -26.65 9.72 19.90
CA PRO D 31 -25.42 9.39 19.19
C PRO D 31 -25.37 7.95 18.64
N SER D 32 -24.36 7.69 17.81
CA SER D 32 -24.30 6.48 17.02
C SER D 32 -23.53 5.36 17.71
N PHE D 33 -23.94 4.11 17.48
CA PHE D 33 -23.26 3.00 18.03
C PHE D 33 -22.14 2.41 17.14
N LEU D 34 -21.09 1.91 17.78
CA LEU D 34 -20.05 1.22 17.08
C LEU D 34 -20.55 -0.06 16.41
N ASP D 35 -21.48 -0.79 17.06
CA ASP D 35 -22.01 -2.02 16.49
C ASP D 35 -23.02 -1.69 15.38
N ASP D 36 -22.52 -1.26 14.26
CA ASP D 36 -23.32 -1.02 13.05
C ASP D 36 -22.43 -1.43 11.87
N TYR D 37 -22.42 -2.75 11.62
CA TYR D 37 -21.47 -3.28 10.65
C TYR D 37 -21.76 -2.72 9.26
N HIS D 38 -23.03 -2.59 8.90
CA HIS D 38 -23.36 -2.08 7.56
C HIS D 38 -22.88 -0.64 7.32
N LEU D 39 -23.07 0.24 8.31
CA LEU D 39 -22.47 1.61 8.26
C LEU D 39 -20.92 1.56 8.09
N ILE D 40 -20.24 0.82 8.97
CA ILE D 40 -18.79 0.88 8.96
C ILE D 40 -18.24 0.25 7.70
N GLU D 41 -18.80 -0.88 7.28
CA GLU D 41 -18.35 -1.51 6.06
C GLU D 41 -18.52 -0.57 4.84
N LYS D 42 -19.69 0.07 4.74
CA LYS D 42 -20.04 0.85 3.62
C LYS D 42 -19.20 2.14 3.57
N LEU D 43 -19.06 2.80 4.71
CA LEU D 43 -18.14 3.95 4.82
C LEU D 43 -16.65 3.61 4.57
N ALA D 44 -16.18 2.52 5.16
CA ALA D 44 -14.77 2.16 5.02
C ALA D 44 -14.45 1.87 3.57
N HIS D 45 -15.33 1.22 2.85
CA HIS D 45 -15.05 0.91 1.43
C HIS D 45 -15.10 2.16 0.59
N PHE D 46 -16.11 2.98 0.88
CA PHE D 46 -16.11 4.36 0.35
C PHE D 46 -14.79 5.11 0.55
N ASP D 47 -14.24 5.03 1.75
CA ASP D 47 -13.03 5.70 2.13
C ASP D 47 -11.82 5.18 1.39
N ARG D 48 -11.94 4.02 0.79
CA ARG D 48 -10.83 3.36 0.06
C ARG D 48 -11.00 3.29 -1.47
N GLU D 49 -11.99 3.97 -2.04
CA GLU D 49 -12.30 3.88 -3.48
C GLU D 49 -11.12 4.28 -4.40
N ARG D 50 -10.33 5.29 -3.97
CA ARG D 50 -9.38 5.93 -4.85
C ARG D 50 -8.00 5.25 -4.82
N ILE D 51 -7.39 5.17 -5.98
CA ILE D 51 -6.03 4.74 -6.13
C ILE D 51 -5.20 5.88 -6.72
N PRO D 52 -3.88 5.79 -6.65
CA PRO D 52 -3.09 6.84 -7.34
C PRO D 52 -3.38 6.96 -8.84
N GLU D 53 -3.40 8.18 -9.38
CA GLU D 53 -3.62 8.37 -10.80
C GLU D 53 -2.30 8.11 -11.47
N ARG D 54 -2.31 8.00 -12.79
CA ARG D 54 -1.06 7.85 -13.55
C ARG D 54 -0.13 9.07 -13.33
N VAL D 55 1.16 8.83 -13.11
CA VAL D 55 2.11 9.96 -12.93
C VAL D 55 2.16 10.94 -14.08
N VAL D 56 1.98 10.45 -15.31
CA VAL D 56 1.66 11.29 -16.48
C VAL D 56 0.52 10.65 -17.27
N HIS D 57 -0.14 11.42 -18.10
CA HIS D 57 -1.35 10.93 -18.87
C HIS D 57 -2.50 10.49 -17.97
N ALA D 58 -2.69 11.24 -16.87
CA ALA D 58 -3.72 10.91 -15.89
C ALA D 58 -5.16 11.09 -16.40
N ARG D 59 -5.36 12.12 -17.24
CA ARG D 59 -6.67 12.40 -17.91
C ARG D 59 -6.80 11.68 -19.22
N GLY D 60 -7.81 10.83 -19.32
CA GLY D 60 -7.96 10.01 -20.52
C GLY D 60 -9.25 9.20 -20.57
N ALA D 61 -9.43 8.52 -21.71
CA ALA D 61 -10.65 7.80 -22.02
C ALA D 61 -10.36 6.60 -22.89
N GLY D 62 -11.16 5.55 -22.66
CA GLY D 62 -10.94 4.29 -23.26
C GLY D 62 -12.05 3.74 -24.13
N ALA D 63 -11.65 2.85 -25.04
CA ALA D 63 -12.65 2.11 -25.84
C ALA D 63 -12.10 0.79 -26.36
N TYR D 64 -13.00 -0.17 -26.60
CA TYR D 64 -12.62 -1.44 -27.21
C TYR D 64 -12.91 -1.48 -28.68
N GLY D 65 -12.22 -2.33 -29.42
CA GLY D 65 -12.50 -2.46 -30.86
C GLY D 65 -11.81 -3.67 -31.47
N VAL D 66 -11.52 -3.58 -32.76
CA VAL D 66 -10.94 -4.67 -33.52
C VAL D 66 -9.95 -4.11 -34.51
N PHE D 67 -8.85 -4.83 -34.68
CA PHE D 67 -7.86 -4.55 -35.71
C PHE D 67 -7.90 -5.64 -36.73
N GLU D 68 -8.01 -5.27 -38.00
CA GLU D 68 -8.01 -6.26 -39.11
C GLU D 68 -6.83 -6.05 -40.06
N VAL D 69 -6.13 -7.13 -40.39
CA VAL D 69 -5.03 -7.07 -41.36
C VAL D 69 -5.54 -6.99 -42.80
N GLU D 70 -5.05 -5.99 -43.54
CA GLU D 70 -5.24 -5.90 -45.00
C GLU D 70 -4.09 -6.56 -45.74
N ASN D 71 -2.85 -6.29 -45.30
CA ASN D 71 -1.66 -6.88 -45.98
C ASN D 71 -0.81 -7.64 -44.99
N SER D 72 -0.73 -8.96 -45.10
CA SER D 72 0.13 -9.74 -44.22
CA SER D 72 0.14 -9.78 -44.24
C SER D 72 1.58 -9.25 -44.23
N MET D 73 2.25 -9.26 -43.07
CA MET D 73 3.53 -8.65 -42.88
C MET D 73 4.64 -9.72 -42.67
N GLU D 74 4.35 -10.97 -43.03
CA GLU D 74 5.22 -12.07 -42.62
C GLU D 74 6.59 -12.04 -43.28
N LYS D 75 6.73 -11.35 -44.41
CA LYS D 75 8.05 -11.24 -45.02
CA LYS D 75 8.06 -11.23 -45.01
C LYS D 75 8.97 -10.39 -44.10
N HIS D 76 8.38 -9.57 -43.23
CA HIS D 76 9.16 -8.65 -42.37
C HIS D 76 9.10 -8.95 -40.88
N THR D 77 8.04 -9.58 -40.42
CA THR D 77 7.92 -9.90 -39.00
C THR D 77 7.17 -11.22 -38.87
N ARG D 78 7.61 -12.03 -37.92
CA ARG D 78 6.88 -13.26 -37.55
C ARG D 78 5.66 -12.99 -36.62
N ALA D 79 5.37 -11.74 -36.33
CA ALA D 79 4.24 -11.46 -35.41
C ALA D 79 2.95 -12.14 -35.84
N ALA D 80 2.34 -12.87 -34.90
CA ALA D 80 1.25 -13.74 -35.25
C ALA D 80 0.07 -12.90 -35.71
N PHE D 81 -0.21 -11.80 -35.01
CA PHE D 81 -1.40 -11.04 -35.30
C PHE D 81 -1.33 -10.38 -36.67
N LEU D 82 -0.15 -10.39 -37.30
CA LEU D 82 0.00 -9.75 -38.64
C LEU D 82 0.19 -10.75 -39.78
N SER D 83 -0.11 -12.03 -39.57
CA SER D 83 0.42 -13.10 -40.39
C SER D 83 -0.42 -13.37 -41.63
N GLU D 84 -1.68 -12.95 -41.61
CA GLU D 84 -2.58 -13.22 -42.74
C GLU D 84 -3.60 -12.09 -42.98
N GLU D 85 -3.89 -11.89 -44.25
CA GLU D 85 -4.95 -11.02 -44.68
C GLU D 85 -6.29 -11.42 -44.01
N GLY D 86 -6.99 -10.41 -43.48
CA GLY D 86 -8.29 -10.63 -42.84
C GLY D 86 -8.25 -11.02 -41.36
N LYS D 87 -7.08 -11.28 -40.82
CA LYS D 87 -6.95 -11.70 -39.44
C LYS D 87 -7.35 -10.57 -38.50
N GLN D 88 -8.28 -10.85 -37.60
CA GLN D 88 -8.82 -9.85 -36.70
C GLN D 88 -8.25 -10.11 -35.32
N THR D 89 -7.90 -9.02 -34.63
CA THR D 89 -7.42 -9.05 -33.25
C THR D 89 -8.17 -8.00 -32.42
N ASP D 90 -8.74 -8.42 -31.28
CA ASP D 90 -9.38 -7.48 -30.36
C ASP D 90 -8.36 -6.48 -29.78
N VAL D 91 -8.79 -5.23 -29.66
CA VAL D 91 -7.97 -4.26 -28.99
C VAL D 91 -8.70 -3.58 -27.85
N PHE D 92 -7.90 -3.08 -26.90
CA PHE D 92 -8.31 -1.96 -26.03
C PHE D 92 -7.40 -0.76 -26.22
N VAL D 93 -8.00 0.44 -26.24
CA VAL D 93 -7.32 1.70 -26.55
C VAL D 93 -7.65 2.78 -25.50
N ARG D 94 -6.61 3.47 -24.99
CA ARG D 94 -6.78 4.61 -24.16
C ARG D 94 -6.14 5.79 -24.80
N PHE D 95 -6.87 6.90 -24.80
CA PHE D 95 -6.42 8.16 -25.31
C PHE D 95 -6.35 9.15 -24.15
N SER D 96 -5.48 10.12 -24.23
CA SER D 96 -5.17 10.92 -23.05
C SER D 96 -4.52 12.24 -23.38
N THR D 97 -4.60 13.17 -22.44
CA THR D 97 -3.62 14.27 -22.36
C THR D 97 -2.40 13.83 -21.56
N VAL D 98 -1.54 14.78 -21.14
CA VAL D 98 -0.27 14.38 -20.54
C VAL D 98 0.04 14.93 -19.14
N ILE D 99 0.00 16.27 -18.99
CA ILE D 99 0.61 16.89 -17.86
C ILE D 99 -0.33 17.03 -16.65
N HIS D 100 -1.55 17.49 -16.86
CA HIS D 100 -2.38 17.86 -15.71
C HIS D 100 -3.08 16.64 -15.13
N PRO D 101 -3.62 16.78 -13.90
CA PRO D 101 -4.23 15.57 -13.26
C PRO D 101 -5.56 15.11 -13.84
N LYS D 102 -6.08 14.04 -13.25
N LYS D 102 -6.15 14.13 -13.18
CA LYS D 102 -7.29 13.39 -13.71
CA LYS D 102 -7.51 13.74 -13.49
C LYS D 102 -8.47 14.22 -14.20
C LYS D 102 -8.41 14.90 -13.23
N GLY D 103 -8.83 15.28 -13.47
N GLY D 103 -9.49 14.96 -14.01
CA GLY D 103 -10.06 16.04 -13.79
CA GLY D 103 -10.40 16.10 -14.01
C GLY D 103 -9.86 17.27 -14.67
C GLY D 103 -9.93 17.32 -14.76
N SER D 104 -8.67 17.36 -15.26
CA SER D 104 -8.23 18.53 -15.93
C SER D 104 -8.81 18.66 -17.33
N PRO D 105 -8.87 19.88 -17.85
CA PRO D 105 -9.54 20.01 -19.18
C PRO D 105 -8.86 19.29 -20.34
N GLU D 106 -9.62 18.87 -21.36
CA GLU D 106 -9.07 18.30 -22.56
C GLU D 106 -8.86 19.34 -23.71
N THR D 107 -8.93 20.61 -23.36
CA THR D 107 -8.62 21.72 -24.22
C THR D 107 -7.21 22.32 -24.08
N LEU D 108 -6.35 21.72 -23.25
CA LEU D 108 -5.04 22.27 -22.99
C LEU D 108 -4.09 21.84 -24.08
N ARG D 109 -3.01 22.61 -24.29
CA ARG D 109 -1.92 22.17 -25.20
C ARG D 109 -1.16 21.01 -24.55
N ASP D 110 -0.89 19.98 -25.33
CA ASP D 110 -0.22 18.77 -24.81
C ASP D 110 -0.14 17.79 -25.98
N PRO D 111 0.89 16.92 -26.00
CA PRO D 111 0.75 15.74 -26.85
C PRO D 111 -0.46 15.00 -26.38
N ARG D 112 -0.96 14.09 -27.21
CA ARG D 112 -2.05 13.19 -26.78
C ARG D 112 -1.55 11.77 -26.84
N GLY D 113 -1.87 11.00 -25.79
CA GLY D 113 -1.59 9.63 -25.77
C GLY D 113 -2.50 8.84 -26.64
N PHE D 114 -1.96 7.72 -27.14
CA PHE D 114 -2.63 6.88 -28.13
C PHE D 114 -2.08 5.46 -27.85
N ALA D 115 -2.64 4.79 -26.86
CA ALA D 115 -2.12 3.52 -26.38
C ALA D 115 -3.00 2.37 -26.81
N VAL D 116 -2.42 1.38 -27.50
CA VAL D 116 -3.19 0.27 -28.08
C VAL D 116 -2.69 -1.05 -27.52
N LYS D 117 -3.64 -1.81 -26.94
CA LYS D 117 -3.38 -3.17 -26.48
C LYS D 117 -4.06 -4.15 -27.40
N PHE D 118 -3.26 -5.04 -28.00
CA PHE D 118 -3.73 -6.06 -28.94
C PHE D 118 -3.69 -7.41 -28.22
N TYR D 119 -4.83 -8.06 -28.10
CA TYR D 119 -4.93 -9.34 -27.43
C TYR D 119 -4.59 -10.53 -28.35
N THR D 120 -3.29 -10.80 -28.57
CA THR D 120 -2.90 -11.66 -29.68
C THR D 120 -2.85 -13.11 -29.22
N GLU D 121 -2.76 -14.04 -30.17
CA GLU D 121 -2.66 -15.45 -29.80
C GLU D 121 -1.28 -15.84 -29.25
N GLU D 122 -0.29 -14.96 -29.36
CA GLU D 122 1.00 -15.19 -28.70
C GLU D 122 1.31 -14.20 -27.59
N GLY D 123 0.27 -13.63 -27.01
CA GLY D 123 0.38 -12.75 -25.85
C GLY D 123 -0.12 -11.35 -26.17
N ASN D 124 -0.26 -10.51 -25.13
CA ASN D 124 -0.63 -9.13 -25.34
C ASN D 124 0.54 -8.31 -25.87
N TYR D 125 0.23 -7.52 -26.90
CA TYR D 125 1.16 -6.52 -27.50
C TYR D 125 0.60 -5.13 -27.30
N ASP D 126 1.36 -4.28 -26.61
CA ASP D 126 1.01 -2.90 -26.35
C ASP D 126 1.88 -2.01 -27.23
N LEU D 127 1.23 -1.17 -28.05
CA LEU D 127 1.89 -0.10 -28.77
C LEU D 127 1.50 1.20 -28.16
N VAL D 128 2.41 1.73 -27.35
CA VAL D 128 2.13 2.87 -26.50
C VAL D 128 2.60 4.13 -27.18
N GLY D 129 1.74 4.67 -28.06
CA GLY D 129 2.05 5.84 -28.84
C GLY D 129 1.51 7.20 -28.31
N ASN D 130 1.91 8.24 -29.02
CA ASN D 130 1.28 9.56 -28.90
C ASN D 130 0.72 9.97 -30.29
N ASN D 131 0.00 11.08 -30.36
CA ASN D 131 -0.39 11.61 -31.69
C ASN D 131 0.83 12.12 -32.48
N LEU D 132 1.70 12.90 -31.82
CA LEU D 132 2.92 13.44 -32.46
C LEU D 132 4.03 12.40 -32.56
N PRO D 133 4.85 12.47 -33.62
CA PRO D 133 5.65 11.30 -34.00
C PRO D 133 7.10 11.32 -33.46
N ILE D 134 7.46 12.37 -32.73
CA ILE D 134 8.78 12.51 -32.11
CA ILE D 134 8.79 12.51 -32.12
C ILE D 134 8.65 12.92 -30.64
N PHE D 135 9.77 13.12 -29.97
CA PHE D 135 9.73 13.48 -28.57
C PHE D 135 10.70 14.63 -28.28
N PHE D 136 10.60 15.18 -27.08
CA PHE D 136 11.40 16.30 -26.60
C PHE D 136 12.86 15.90 -26.26
N ILE D 137 13.06 14.64 -25.83
CA ILE D 137 14.31 14.14 -25.29
C ILE D 137 14.64 12.82 -25.90
N ARG D 138 15.90 12.36 -25.73
CA ARG D 138 16.36 11.09 -26.34
C ARG D 138 16.96 10.13 -25.37
N ASP D 139 16.94 10.42 -24.07
CA ASP D 139 17.43 9.54 -23.07
C ASP D 139 16.49 9.56 -21.85
N ALA D 140 16.12 8.38 -21.36
CA ALA D 140 15.15 8.32 -20.26
C ALA D 140 15.61 8.87 -18.94
N LEU D 141 16.94 8.96 -18.74
CA LEU D 141 17.46 9.62 -17.56
C LEU D 141 16.87 11.04 -17.37
N LYS D 142 16.46 11.67 -18.47
CA LYS D 142 15.99 13.10 -18.37
C LYS D 142 14.50 13.21 -18.11
N PHE D 143 13.78 12.11 -18.18
CA PHE D 143 12.34 12.16 -18.23
C PHE D 143 11.75 12.74 -16.93
N PRO D 144 12.31 12.40 -15.73
CA PRO D 144 11.73 13.06 -14.54
C PRO D 144 12.00 14.56 -14.47
N ASP D 145 13.15 14.97 -14.99
CA ASP D 145 13.44 16.41 -15.14
C ASP D 145 12.48 17.15 -16.04
N MET D 146 12.28 16.58 -17.23
CA MET D 146 11.37 17.17 -18.22
C MET D 146 9.97 17.28 -17.69
N VAL D 147 9.45 16.19 -17.17
CA VAL D 147 8.11 16.19 -16.60
C VAL D 147 7.98 17.15 -15.43
N HIS D 148 8.96 17.21 -14.52
CA HIS D 148 8.89 18.09 -13.38
C HIS D 148 8.82 19.56 -13.86
N SER D 149 9.51 19.84 -14.94
CA SER D 149 9.51 21.22 -15.48
C SER D 149 8.18 21.59 -16.09
N LEU D 150 7.54 20.64 -16.74
CA LEU D 150 6.26 20.88 -17.41
C LEU D 150 5.11 20.91 -16.41
N LYS D 151 5.23 20.10 -15.37
CA LYS D 151 4.16 19.96 -14.38
C LYS D 151 3.91 21.26 -13.61
N PRO D 152 2.76 21.39 -12.95
CA PRO D 152 2.55 22.55 -12.10
C PRO D 152 3.71 22.74 -11.14
N ASP D 153 4.14 23.97 -10.98
CA ASP D 153 5.17 24.37 -10.00
C ASP D 153 4.88 23.74 -8.65
N PRO D 154 5.92 23.13 -8.01
CA PRO D 154 5.75 22.38 -6.78
C PRO D 154 5.37 23.21 -5.57
N VAL D 155 5.51 24.55 -5.66
CA VAL D 155 4.96 25.47 -4.65
C VAL D 155 3.53 25.90 -4.95
N THR D 156 3.28 26.36 -6.17
CA THR D 156 2.05 27.10 -6.47
C THR D 156 0.93 26.24 -7.00
N ASN D 157 1.29 25.07 -7.48
CA ASN D 157 0.33 24.20 -8.16
C ASN D 157 -0.23 24.77 -9.47
N ILE D 158 0.52 25.62 -10.12
CA ILE D 158 0.14 26.13 -11.43
C ILE D 158 1.29 25.94 -12.41
N GLN D 159 0.98 25.57 -13.65
CA GLN D 159 2.02 25.34 -14.63
C GLN D 159 2.71 26.69 -14.91
N ASP D 160 4.01 26.70 -15.12
CA ASP D 160 4.75 27.95 -15.34
C ASP D 160 5.66 27.82 -16.58
N PRO D 161 5.37 28.58 -17.66
CA PRO D 161 6.23 28.45 -18.87
C PRO D 161 7.68 28.79 -18.63
N ASP D 162 7.95 29.64 -17.66
CA ASP D 162 9.33 30.00 -17.32
C ASP D 162 10.11 28.74 -16.87
N ARG D 163 9.39 27.78 -16.29
CA ARG D 163 10.04 26.57 -15.81
C ARG D 163 10.33 25.62 -16.97
N TYR D 164 9.33 25.31 -17.77
CA TYR D 164 9.57 24.34 -18.83
C TYR D 164 10.33 24.90 -19.99
N TRP D 165 10.26 26.21 -20.24
CA TRP D 165 11.17 26.79 -21.21
C TRP D 165 12.62 26.89 -20.75
N ASP D 166 12.85 27.03 -19.44
CA ASP D 166 14.20 26.91 -18.94
C ASP D 166 14.77 25.53 -19.32
N PHE D 167 14.06 24.48 -18.95
CA PHE D 167 14.53 23.13 -19.30
C PHE D 167 14.65 22.93 -20.81
N MET D 168 13.64 23.28 -21.56
CA MET D 168 13.66 22.97 -22.97
C MET D 168 14.75 23.70 -23.73
N THR D 169 14.95 24.97 -23.39
CA THR D 169 16.00 25.74 -24.05
C THR D 169 17.42 25.19 -23.78
N LEU D 170 17.64 24.65 -22.60
CA LEU D 170 18.92 24.05 -22.23
C LEU D 170 19.03 22.57 -22.68
N THR D 171 18.04 22.12 -23.47
CA THR D 171 17.88 20.76 -23.96
C THR D 171 17.50 20.87 -25.43
N PRO D 172 18.44 21.36 -26.27
CA PRO D 172 18.13 21.80 -27.64
C PRO D 172 17.64 20.66 -28.51
N GLU D 173 17.89 19.42 -28.10
CA GLU D 173 17.25 18.29 -28.81
C GLU D 173 15.73 18.36 -28.81
N SER D 174 15.13 19.25 -27.96
CA SER D 174 13.68 19.48 -27.93
C SER D 174 13.08 20.34 -29.07
N THR D 175 13.96 20.90 -29.90
CA THR D 175 13.59 21.90 -30.86
C THR D 175 12.62 21.39 -32.00
N HIS D 176 12.87 20.19 -32.55
CA HIS D 176 11.94 19.55 -33.45
C HIS D 176 10.54 19.34 -32.82
N MET D 177 10.50 18.73 -31.63
CA MET D 177 9.21 18.50 -30.98
C MET D 177 8.41 19.81 -30.76
N LEU D 178 9.06 20.85 -30.26
CA LEU D 178 8.37 22.09 -29.95
C LEU D 178 7.81 22.73 -31.24
N THR D 179 8.51 22.53 -32.36
CA THR D 179 8.03 22.95 -33.67
C THR D 179 6.77 22.24 -34.17
N TRP D 180 6.52 21.00 -33.71
CA TRP D 180 5.21 20.37 -33.89
C TRP D 180 4.15 20.78 -32.85
N LEU D 181 4.52 20.79 -31.58
CA LEU D 181 3.59 20.98 -30.50
C LEU D 181 3.03 22.39 -30.47
N PHE D 182 3.80 23.34 -30.97
CA PHE D 182 3.25 24.71 -31.03
C PHE D 182 2.60 25.11 -32.36
N SER D 183 2.48 24.21 -33.32
CA SER D 183 1.39 24.25 -34.30
C SER D 183 0.03 24.10 -33.62
N ASP D 184 -1.06 24.25 -34.37
CA ASP D 184 -2.36 24.04 -33.74
C ASP D 184 -2.58 22.55 -33.48
N GLU D 185 -1.75 21.67 -34.02
CA GLU D 185 -1.79 20.20 -33.64
C GLU D 185 -1.44 19.97 -32.17
N GLY D 186 -0.91 20.99 -31.48
CA GLY D 186 -0.76 20.91 -30.02
C GLY D 186 -2.08 20.76 -29.28
N ILE D 187 -3.20 21.05 -29.94
CA ILE D 187 -4.55 20.95 -29.35
C ILE D 187 -5.45 20.26 -30.42
N PRO D 188 -5.35 18.95 -30.53
CA PRO D 188 -6.36 18.16 -31.28
C PRO D 188 -7.82 18.48 -30.87
N ALA D 189 -8.72 18.52 -31.84
CA ALA D 189 -10.12 18.85 -31.63
C ALA D 189 -10.79 17.86 -30.75
N ASN D 190 -10.39 16.61 -30.94
CA ASN D 190 -10.87 15.55 -30.08
C ASN D 190 -9.96 14.33 -30.32
N TYR D 191 -10.30 13.20 -29.70
CA TYR D 191 -9.44 11.98 -29.85
C TYR D 191 -9.65 11.23 -31.19
N ALA D 192 -10.79 11.47 -31.86
CA ALA D 192 -11.12 10.76 -33.13
C ALA D 192 -10.45 11.40 -34.35
N GLU D 193 -10.39 12.73 -34.37
CA GLU D 193 -9.87 13.46 -35.48
C GLU D 193 -8.38 13.81 -35.24
N MET D 194 -7.56 12.76 -35.08
CA MET D 194 -6.24 12.84 -34.44
C MET D 194 -5.32 11.79 -35.02
N ARG D 195 -4.10 12.19 -35.29
CA ARG D 195 -3.00 11.30 -35.69
C ARG D 195 -2.62 10.30 -34.59
N GLY D 196 -2.04 9.16 -34.94
CA GLY D 196 -1.29 8.32 -33.96
C GLY D 196 0.08 7.90 -34.49
N SER D 197 1.04 7.70 -33.58
CA SER D 197 2.43 7.40 -33.93
C SER D 197 3.08 6.46 -32.90
N GLY D 198 3.94 5.52 -33.34
CA GLY D 198 4.72 4.70 -32.42
C GLY D 198 5.84 5.49 -31.77
N VAL D 199 6.23 6.57 -32.44
CA VAL D 199 7.32 7.43 -32.07
C VAL D 199 8.68 6.73 -32.25
N HIS D 200 8.95 5.69 -31.48
CA HIS D 200 10.23 5.01 -31.58
C HIS D 200 10.34 4.19 -32.83
N THR D 201 11.58 4.02 -33.28
CA THR D 201 11.95 2.91 -34.11
C THR D 201 11.93 1.64 -33.27
N PHE D 202 11.35 0.60 -33.81
CA PHE D 202 11.38 -0.74 -33.23
C PHE D 202 12.11 -1.66 -34.19
N ARG D 203 12.32 -2.91 -33.79
CA ARG D 203 12.91 -3.92 -34.65
C ARG D 203 11.88 -4.97 -35.00
N TRP D 204 11.75 -5.25 -36.30
CA TRP D 204 10.89 -6.33 -36.74
C TRP D 204 11.79 -7.48 -37.14
N VAL D 205 11.44 -8.69 -36.72
CA VAL D 205 12.29 -9.84 -36.95
C VAL D 205 11.47 -10.96 -37.54
N ASN D 206 11.93 -11.51 -38.67
CA ASN D 206 11.08 -12.42 -39.45
C ASN D 206 11.46 -13.86 -39.11
N LYS D 207 10.80 -14.82 -39.72
CA LYS D 207 11.05 -16.21 -39.37
C LYS D 207 12.48 -16.68 -39.69
N TYR D 208 13.22 -15.95 -40.52
CA TYR D 208 14.57 -16.29 -40.89
C TYR D 208 15.58 -15.59 -39.98
N GLY D 209 15.09 -14.81 -39.02
CA GLY D 209 15.97 -14.09 -38.11
C GLY D 209 16.47 -12.78 -38.74
N GLU D 210 15.93 -12.37 -39.88
CA GLU D 210 16.28 -11.08 -40.47
C GLU D 210 15.54 -9.95 -39.76
N THR D 211 16.23 -8.83 -39.61
CA THR D 211 15.75 -7.68 -38.80
C THR D 211 15.69 -6.47 -39.67
N LYS D 212 14.54 -5.74 -39.61
CA LYS D 212 14.46 -4.36 -40.11
C LYS D 212 14.04 -3.41 -39.01
N TYR D 213 14.45 -2.17 -39.14
CA TYR D 213 13.85 -1.09 -38.34
C TYR D 213 12.48 -0.74 -38.83
N VAL D 214 11.53 -0.46 -37.90
CA VAL D 214 10.12 -0.17 -38.27
C VAL D 214 9.64 1.04 -37.47
N LYS D 215 8.83 1.87 -38.13
CA LYS D 215 7.99 2.91 -37.50
C LYS D 215 6.54 2.73 -37.85
N TYR D 216 5.69 3.04 -36.88
CA TYR D 216 4.25 2.89 -36.98
C TYR D 216 3.59 4.23 -37.06
N HIS D 217 2.53 4.29 -37.89
CA HIS D 217 1.69 5.50 -38.05
C HIS D 217 0.19 5.12 -38.13
N TRP D 218 -0.67 5.87 -37.43
CA TRP D 218 -2.11 5.64 -37.47
C TRP D 218 -2.73 6.82 -38.15
N ARG D 219 -3.53 6.57 -39.19
CA ARG D 219 -4.18 7.65 -39.93
C ARG D 219 -5.68 7.63 -39.70
N PRO D 220 -6.24 8.72 -39.13
CA PRO D 220 -7.66 8.73 -38.80
C PRO D 220 -8.58 8.66 -40.03
N SER D 221 -9.57 7.77 -40.00
CA SER D 221 -10.64 7.81 -40.99
C SER D 221 -11.41 9.14 -40.95
N GLU D 222 -11.52 9.72 -39.76
CA GLU D 222 -12.25 10.97 -39.58
C GLU D 222 -11.46 12.24 -40.02
N GLY D 223 -10.20 12.08 -40.43
CA GLY D 223 -9.31 13.22 -40.75
C GLY D 223 -8.75 13.89 -39.52
N ILE D 224 -7.76 14.74 -39.70
CA ILE D 224 -7.06 15.39 -38.59
C ILE D 224 -7.69 16.76 -38.47
N ARG D 225 -8.17 17.12 -37.29
CA ARG D 225 -8.59 18.47 -37.02
C ARG D 225 -8.08 19.00 -35.71
N ASN D 226 -7.67 20.27 -35.70
CA ASN D 226 -6.99 20.91 -34.58
C ASN D 226 -7.71 22.19 -34.18
N LEU D 227 -7.37 22.70 -33.00
CA LEU D 227 -8.00 23.90 -32.46
C LEU D 227 -6.94 24.99 -32.31
N SER D 228 -7.32 26.19 -32.74
CA SER D 228 -6.61 27.37 -32.34
C SER D 228 -6.76 27.63 -30.86
N MET D 229 -5.90 28.48 -30.31
CA MET D 229 -6.03 28.85 -28.90
C MET D 229 -7.41 29.41 -28.63
N GLU D 230 -7.96 30.20 -29.55
CA GLU D 230 -9.29 30.80 -29.26
C GLU D 230 -10.42 29.80 -29.34
N GLU D 231 -10.38 28.90 -30.30
CA GLU D 231 -11.30 27.79 -30.40
C GLU D 231 -11.22 26.92 -29.12
N ALA D 232 -10.00 26.63 -28.65
CA ALA D 232 -9.85 25.82 -27.41
C ALA D 232 -10.47 26.50 -26.17
N ALA D 233 -10.24 27.79 -26.00
CA ALA D 233 -10.87 28.56 -24.95
C ALA D 233 -12.39 28.55 -25.02
N GLU D 234 -12.95 28.60 -26.22
CA GLU D 234 -14.44 28.70 -26.33
C GLU D 234 -15.09 27.33 -25.92
N ILE D 235 -14.42 26.23 -26.27
CA ILE D 235 -14.87 24.91 -25.81
C ILE D 235 -14.63 24.82 -24.29
N GLN D 236 -13.44 25.25 -23.81
CA GLN D 236 -13.10 25.10 -22.39
C GLN D 236 -14.15 25.77 -21.45
N ALA D 237 -14.72 26.87 -21.94
CA ALA D 237 -15.75 27.65 -21.21
C ALA D 237 -16.97 26.86 -20.82
N ASN D 238 -17.35 25.91 -21.65
CA ASN D 238 -18.55 25.14 -21.45
C ASN D 238 -18.36 23.66 -21.23
N ASP D 239 -17.15 23.13 -21.49
CA ASP D 239 -16.93 21.70 -21.30
C ASP D 239 -15.43 21.39 -21.10
N PHE D 240 -15.08 20.94 -19.91
CA PHE D 240 -13.71 20.56 -19.62
C PHE D 240 -13.48 19.06 -19.87
N GLN D 241 -14.45 18.36 -20.42
CA GLN D 241 -14.24 16.95 -20.77
C GLN D 241 -14.81 16.62 -22.17
N HIS D 242 -14.59 17.55 -23.08
CA HIS D 242 -15.26 17.44 -24.40
C HIS D 242 -14.78 16.25 -25.24
N ALA D 243 -13.50 15.89 -25.12
CA ALA D 243 -12.98 14.80 -25.93
C ALA D 243 -13.41 13.44 -25.39
N THR D 244 -13.42 13.28 -24.07
CA THR D 244 -14.02 12.09 -23.43
C THR D 244 -15.54 11.91 -23.87
N ARG D 245 -16.28 13.01 -23.82
CA ARG D 245 -17.68 13.02 -24.23
C ARG D 245 -17.84 12.60 -25.69
N ASP D 246 -17.02 13.20 -26.56
CA ASP D 246 -17.12 12.97 -28.01
C ASP D 246 -16.83 11.50 -28.34
N LEU D 247 -15.80 10.89 -27.75
CA LEU D 247 -15.50 9.48 -28.01
C LEU D 247 -16.64 8.56 -27.60
N TYR D 248 -17.15 8.74 -26.37
CA TYR D 248 -18.23 7.92 -25.87
C TYR D 248 -19.45 8.05 -26.81
N ASP D 249 -19.78 9.29 -27.13
CA ASP D 249 -20.98 9.61 -27.93
C ASP D 249 -20.92 9.05 -29.35
N ARG D 250 -19.77 9.18 -30.00
CA ARG D 250 -19.63 8.55 -31.34
C ARG D 250 -19.97 7.07 -31.25
N ILE D 251 -19.44 6.41 -30.24
CA ILE D 251 -19.52 4.96 -30.19
C ILE D 251 -20.95 4.56 -29.81
N GLU D 252 -21.57 5.34 -28.93
CA GLU D 252 -22.94 5.04 -28.50
C GLU D 252 -23.88 5.18 -29.69
N LYS D 253 -23.59 6.10 -30.59
CA LYS D 253 -24.41 6.31 -31.80
C LYS D 253 -24.11 5.44 -33.01
N GLY D 254 -23.11 4.57 -32.91
CA GLY D 254 -22.75 3.69 -33.99
C GLY D 254 -21.85 4.37 -35.01
N ASN D 255 -21.36 5.56 -34.70
CA ASN D 255 -20.40 6.26 -35.55
C ASN D 255 -18.95 5.95 -35.11
N TYR D 256 -18.52 4.70 -35.35
CA TYR D 256 -17.26 4.15 -34.86
C TYR D 256 -16.05 4.81 -35.51
N PRO D 257 -15.14 5.43 -34.73
CA PRO D 257 -13.93 5.99 -35.35
C PRO D 257 -12.94 4.92 -35.72
N ALA D 258 -12.17 5.16 -36.78
CA ALA D 258 -11.18 4.18 -37.22
C ALA D 258 -9.87 4.86 -37.63
N TRP D 259 -8.82 4.08 -37.57
CA TRP D 259 -7.51 4.46 -38.05
C TRP D 259 -6.91 3.36 -38.89
N ASP D 260 -6.31 3.73 -40.00
CA ASP D 260 -5.48 2.82 -40.76
C ASP D 260 -4.04 2.81 -40.25
N LEU D 261 -3.48 1.61 -40.11
CA LEU D 261 -2.12 1.46 -39.68
C LEU D 261 -1.19 1.32 -40.87
N TYR D 262 -0.22 2.22 -40.93
CA TYR D 262 0.91 2.13 -41.86
C TYR D 262 2.23 1.94 -41.16
N VAL D 263 3.22 1.37 -41.87
CA VAL D 263 4.59 1.26 -41.33
C VAL D 263 5.58 1.81 -42.36
N GLN D 264 6.71 2.30 -41.86
CA GLN D 264 7.90 2.49 -42.68
C GLN D 264 8.92 1.45 -42.26
N LEU D 265 9.69 0.95 -43.22
CA LEU D 265 10.73 -0.02 -42.94
C LEU D 265 12.10 0.43 -43.48
N MET D 266 13.14 0.21 -42.71
CA MET D 266 14.47 0.68 -42.98
C MET D 266 15.51 -0.37 -42.65
N PRO D 267 16.39 -0.69 -43.63
CA PRO D 267 17.49 -1.62 -43.33
C PRO D 267 18.38 -1.11 -42.21
N LEU D 268 18.84 -2.02 -41.34
CA LEU D 268 19.81 -1.65 -40.30
C LEU D 268 21.04 -0.94 -40.90
N SER D 269 21.45 -1.37 -42.11
CA SER D 269 22.65 -0.86 -42.77
C SER D 269 22.50 0.60 -43.26
N ASP D 270 21.31 1.18 -43.16
CA ASP D 270 21.12 2.57 -43.62
C ASP D 270 21.64 3.57 -42.62
N TYR D 271 22.04 3.09 -41.43
CA TYR D 271 22.61 3.97 -40.39
C TYR D 271 23.62 4.94 -40.96
N ASP D 272 24.54 4.46 -41.81
CA ASP D 272 25.67 5.28 -42.29
C ASP D 272 25.25 6.17 -43.44
N GLU D 273 24.12 5.84 -44.06
CA GLU D 273 23.61 6.62 -45.19
C GLU D 273 22.93 7.89 -44.69
N LEU D 274 22.74 8.02 -43.37
CA LEU D 274 22.02 9.15 -42.82
C LEU D 274 22.83 10.17 -42.01
N ASP D 275 22.34 11.41 -42.01
CA ASP D 275 22.94 12.45 -41.17
C ASP D 275 22.24 12.62 -39.79
N TYR D 276 21.48 11.61 -39.40
CA TYR D 276 20.97 11.51 -38.07
C TYR D 276 21.00 10.05 -37.66
N ASP D 277 20.79 9.80 -36.37
CA ASP D 277 20.61 8.40 -35.88
C ASP D 277 19.16 7.95 -36.08
N PRO D 278 18.94 6.86 -36.86
CA PRO D 278 17.57 6.48 -37.07
C PRO D 278 16.83 6.00 -35.79
N CYS D 279 17.55 5.75 -34.67
CA CYS D 279 16.91 5.48 -33.37
C CYS D 279 16.89 6.65 -32.36
N ASP D 280 17.06 7.87 -32.87
CA ASP D 280 16.91 9.08 -32.11
C ASP D 280 15.43 9.50 -32.23
N PRO D 281 14.65 9.47 -31.10
CA PRO D 281 13.23 9.68 -31.12
C PRO D 281 12.90 11.15 -31.31
N THR D 282 13.92 12.03 -31.48
CA THR D 282 13.68 13.44 -31.86
C THR D 282 13.60 13.56 -33.39
N LYS D 283 13.70 12.41 -34.08
CA LYS D 283 13.79 12.35 -35.55
C LYS D 283 12.67 11.59 -36.18
N THR D 284 12.16 12.11 -37.29
CA THR D 284 11.31 11.31 -38.19
C THR D 284 12.11 10.81 -39.37
N TRP D 285 11.56 9.81 -40.06
CA TRP D 285 12.14 9.32 -41.34
C TRP D 285 11.37 9.83 -42.53
N SER D 286 12.10 10.24 -43.56
CA SER D 286 11.48 10.73 -44.78
C SER D 286 10.45 9.74 -45.36
N GLU D 287 9.23 10.21 -45.64
CA GLU D 287 8.23 9.37 -46.33
C GLU D 287 8.54 9.21 -47.85
N GLU D 288 9.35 10.11 -48.42
CA GLU D 288 9.84 9.92 -49.79
C GLU D 288 10.82 8.77 -49.84
N ASP D 289 11.78 8.75 -48.92
CA ASP D 289 12.81 7.72 -48.90
C ASP D 289 12.40 6.39 -48.28
N TYR D 290 11.45 6.43 -47.32
CA TYR D 290 10.93 5.23 -46.64
C TYR D 290 9.42 5.29 -46.63
N PRO D 291 8.81 4.78 -47.71
CA PRO D 291 7.40 5.07 -47.95
C PRO D 291 6.48 4.36 -46.97
N LEU D 292 5.33 4.96 -46.69
CA LEU D 292 4.33 4.34 -45.86
C LEU D 292 3.71 3.13 -46.55
N GLN D 293 3.61 2.03 -45.81
CA GLN D 293 3.08 0.78 -46.32
C GLN D 293 1.87 0.36 -45.49
N LYS D 294 0.71 0.21 -46.12
CA LYS D 294 -0.49 -0.07 -45.38
C LYS D 294 -0.48 -1.46 -44.78
N VAL D 295 -0.89 -1.55 -43.50
CA VAL D 295 -0.96 -2.83 -42.84
C VAL D 295 -2.38 -3.28 -42.61
N GLY D 296 -3.20 -2.41 -42.05
CA GLY D 296 -4.57 -2.76 -41.72
C GLY D 296 -5.33 -1.60 -41.14
N ARG D 297 -6.45 -1.92 -40.48
CA ARG D 297 -7.36 -0.91 -39.94
C ARG D 297 -7.90 -1.31 -38.58
N MET D 298 -7.95 -0.33 -37.67
CA MET D 298 -8.46 -0.54 -36.35
C MET D 298 -9.72 0.29 -36.20
N THR D 299 -10.78 -0.35 -35.73
CA THR D 299 -12.09 0.32 -35.57
C THR D 299 -12.50 0.18 -34.13
N LEU D 300 -12.84 1.28 -33.48
CA LEU D 300 -13.28 1.26 -32.08
C LEU D 300 -14.80 1.27 -32.02
N ASN D 301 -15.41 0.22 -31.49
CA ASN D 301 -16.85 0.02 -31.56
C ASN D 301 -17.58 -0.29 -30.25
N ARG D 302 -16.89 -0.20 -29.11
CA ARG D 302 -17.52 -0.62 -27.85
C ARG D 302 -16.98 0.23 -26.69
N ASN D 303 -17.87 0.89 -25.96
CA ASN D 303 -17.49 1.54 -24.68
C ASN D 303 -17.30 0.55 -23.55
N PRO D 304 -16.44 0.88 -22.57
CA PRO D 304 -16.29 -0.03 -21.45
C PRO D 304 -17.55 -0.12 -20.60
N GLU D 305 -17.69 -1.18 -19.82
CA GLU D 305 -18.83 -1.27 -18.88
C GLU D 305 -18.64 -0.45 -17.62
N ASN D 306 -17.39 -0.32 -17.16
CA ASN D 306 -17.07 0.47 -15.90
C ASN D 306 -15.77 1.23 -16.08
N PHE D 307 -15.80 2.53 -15.91
CA PHE D 307 -14.67 3.36 -16.28
C PHE D 307 -13.50 3.02 -15.34
N PHE D 308 -13.79 2.87 -14.04
CA PHE D 308 -12.66 2.67 -13.08
C PHE D 308 -12.01 1.33 -13.31
N ALA D 309 -12.84 0.30 -13.42
CA ALA D 309 -12.33 -1.09 -13.48
C ALA D 309 -11.52 -1.36 -14.76
N GLU D 310 -11.98 -0.76 -15.87
CA GLU D 310 -11.41 -1.04 -17.20
C GLU D 310 -10.52 0.08 -17.68
N THR D 311 -10.94 1.31 -17.65
CA THR D 311 -10.08 2.37 -18.17
C THR D 311 -9.08 2.85 -17.13
N GLU D 312 -9.50 3.10 -15.89
CA GLU D 312 -8.56 3.71 -14.92
C GLU D 312 -7.51 2.69 -14.59
N GLN D 313 -7.90 1.41 -14.51
CA GLN D 313 -6.97 0.34 -14.10
C GLN D 313 -6.19 -0.24 -15.28
N ALA D 314 -6.43 0.22 -16.52
CA ALA D 314 -5.69 -0.25 -17.70
C ALA D 314 -4.20 -0.03 -17.55
N ALA D 315 -3.38 -1.03 -17.88
CA ALA D 315 -1.94 -0.91 -17.77
C ALA D 315 -1.28 -1.25 -19.12
N PHE D 316 -0.61 -0.30 -19.75
CA PHE D 316 0.11 -0.57 -20.99
C PHE D 316 1.55 -0.48 -20.78
N THR D 317 2.38 -1.22 -21.56
CA THR D 317 3.82 -1.01 -21.48
C THR D 317 4.52 -1.23 -22.82
N PRO D 318 5.47 -0.35 -23.17
CA PRO D 318 6.22 -0.64 -24.41
C PRO D 318 7.00 -1.97 -24.38
N SER D 319 7.30 -2.48 -23.19
CA SER D 319 7.95 -3.79 -23.07
C SER D 319 6.98 -5.00 -23.23
N ALA D 320 5.70 -4.76 -23.48
CA ALA D 320 4.81 -5.84 -23.82
C ALA D 320 4.90 -6.12 -25.31
N LEU D 321 6.01 -6.75 -25.67
CA LEU D 321 6.37 -7.06 -27.03
C LEU D 321 6.00 -8.52 -27.31
N VAL D 322 5.69 -8.83 -28.55
CA VAL D 322 5.40 -10.23 -28.92
C VAL D 322 6.45 -10.76 -29.91
N PRO D 323 6.51 -12.10 -30.09
CA PRO D 323 7.52 -12.59 -30.96
C PRO D 323 7.42 -11.98 -32.34
N GLY D 324 8.57 -11.56 -32.86
CA GLY D 324 8.68 -10.86 -34.15
C GLY D 324 8.78 -9.33 -33.99
N ILE D 325 8.56 -8.80 -32.80
CA ILE D 325 8.62 -7.34 -32.58
C ILE D 325 9.46 -7.10 -31.34
N GLU D 326 10.49 -6.28 -31.45
CA GLU D 326 11.46 -6.12 -30.41
C GLU D 326 11.76 -4.62 -30.25
N ALA D 327 12.29 -4.26 -29.08
CA ALA D 327 12.82 -2.93 -28.86
C ALA D 327 13.93 -2.60 -29.84
N SER D 328 14.10 -1.34 -30.15
CA SER D 328 15.36 -0.87 -30.63
C SER D 328 16.22 -0.38 -29.49
N GLU D 329 17.42 -0.01 -29.87
CA GLU D 329 18.45 0.54 -29.00
C GLU D 329 18.17 1.99 -28.54
N ASP D 330 17.11 2.60 -29.03
CA ASP D 330 16.65 3.96 -28.61
C ASP D 330 16.66 4.11 -27.10
N LYS D 331 17.47 5.05 -26.60
CA LYS D 331 17.78 5.11 -25.16
C LYS D 331 16.56 5.61 -24.36
N LEU D 332 15.67 6.31 -25.04
CA LEU D 332 14.42 6.76 -24.43
C LEU D 332 13.44 5.55 -24.28
N LEU D 333 13.24 4.84 -25.39
CA LEU D 333 12.53 3.56 -25.33
C LEU D 333 13.11 2.62 -24.22
N GLN D 334 14.41 2.50 -24.16
CA GLN D 334 15.02 1.56 -23.20
C GLN D 334 14.49 1.83 -21.74
N GLY D 335 14.40 3.09 -21.31
CA GLY D 335 13.90 3.41 -19.97
C GLY D 335 12.44 3.10 -19.78
N ARG D 336 11.65 3.31 -20.84
CA ARG D 336 10.22 3.04 -20.80
C ARG D 336 9.99 1.53 -20.51
N LEU D 337 10.87 0.66 -21.04
CA LEU D 337 10.69 -0.79 -20.89
C LEU D 337 10.56 -1.16 -19.41
N PHE D 338 11.35 -0.48 -18.60
CA PHE D 338 11.34 -0.59 -17.14
C PHE D 338 10.22 0.20 -16.44
N SER D 339 10.04 1.48 -16.80
CA SER D 339 9.24 2.37 -15.99
C SER D 339 7.76 1.98 -15.93
N TYR D 340 7.18 1.47 -17.05
CA TYR D 340 5.74 1.19 -17.00
C TYR D 340 5.29 0.10 -16.04
N PRO D 341 5.82 -1.14 -16.15
CA PRO D 341 5.42 -2.16 -15.25
C PRO D 341 5.86 -1.78 -13.78
N ASP D 342 6.92 -0.96 -13.65
CA ASP D 342 7.38 -0.51 -12.30
C ASP D 342 6.37 0.40 -11.66
N THR D 343 5.97 1.46 -12.37
CA THR D 343 4.86 2.33 -11.91
C THR D 343 3.55 1.59 -11.72
N GLN D 344 3.27 0.57 -12.56
CA GLN D 344 1.99 -0.16 -12.46
C GLN D 344 1.90 -1.01 -11.16
N ARG D 345 3.00 -1.68 -10.84
CA ARG D 345 3.06 -2.43 -9.56
C ARG D 345 2.67 -1.57 -8.37
N HIS D 346 3.12 -0.30 -8.36
CA HIS D 346 2.76 0.70 -7.32
C HIS D 346 1.32 1.14 -7.46
N ARG D 347 0.92 1.52 -8.70
CA ARG D 347 -0.37 2.17 -8.97
C ARG D 347 -1.52 1.15 -8.77
N LEU D 348 -1.29 -0.08 -9.18
CA LEU D 348 -2.37 -1.08 -9.29
C LEU D 348 -2.23 -2.34 -8.41
N GLY D 349 -1.00 -2.60 -7.93
CA GLY D 349 -0.71 -3.79 -7.14
C GLY D 349 0.16 -4.76 -7.89
N ALA D 350 0.86 -5.61 -7.13
CA ALA D 350 1.77 -6.58 -7.72
C ALA D 350 1.05 -7.44 -8.79
N ASN D 351 -0.22 -7.81 -8.51
CA ASN D 351 -1.03 -8.68 -9.37
C ASN D 351 -1.88 -7.93 -10.40
N TYR D 352 -1.43 -6.76 -10.79
CA TYR D 352 -2.18 -5.93 -11.73
C TYR D 352 -2.46 -6.63 -13.06
N MET D 353 -1.61 -7.57 -13.46
CA MET D 353 -1.88 -8.32 -14.74
C MET D 353 -3.05 -9.27 -14.72
N ARG D 354 -3.66 -9.47 -13.55
CA ARG D 354 -4.88 -10.30 -13.40
C ARG D 354 -6.14 -9.46 -13.45
N ILE D 355 -5.99 -8.14 -13.46
CA ILE D 355 -7.14 -7.27 -13.61
C ILE D 355 -7.70 -7.57 -15.03
N PRO D 356 -9.02 -7.80 -15.16
CA PRO D 356 -9.56 -8.31 -16.45
C PRO D 356 -9.09 -7.59 -17.73
N VAL D 357 -9.16 -6.28 -17.78
CA VAL D 357 -8.72 -5.58 -18.97
C VAL D 357 -7.23 -5.89 -19.32
N ASN D 358 -6.42 -6.20 -18.31
CA ASN D 358 -4.99 -6.37 -18.53
C ASN D 358 -4.63 -7.81 -18.84
N CYS D 359 -5.58 -8.71 -18.61
CA CYS D 359 -5.35 -10.13 -18.89
C CYS D 359 -5.17 -10.46 -20.41
N PRO D 360 -4.23 -11.36 -20.73
CA PRO D 360 -4.10 -11.86 -22.11
C PRO D 360 -5.21 -12.78 -22.45
N TYR D 361 -5.43 -12.91 -23.76
CA TYR D 361 -6.26 -13.99 -24.28
C TYR D 361 -5.47 -15.29 -24.32
N ALA D 362 -4.19 -15.21 -24.60
CA ALA D 362 -3.28 -16.36 -24.56
C ALA D 362 -3.10 -16.94 -23.14
N PRO D 363 -2.83 -18.25 -23.05
CA PRO D 363 -2.60 -18.90 -21.74
C PRO D 363 -1.44 -18.32 -20.96
N VAL D 364 -1.61 -18.26 -19.64
CA VAL D 364 -0.57 -17.84 -18.72
C VAL D 364 -0.25 -19.02 -17.82
N HIS D 365 1.01 -19.48 -17.85
CA HIS D 365 1.49 -20.52 -16.91
C HIS D 365 2.85 -20.22 -16.48
N ASN D 366 3.06 -20.02 -15.20
CA ASN D 366 4.40 -19.82 -14.71
C ASN D 366 4.46 -20.01 -13.19
N ASN D 367 5.64 -19.79 -12.64
CA ASN D 367 5.90 -20.18 -11.26
C ASN D 367 5.88 -19.01 -10.26
N GLN D 368 5.31 -17.88 -10.70
CA GLN D 368 5.12 -16.74 -9.83
C GLN D 368 4.00 -17.08 -8.85
N GLN D 369 3.98 -16.44 -7.70
CA GLN D 369 2.95 -16.74 -6.70
C GLN D 369 2.71 -15.61 -5.78
N ASP D 370 1.54 -15.64 -5.20
CA ASP D 370 1.19 -14.82 -3.98
C ASP D 370 1.14 -13.35 -4.42
N GLY D 371 1.50 -12.46 -3.51
CA GLY D 371 1.22 -11.01 -3.74
C GLY D 371 -0.18 -10.58 -3.31
N PHE D 372 -0.31 -9.27 -3.05
N PHE D 372 -0.30 -9.28 -3.00
CA PHE D 372 -1.56 -8.72 -2.51
CA PHE D 372 -1.56 -8.60 -2.67
C PHE D 372 -2.68 -9.11 -3.46
C PHE D 372 -2.69 -9.14 -3.51
N MET D 373 -3.82 -9.46 -2.87
CA MET D 373 -5.05 -9.73 -3.62
C MET D 373 -4.90 -10.85 -4.64
N THR D 374 -4.51 -12.00 -4.13
CA THR D 374 -4.44 -13.21 -4.90
C THR D 374 -5.84 -13.82 -4.99
N THR D 375 -6.43 -13.74 -6.17
CA THR D 375 -7.84 -14.08 -6.38
C THR D 375 -8.01 -15.23 -7.36
N THR D 376 -6.90 -15.79 -7.88
CA THR D 376 -6.91 -16.72 -9.03
C THR D 376 -6.98 -18.24 -8.69
N ARG D 377 -7.19 -18.58 -7.43
CA ARG D 377 -7.30 -19.97 -6.97
C ARG D 377 -6.14 -20.84 -7.40
N PRO D 378 -4.95 -20.52 -6.93
CA PRO D 378 -3.81 -21.35 -7.31
C PRO D 378 -3.88 -22.74 -6.66
N SER D 379 -3.08 -23.67 -7.20
CA SER D 379 -2.96 -25.02 -6.66
C SER D 379 -1.63 -25.60 -7.12
N GLY D 380 -1.29 -26.79 -6.61
CA GLY D 380 -0.06 -27.46 -7.00
C GLY D 380 1.09 -27.31 -6.02
N HIS D 381 1.98 -28.31 -6.02
CA HIS D 381 3.12 -28.35 -5.11
C HIS D 381 4.37 -27.69 -5.79
N ILE D 382 4.31 -27.50 -7.08
CA ILE D 382 5.53 -27.28 -7.85
C ILE D 382 5.53 -25.89 -8.41
N ASN D 383 6.32 -25.05 -7.79
CA ASN D 383 6.39 -23.59 -8.14
C ASN D 383 7.85 -23.17 -8.44
N TYR D 384 8.61 -24.12 -8.97
CA TYR D 384 10.01 -23.95 -9.29
C TYR D 384 10.37 -24.74 -10.54
N GLU D 385 11.37 -24.26 -11.26
CA GLU D 385 11.88 -24.93 -12.50
C GLU D 385 13.34 -24.62 -12.62
N PRO D 386 14.18 -25.61 -12.98
CA PRO D 386 13.83 -26.97 -13.39
C PRO D 386 13.22 -27.88 -12.31
N ASN D 387 12.44 -28.83 -12.79
CA ASN D 387 11.81 -29.81 -11.94
C ASN D 387 11.65 -31.09 -12.75
N ARG D 388 11.41 -32.17 -12.04
CA ARG D 388 11.47 -33.49 -12.67
C ARG D 388 10.18 -33.88 -13.35
N TYR D 389 9.23 -32.97 -13.45
CA TYR D 389 7.86 -33.31 -13.89
C TYR D 389 7.62 -32.81 -15.32
N ASP D 390 7.37 -33.74 -16.22
CA ASP D 390 7.28 -33.44 -17.67
C ASP D 390 6.07 -32.60 -18.01
N ASP D 391 5.03 -32.68 -17.18
CA ASP D 391 3.79 -31.98 -17.40
C ASP D 391 3.80 -30.51 -16.93
N GLN D 392 4.78 -30.11 -16.10
CA GLN D 392 4.81 -28.74 -15.57
C GLN D 392 5.29 -27.80 -16.69
N PRO D 393 5.04 -26.49 -16.57
CA PRO D 393 5.47 -25.61 -17.65
C PRO D 393 6.98 -25.65 -17.92
N LYS D 394 7.36 -25.66 -19.20
CA LYS D 394 8.76 -25.52 -19.59
C LYS D 394 9.03 -24.39 -20.60
N GLU D 395 10.28 -23.95 -20.63
CA GLU D 395 10.75 -23.03 -21.66
C GLU D 395 10.57 -23.62 -23.07
N ASN D 396 10.43 -22.75 -24.03
CA ASN D 396 10.19 -23.16 -25.42
C ASN D 396 11.14 -22.41 -26.36
N PRO D 397 12.12 -23.12 -26.95
CA PRO D 397 13.17 -22.43 -27.70
C PRO D 397 12.74 -21.88 -29.06
N HIS D 398 11.55 -22.27 -29.56
CA HIS D 398 10.96 -21.61 -30.71
C HIS D 398 10.58 -20.13 -30.44
N TYR D 399 10.58 -19.69 -29.18
CA TYR D 399 10.24 -18.30 -28.89
C TYR D 399 11.39 -17.49 -28.31
N LYS D 400 12.62 -17.71 -28.76
CA LYS D 400 13.74 -16.88 -28.31
C LYS D 400 13.74 -15.56 -29.04
N GLU D 401 14.26 -14.52 -28.41
CA GLU D 401 14.35 -13.22 -29.11
C GLU D 401 15.61 -13.25 -29.97
N SER D 402 15.71 -12.28 -30.87
CA SER D 402 16.93 -12.08 -31.68
C SER D 402 18.13 -11.71 -30.79
N GLU D 403 19.29 -11.71 -31.40
CA GLU D 403 20.50 -11.33 -30.75
C GLU D 403 21.09 -10.11 -31.48
N PRO D 404 20.54 -8.89 -31.24
CA PRO D 404 21.17 -7.68 -31.78
C PRO D 404 22.69 -7.55 -31.59
N VAL D 405 23.34 -7.12 -32.67
CA VAL D 405 24.77 -6.84 -32.62
C VAL D 405 25.07 -5.54 -31.89
N LEU D 406 26.06 -5.59 -31.02
CA LEU D 406 26.53 -4.43 -30.26
C LEU D 406 27.78 -3.91 -30.94
N HIS D 407 27.78 -2.63 -31.23
CA HIS D 407 28.89 -2.00 -31.89
C HIS D 407 29.85 -1.39 -30.89
N GLY D 408 29.39 -1.18 -29.66
CA GLY D 408 30.22 -0.55 -28.64
C GLY D 408 31.08 -1.57 -27.91
N ASP D 409 32.26 -1.14 -27.50
CA ASP D 409 33.19 -2.06 -26.86
C ASP D 409 33.29 -1.83 -25.35
N ARG D 410 32.67 -0.75 -24.84
CA ARG D 410 32.66 -0.42 -23.39
C ARG D 410 31.27 0.00 -22.91
N MET D 411 31.11 -0.08 -21.60
CA MET D 411 29.95 0.44 -20.88
C MET D 411 30.20 1.93 -20.72
N VAL D 412 29.41 2.74 -21.35
CA VAL D 412 29.66 4.18 -21.38
C VAL D 412 28.42 4.96 -20.96
N ARG D 413 28.63 6.19 -20.50
CA ARG D 413 27.62 7.22 -20.51
C ARG D 413 28.04 8.34 -21.46
N GLN D 414 27.38 8.41 -22.62
CA GLN D 414 27.80 9.29 -23.70
C GLN D 414 26.66 9.55 -24.66
N LYS D 415 26.45 10.82 -25.07
CA LYS D 415 25.46 11.15 -26.07
C LYS D 415 25.71 10.38 -27.39
N ILE D 416 24.66 10.05 -28.11
CA ILE D 416 24.81 9.49 -29.45
C ILE D 416 25.60 10.46 -30.28
N GLU D 417 26.27 9.89 -31.27
CA GLU D 417 26.80 10.65 -32.40
CA GLU D 417 26.82 10.67 -32.38
C GLU D 417 25.69 11.15 -33.33
N LYS D 418 26.02 12.11 -34.19
CA LYS D 418 25.06 12.86 -35.00
C LYS D 418 23.74 13.24 -34.33
N PRO D 419 23.80 13.90 -33.17
CA PRO D 419 22.56 14.43 -32.59
C PRO D 419 21.74 15.32 -33.58
N ASN D 420 22.42 16.11 -34.39
CA ASN D 420 21.76 16.94 -35.39
C ASN D 420 20.47 17.63 -34.83
N ASP D 421 20.60 18.47 -33.82
CA ASP D 421 19.41 18.93 -33.06
C ASP D 421 18.48 19.90 -33.82
N PHE D 422 18.96 20.55 -34.87
CA PHE D 422 18.18 21.62 -35.48
C PHE D 422 17.64 21.39 -36.89
N LYS D 423 18.27 20.45 -37.61
CA LYS D 423 17.97 20.30 -39.05
C LYS D 423 16.52 19.94 -39.33
N GLN D 424 16.01 18.90 -38.70
CA GLN D 424 14.62 18.51 -38.96
C GLN D 424 13.62 19.53 -38.44
N ALA D 425 13.92 20.24 -37.36
CA ALA D 425 13.04 21.34 -36.94
C ALA D 425 12.87 22.40 -38.07
N GLY D 426 13.97 22.74 -38.73
CA GLY D 426 13.93 23.65 -39.87
C GLY D 426 13.14 23.12 -41.04
N GLU D 427 13.36 21.84 -41.36
CA GLU D 427 12.57 21.17 -42.37
C GLU D 427 11.07 21.19 -42.06
N LYS D 428 10.71 20.95 -40.79
CA LYS D 428 9.29 20.94 -40.44
C LYS D 428 8.73 22.34 -40.58
N TYR D 429 9.46 23.30 -40.06
CA TYR D 429 9.03 24.68 -40.22
C TYR D 429 8.68 25.04 -41.69
N ARG D 430 9.64 24.80 -42.59
CA ARG D 430 9.44 25.09 -44.01
C ARG D 430 8.33 24.31 -44.66
N SER D 431 8.02 23.12 -44.15
CA SER D 431 6.88 22.31 -44.63
C SER D 431 5.49 22.91 -44.31
N TYR D 432 5.42 23.79 -43.31
CA TYR D 432 4.19 24.45 -42.93
C TYR D 432 3.73 25.42 -44.03
N SER D 433 2.42 25.43 -44.28
CA SER D 433 1.74 26.54 -44.96
C SER D 433 1.93 27.86 -44.24
N GLU D 434 1.74 28.96 -44.95
CA GLU D 434 1.88 30.27 -44.32
C GLU D 434 0.91 30.42 -43.14
N GLU D 435 -0.30 29.91 -43.29
CA GLU D 435 -1.30 29.98 -42.22
C GLU D 435 -0.80 29.20 -40.97
N GLU D 436 -0.24 28.03 -41.21
CA GLU D 436 0.35 27.22 -40.19
C GLU D 436 1.54 27.89 -39.49
N LYS D 437 2.44 28.51 -40.27
CA LYS D 437 3.56 29.28 -39.72
C LYS D 437 3.10 30.44 -38.83
N GLN D 438 2.04 31.14 -39.26
CA GLN D 438 1.46 32.20 -38.42
C GLN D 438 0.89 31.71 -37.08
N ALA D 439 0.24 30.56 -37.12
CA ALA D 439 -0.30 29.97 -35.88
C ALA D 439 0.83 29.54 -34.95
N LEU D 440 1.89 28.92 -35.50
CA LEU D 440 3.06 28.51 -34.71
C LEU D 440 3.67 29.73 -34.01
N ILE D 441 3.89 30.79 -34.76
CA ILE D 441 4.54 31.95 -34.16
C ILE D 441 3.67 32.54 -33.06
N LYS D 442 2.37 32.60 -33.34
CA LYS D 442 1.40 33.16 -32.42
C LYS D 442 1.37 32.35 -31.14
N ASN D 443 1.35 31.04 -31.30
CA ASN D 443 1.27 30.16 -30.14
C ASN D 443 2.59 30.22 -29.32
N LEU D 444 3.74 30.25 -29.99
CA LEU D 444 5.02 30.37 -29.30
C LEU D 444 5.13 31.67 -28.55
N THR D 445 4.66 32.75 -29.18
CA THR D 445 4.78 34.07 -28.63
C THR D 445 3.98 34.16 -27.33
N ALA D 446 2.73 33.71 -27.36
CA ALA D 446 1.90 33.80 -26.18
C ALA D 446 2.50 32.99 -25.02
N ASP D 447 3.25 31.93 -25.35
CA ASP D 447 3.91 31.08 -24.34
C ASP D 447 5.19 31.64 -23.80
N LEU D 448 5.90 32.41 -24.64
CA LEU D 448 7.26 32.87 -24.32
C LEU D 448 7.27 34.27 -23.74
N LYS D 449 6.20 35.03 -23.99
CA LYS D 449 6.30 36.46 -23.76
C LYS D 449 6.55 36.82 -22.30
N GLY D 450 6.15 35.97 -21.34
CA GLY D 450 6.40 36.25 -19.92
C GLY D 450 7.65 35.60 -19.32
N VAL D 451 8.41 34.83 -20.09
CA VAL D 451 9.56 34.08 -19.51
C VAL D 451 10.80 34.94 -19.38
N ASN D 452 11.69 34.51 -18.50
CA ASN D 452 12.99 35.13 -18.25
C ASN D 452 13.66 35.52 -19.57
N GLU D 453 14.18 36.76 -19.65
CA GLU D 453 14.67 37.28 -20.93
C GLU D 453 15.80 36.46 -21.56
N LYS D 454 16.73 35.98 -20.74
CA LYS D 454 17.83 35.15 -21.17
C LYS D 454 17.40 33.80 -21.75
N THR D 455 16.47 33.15 -21.05
CA THR D 455 15.79 31.97 -21.56
C THR D 455 15.04 32.26 -22.86
N LYS D 456 14.32 33.37 -22.89
CA LYS D 456 13.60 33.80 -24.11
C LYS D 456 14.56 33.88 -25.29
N LEU D 457 15.69 34.52 -25.08
CA LEU D 457 16.68 34.68 -26.11
C LEU D 457 17.24 33.34 -26.57
N LEU D 458 17.50 32.45 -25.63
CA LEU D 458 17.98 31.12 -25.98
C LEU D 458 16.95 30.37 -26.82
N ALA D 459 15.66 30.48 -26.51
CA ALA D 459 14.63 29.86 -27.34
C ALA D 459 14.65 30.38 -28.79
N ILE D 460 14.73 31.70 -28.91
CA ILE D 460 14.81 32.35 -30.22
C ILE D 460 16.04 31.80 -30.99
N CYS D 461 17.19 31.74 -30.32
CA CYS D 461 18.42 31.22 -30.90
C CYS D 461 18.26 29.80 -31.41
N ASN D 462 17.60 28.98 -30.60
CA ASN D 462 17.43 27.54 -30.97
C ASN D 462 16.58 27.48 -32.21
N PHE D 463 15.50 28.25 -32.25
CA PHE D 463 14.61 28.23 -33.43
C PHE D 463 15.28 28.90 -34.64
N TYR D 464 16.08 29.93 -34.41
CA TYR D 464 16.88 30.53 -35.49
C TYR D 464 17.88 29.54 -36.12
N ARG D 465 18.48 28.68 -35.31
CA ARG D 465 19.36 27.62 -35.85
C ARG D 465 18.59 26.63 -36.69
N ALA D 466 17.36 26.37 -36.30
CA ALA D 466 16.44 25.56 -37.10
C ALA D 466 16.17 26.19 -38.46
N ASP D 467 15.69 27.44 -38.45
CA ASP D 467 15.52 28.18 -39.69
C ASP D 467 15.60 29.67 -39.39
N GLU D 468 16.40 30.40 -40.16
CA GLU D 468 16.53 31.85 -39.97
C GLU D 468 15.21 32.62 -39.93
N ASP D 469 14.28 32.26 -40.82
CA ASP D 469 13.01 32.99 -40.96
C ASP D 469 12.17 32.71 -39.72
N TYR D 470 12.15 31.43 -39.33
CA TYR D 470 11.47 30.94 -38.12
C TYR D 470 11.88 31.75 -36.92
N GLY D 471 13.19 31.82 -36.68
CA GLY D 471 13.71 32.54 -35.54
C GLY D 471 13.54 34.05 -35.61
N GLN D 472 13.73 34.61 -36.80
CA GLN D 472 13.51 36.06 -36.96
C GLN D 472 12.05 36.50 -36.74
N ARG D 473 11.11 35.75 -37.30
CA ARG D 473 9.68 36.02 -37.08
C ARG D 473 9.32 35.96 -35.60
N LEU D 474 9.86 34.96 -34.90
CA LEU D 474 9.56 34.82 -33.48
C LEU D 474 10.13 35.98 -32.71
N ALA D 475 11.37 36.35 -33.04
CA ALA D 475 12.00 37.50 -32.38
C ALA D 475 11.16 38.77 -32.59
N ASP D 476 10.74 39.02 -33.84
CA ASP D 476 9.92 40.22 -34.16
C ASP D 476 8.62 40.24 -33.36
N SER D 477 8.00 39.07 -33.23
CA SER D 477 6.72 38.95 -32.60
C SER D 477 6.87 39.12 -31.08
N LEU D 478 8.01 38.74 -30.52
CA LEU D 478 8.29 38.98 -29.11
C LEU D 478 8.93 40.34 -28.77
N GLY D 479 9.20 41.16 -29.79
CA GLY D 479 9.82 42.46 -29.57
C GLY D 479 11.25 42.36 -29.11
N VAL D 480 11.94 41.26 -29.45
CA VAL D 480 13.35 41.08 -29.11
C VAL D 480 14.23 41.40 -30.30
N ASP D 481 15.13 42.35 -30.11
CA ASP D 481 16.04 42.75 -31.16
C ASP D 481 17.28 41.86 -31.15
N ILE D 482 17.51 41.12 -32.24
CA ILE D 482 18.60 40.11 -32.28
C ILE D 482 19.72 40.48 -33.28
N ARG D 483 19.69 41.75 -33.72
CA ARG D 483 20.73 42.30 -34.57
C ARG D 483 21.93 42.29 -33.67
N SER D 484 23.05 41.82 -34.15
CA SER D 484 24.26 41.90 -33.38
C SER D 484 24.59 40.56 -32.75
N TYR D 485 23.62 39.65 -32.75
CA TYR D 485 23.95 38.22 -32.82
C TYR D 485 24.03 37.71 -34.26
#